data_8QDQ
#
_entry.id   8QDQ
#
_cell.length_a   85.767
_cell.length_b   110.647
_cell.length_c   91.173
_cell.angle_alpha   90.000
_cell.angle_beta   90.235
_cell.angle_gamma   90.000
#
_symmetry.space_group_name_H-M   'P 1 21 1'
#
loop_
_entity.id
_entity.type
_entity.pdbx_description
1 polymer Lipoxygenase
2 non-polymer 'FE (III) ION'
3 water water
#
_entity_poly.entity_id   1
_entity_poly.type   'polypeptide(L)'
_entity_poly.pdbx_seq_one_letter_code
;MHHHHHHGSVGYVPANIKAVASDTDTRKSVSVKATVTVKLTVGGFLSSLIGLSHGLDDVSDWLGKTLLLEVVSSEVDPKT
GLEKKPIGAYAHRAAEKDGEVTYESDFVIPDDFGEIGAVLVQNEHHKEMYLRYIVLDGFPNGPIEFNCSSWVASKFDDPQ
KRVFFTNKSYLPLETPSGLKEIREKELVTLRGNGQGERKSYDRIYDYDVYDDLGDPDSSPELTRPVLGGSKQYPYPRRCR
TGRPMSKIDPKAETRSSTVYVPRDEAFSDVKELTFSTNTLYSALHAVVPAIESVITDTSLGFPLFTKIDELYNEGINVPN
LKKHKVLQDILPRLVRAITNATDSLLQFETPQLLLRDKFSWFRDEEFSRQTLAGLNPYSIQLVKEWPLKSTLDPKIYGPP
ESAITTEIVEREIKGFMTVDEALKQKKLFIIDYHDILLPYVSEVRQIKGTTLYGSRALFFLGPDNTLKPLAIELVRPPMD
GKPQWKQVFTPSWEATGSWLWKLAKTHFLAHDAGYHQLVSHWLRTHCVTEPYIIATNRQLSAMHPIYRLLHPHFRYTMEI
NALAREALINADGIIESAFTPGKYSTEISSAAYGLQWRFDTQGLPADLISRGIAVEDPSSPHGLKLAIPDYPFANDGLLL
WDAIKEWVTDYVNFFYKDASMVKSDAELQAWWTEIRTRGHEDKKDETWWPDLKTPQDLIGIVTTMVWVTSGHHAAVNFGQ
YAYAGYFPNRPTIARTNLPSEDPTEEGWRRFLHKPENELLACLPTQLQAAKVLTVLDVLSSHSPDEEYLGEHLEPAWGAD
PLIKAAFERFSGRLKEIEGIIDARNEDKNLKNRHGAGVVPYELLKPFSGAGVTGKGVPYSISI
;
_entity_poly.pdbx_strand_id   A,B
#
loop_
_chem_comp.id
_chem_comp.type
_chem_comp.name
_chem_comp.formula
FE non-polymer 'FE (III) ION' 'Fe 3'
#
# COMPACT_ATOMS: atom_id res chain seq x y z
N SER A 29 -12.64 72.78 39.07
CA SER A 29 -12.04 72.18 37.89
C SER A 29 -11.07 71.05 38.27
N VAL A 30 -11.13 69.95 37.54
CA VAL A 30 -10.36 68.74 37.85
C VAL A 30 -9.23 68.61 36.84
N SER A 31 -8.03 68.30 37.34
CA SER A 31 -6.86 68.12 36.49
C SER A 31 -6.82 66.70 35.97
N VAL A 32 -6.61 66.54 34.66
CA VAL A 32 -6.69 65.24 34.00
C VAL A 32 -5.41 65.00 33.20
N LYS A 33 -4.90 63.77 33.26
CA LYS A 33 -3.77 63.35 32.45
C LYS A 33 -4.21 62.28 31.46
N ALA A 34 -4.05 62.56 30.17
CA ALA A 34 -4.41 61.64 29.10
C ALA A 34 -3.15 60.98 28.56
N THR A 35 -3.09 59.65 28.64
CA THR A 35 -1.97 58.88 28.13
C THR A 35 -2.43 58.08 26.91
N VAL A 36 -1.81 58.33 25.76
CA VAL A 36 -2.15 57.68 24.51
C VAL A 36 -1.02 56.76 24.11
N THR A 37 -1.31 55.46 24.02
CA THR A 37 -0.32 54.46 23.63
C THR A 37 -0.50 54.11 22.16
N VAL A 38 0.58 54.24 21.39
CA VAL A 38 0.60 54.04 19.95
C VAL A 38 1.59 52.93 19.63
N LYS A 39 1.23 52.06 18.68
CA LYS A 39 2.14 51.00 18.25
C LYS A 39 3.05 51.51 17.14
N LEU A 40 4.33 51.17 17.23
CA LEU A 40 5.27 51.46 16.17
C LEU A 40 5.16 50.41 15.07
N THR A 41 4.73 50.85 13.89
CA THR A 41 4.61 49.96 12.73
C THR A 41 4.30 50.80 11.51
N VAL A 42 4.08 50.11 10.39
CA VAL A 42 3.78 50.72 9.10
C VAL A 42 2.89 49.75 8.32
N GLY A 43 1.96 50.31 7.55
CA GLY A 43 1.15 49.48 6.67
C GLY A 43 1.97 48.95 5.51
N GLY A 44 1.54 47.80 4.99
CA GLY A 44 2.25 47.17 3.88
C GLY A 44 3.66 46.75 4.22
N PHE A 45 3.84 46.17 5.42
CA PHE A 45 5.19 45.79 5.86
C PHE A 45 5.69 44.57 5.10
N LEU A 46 4.87 43.53 5.01
CA LEU A 46 5.33 42.27 4.45
C LEU A 46 5.66 42.38 2.96
N SER A 47 4.85 43.14 2.22
CA SER A 47 5.05 43.26 0.78
C SER A 47 6.48 43.68 0.44
N SER A 48 7.02 44.62 1.20
CA SER A 48 8.40 45.04 0.98
C SER A 48 9.39 43.96 1.41
N LEU A 49 9.21 43.43 2.63
CA LEU A 49 10.17 42.48 3.21
C LEU A 49 10.40 41.29 2.29
N ILE A 50 9.36 40.81 1.61
CA ILE A 50 9.50 39.74 0.64
C ILE A 50 9.64 40.25 -0.79
N GLY A 51 9.73 41.58 -0.97
CA GLY A 51 10.10 42.14 -2.26
C GLY A 51 8.99 42.22 -3.28
N LEU A 52 7.88 42.85 -2.93
CA LEU A 52 6.78 43.14 -3.85
C LEU A 52 6.38 44.58 -3.59
N SER A 53 7.20 45.50 -4.11
CA SER A 53 7.06 46.94 -3.88
C SER A 53 6.88 47.27 -2.39
N ASP A 58 11.06 55.93 5.82
CA ASP A 58 11.90 55.70 6.99
C ASP A 58 11.07 55.54 8.26
N VAL A 59 11.74 55.14 9.34
CA VAL A 59 11.06 54.96 10.63
C VAL A 59 10.74 56.32 11.26
N SER A 60 11.41 57.39 10.83
CA SER A 60 11.19 58.70 11.41
C SER A 60 9.96 59.38 10.81
N ASP A 61 9.69 59.15 9.54
CA ASP A 61 8.50 59.71 8.90
C ASP A 61 7.20 59.10 9.41
N TRP A 62 7.28 58.11 10.32
CA TRP A 62 6.11 57.33 10.71
C TRP A 62 5.27 58.04 11.76
N LEU A 63 5.88 58.47 12.85
CA LEU A 63 5.15 59.03 13.98
C LEU A 63 5.00 60.53 13.87
N GLY A 64 3.88 61.03 14.40
CA GLY A 64 3.58 62.43 14.33
C GLY A 64 4.03 63.22 15.54
N LYS A 65 4.09 64.53 15.35
CA LYS A 65 4.42 65.42 16.45
C LYS A 65 3.38 65.31 17.56
N THR A 66 2.10 65.46 17.21
CA THR A 66 1.06 65.62 18.21
C THR A 66 -0.25 64.99 17.77
N LEU A 67 -1.13 64.79 18.76
CA LEU A 67 -2.50 64.32 18.56
C LEU A 67 -3.47 65.19 19.35
N LEU A 68 -4.54 65.63 18.70
CA LEU A 68 -5.58 66.42 19.35
C LEU A 68 -6.61 65.50 19.99
N LEU A 69 -6.81 65.64 21.30
CA LEU A 69 -7.78 64.86 22.04
C LEU A 69 -8.91 65.75 22.54
N GLU A 70 -10.09 65.17 22.67
CA GLU A 70 -11.26 65.87 23.18
C GLU A 70 -12.05 64.88 24.02
N VAL A 71 -12.25 65.23 25.27
CA VAL A 71 -13.07 64.42 26.15
C VAL A 71 -14.53 64.83 25.97
N VAL A 72 -15.42 63.85 25.93
CA VAL A 72 -16.83 64.08 25.64
C VAL A 72 -17.64 63.63 26.84
N SER A 73 -18.53 64.49 27.30
CA SER A 73 -19.35 64.16 28.44
C SER A 73 -20.49 63.22 28.05
N SER A 74 -20.80 62.29 28.94
CA SER A 74 -21.91 61.38 28.75
C SER A 74 -23.27 62.04 28.93
N GLU A 75 -23.33 63.24 29.52
CA GLU A 75 -24.61 63.89 29.81
C GLU A 75 -24.73 65.19 29.03
N VAL A 76 -25.94 65.49 28.59
CA VAL A 76 -26.20 66.79 27.98
C VAL A 76 -26.29 67.84 29.08
N ASP A 77 -26.11 69.09 28.68
CA ASP A 77 -26.31 70.23 29.58
C ASP A 77 -27.69 70.09 30.21
N PRO A 78 -27.78 69.88 31.53
CA PRO A 78 -29.09 69.90 32.17
C PRO A 78 -29.75 71.25 31.94
N LYS A 79 -31.08 71.26 32.03
CA LYS A 79 -31.90 72.44 31.82
C LYS A 79 -31.98 72.82 30.34
N THR A 80 -30.85 73.09 29.70
CA THR A 80 -30.89 73.38 28.26
C THR A 80 -31.20 72.12 27.45
N GLY A 81 -30.63 70.99 27.84
CA GLY A 81 -30.87 69.74 27.14
C GLY A 81 -30.02 69.51 25.92
N LEU A 82 -29.20 70.49 25.54
CA LEU A 82 -28.29 70.36 24.41
C LEU A 82 -26.98 69.73 24.87
N GLU A 83 -26.18 69.33 23.89
CA GLU A 83 -24.92 68.64 24.19
C GLU A 83 -23.86 69.62 24.65
N LYS A 84 -23.26 69.34 25.81
CA LYS A 84 -22.12 70.10 26.31
C LYS A 84 -21.00 70.10 25.28
N LYS A 85 -20.13 71.09 25.34
CA LYS A 85 -19.08 71.22 24.34
C LYS A 85 -17.89 70.34 24.72
N PRO A 86 -17.37 69.56 23.79
CA PRO A 86 -16.16 68.77 24.09
C PRO A 86 -15.04 69.68 24.56
N ILE A 87 -14.25 69.17 25.49
CA ILE A 87 -13.11 69.90 26.03
C ILE A 87 -11.85 69.32 25.41
N GLY A 88 -11.17 70.14 24.60
CA GLY A 88 -9.98 69.71 23.90
C GLY A 88 -8.74 69.64 24.77
N ALA A 89 -7.66 69.17 24.15
CA ALA A 89 -6.34 69.00 24.74
C ALA A 89 -5.39 68.36 23.72
N TYR A 90 -4.29 69.03 23.40
CA TYR A 90 -3.31 68.48 22.49
C TYR A 90 -2.35 67.56 23.26
N ALA A 91 -1.95 66.46 22.62
CA ALA A 91 -1.12 65.44 23.25
C ALA A 91 0.20 65.29 22.50
N HIS A 92 1.29 65.19 23.25
CA HIS A 92 2.66 65.20 22.72
C HIS A 92 3.39 63.96 23.20
N ARG A 93 4.54 63.67 22.58
CA ARG A 93 5.24 62.41 22.83
C ARG A 93 5.92 62.42 24.21
N ALA A 94 6.28 61.23 24.68
CA ALA A 94 6.77 61.08 26.06
C ALA A 94 7.84 60.03 26.22
N ALA A 95 7.51 58.77 25.93
CA ALA A 95 8.42 57.64 26.14
C ALA A 95 8.27 56.64 25.00
N GLU A 96 9.16 55.65 24.98
CA GLU A 96 9.14 54.61 23.96
C GLU A 96 9.54 53.30 24.62
N LYS A 97 8.61 52.35 24.68
CA LYS A 97 8.80 51.10 25.43
C LYS A 97 8.14 49.94 24.70
N ASP A 98 8.88 48.84 24.54
CA ASP A 98 8.38 47.59 23.99
C ASP A 98 7.72 47.80 22.62
N GLY A 99 8.30 48.70 21.83
CA GLY A 99 7.76 49.01 20.52
C GLY A 99 6.47 49.78 20.55
N GLU A 100 6.18 50.48 21.64
CA GLU A 100 4.95 51.25 21.79
C GLU A 100 5.27 52.63 22.36
N VAL A 101 4.99 53.67 21.58
CA VAL A 101 5.18 55.06 21.97
C VAL A 101 4.00 55.54 22.80
N THR A 102 4.26 56.43 23.75
CA THR A 102 3.21 57.09 24.50
C THR A 102 3.13 58.56 24.11
N TYR A 103 1.91 59.06 23.97
CA TYR A 103 1.63 60.48 23.78
C TYR A 103 0.86 60.95 25.01
N GLU A 104 1.22 62.12 25.55
CA GLU A 104 0.67 62.58 26.81
C GLU A 104 0.06 63.97 26.68
N SER A 105 -0.97 64.22 27.47
CA SER A 105 -1.69 65.47 27.46
C SER A 105 -2.23 65.72 28.86
N ASP A 106 -1.76 66.78 29.52
CA ASP A 106 -2.23 67.14 30.85
C ASP A 106 -3.15 68.36 30.71
N PHE A 107 -4.42 68.19 31.03
CA PHE A 107 -5.41 69.25 30.87
C PHE A 107 -6.33 69.25 32.09
N VAL A 108 -7.37 70.06 32.04
CA VAL A 108 -8.25 70.30 33.17
C VAL A 108 -9.69 70.36 32.68
N ILE A 109 -10.61 69.78 33.45
CA ILE A 109 -12.00 69.61 33.04
C ILE A 109 -12.89 70.29 34.08
N PRO A 110 -13.77 71.20 33.67
CA PRO A 110 -14.73 71.78 34.62
C PRO A 110 -15.52 70.71 35.35
N ASP A 111 -15.92 71.03 36.59
CA ASP A 111 -16.57 70.06 37.46
C ASP A 111 -18.03 69.83 37.12
N ASP A 112 -18.70 70.80 36.53
CA ASP A 112 -20.06 70.58 36.04
C ASP A 112 -20.10 69.79 34.72
N PHE A 113 -19.07 69.00 34.42
CA PHE A 113 -18.99 68.28 33.14
C PHE A 113 -19.69 66.94 33.20
N GLY A 114 -19.44 66.17 34.25
CA GLY A 114 -20.00 64.86 34.38
C GLY A 114 -19.04 63.80 33.88
N GLU A 115 -19.51 62.56 33.91
CA GLU A 115 -18.65 61.45 33.53
C GLU A 115 -18.28 61.53 32.06
N ILE A 116 -17.11 61.00 31.74
CA ILE A 116 -16.61 60.97 30.37
C ILE A 116 -17.10 59.68 29.71
N GLY A 117 -17.78 59.82 28.58
CA GLY A 117 -18.29 58.65 27.89
C GLY A 117 -17.55 58.30 26.62
N ALA A 118 -16.76 59.24 26.11
CA ALA A 118 -16.03 59.02 24.87
C ALA A 118 -14.92 60.06 24.78
N VAL A 119 -13.99 59.78 23.87
CA VAL A 119 -12.88 60.67 23.56
C VAL A 119 -12.76 60.75 22.04
N LEU A 120 -12.54 61.97 21.55
CA LEU A 120 -12.39 62.21 20.12
C LEU A 120 -10.92 62.41 19.81
N VAL A 121 -10.48 61.91 18.65
CA VAL A 121 -9.07 61.96 18.28
C VAL A 121 -8.94 62.53 16.88
N GLN A 122 -7.94 63.39 16.70
CA GLN A 122 -7.55 63.87 15.39
C GLN A 122 -6.05 63.72 15.25
N ASN A 123 -5.62 63.14 14.13
CA ASN A 123 -4.20 62.95 13.84
C ASN A 123 -3.72 64.11 12.97
N GLU A 124 -2.73 64.85 13.47
CA GLU A 124 -2.18 65.99 12.74
C GLU A 124 -1.01 65.59 11.85
N HIS A 125 -0.45 64.40 12.08
CA HIS A 125 0.63 63.91 11.25
C HIS A 125 0.14 63.69 9.81
N HIS A 126 1.08 63.60 8.88
CA HIS A 126 0.75 63.39 7.48
C HIS A 126 0.59 61.92 7.13
N LYS A 127 0.79 61.02 8.09
CA LYS A 127 0.55 59.59 7.91
C LYS A 127 -0.31 59.08 9.05
N GLU A 128 -1.03 58.00 8.80
CA GLU A 128 -1.86 57.39 9.83
C GLU A 128 -1.00 56.86 10.98
N MET A 129 -1.62 56.71 12.15
CA MET A 129 -0.96 56.12 13.30
C MET A 129 -1.91 55.11 13.94
N TYR A 130 -1.35 54.03 14.48
CA TYR A 130 -2.14 52.98 15.12
C TYR A 130 -2.20 53.20 16.62
N LEU A 131 -3.40 53.49 17.12
CA LEU A 131 -3.60 53.77 18.53
C LEU A 131 -4.03 52.51 19.25
N ARG A 132 -3.26 52.11 20.26
CA ARG A 132 -3.60 50.93 21.04
C ARG A 132 -4.70 51.23 22.04
N TYR A 133 -4.49 52.19 22.93
CA TYR A 133 -5.50 52.52 23.92
C TYR A 133 -5.21 53.91 24.49
N ILE A 134 -6.16 54.42 25.27
CA ILE A 134 -6.08 55.75 25.88
C ILE A 134 -6.51 55.64 27.33
N VAL A 135 -5.69 56.16 28.23
CA VAL A 135 -5.99 56.16 29.67
C VAL A 135 -6.12 57.61 30.12
N LEU A 136 -7.22 57.91 30.83
CA LEU A 136 -7.43 59.21 31.44
C LEU A 136 -7.14 59.09 32.93
N ASP A 137 -6.13 59.83 33.39
CA ASP A 137 -5.68 59.74 34.77
C ASP A 137 -5.95 61.04 35.53
N GLY A 138 -5.81 60.95 36.84
CA GLY A 138 -6.08 62.08 37.71
C GLY A 138 -7.49 62.16 38.22
N PHE A 139 -8.36 61.26 37.80
CA PHE A 139 -9.68 61.31 38.36
C PHE A 139 -9.71 60.60 39.71
N PRO A 140 -10.44 61.13 40.68
CA PRO A 140 -10.46 60.49 42.00
C PRO A 140 -11.03 59.10 41.96
N ASN A 141 -12.18 58.91 41.32
CA ASN A 141 -12.91 57.66 41.37
C ASN A 141 -12.25 56.54 40.58
N GLY A 142 -11.23 56.85 39.77
CA GLY A 142 -10.48 55.83 39.08
C GLY A 142 -9.96 56.28 37.73
N PRO A 143 -9.14 55.44 37.10
CA PRO A 143 -8.68 55.73 35.74
C PRO A 143 -9.74 55.34 34.72
N ILE A 144 -9.73 56.05 33.60
CA ILE A 144 -10.70 55.84 32.54
C ILE A 144 -9.95 55.27 31.34
N GLU A 145 -10.28 54.03 30.97
CA GLU A 145 -9.67 53.34 29.84
C GLU A 145 -10.54 53.46 28.60
N PHE A 146 -9.91 53.72 27.45
CA PHE A 146 -10.52 53.62 26.12
C PHE A 146 -9.75 52.62 25.29
N ASN A 147 -10.45 51.61 24.79
CA ASN A 147 -9.88 50.62 23.86
C ASN A 147 -9.96 51.15 22.44
N CYS A 148 -8.83 51.59 21.88
CA CYS A 148 -8.83 52.09 20.51
C CYS A 148 -8.66 50.96 19.48
N SER A 149 -7.51 50.29 19.51
CA SER A 149 -7.16 49.23 18.56
C SER A 149 -7.58 49.63 17.14
N SER A 150 -7.23 50.85 16.76
CA SER A 150 -7.63 51.36 15.46
C SER A 150 -6.54 52.22 14.85
N TRP A 151 -6.42 52.17 13.52
CA TRP A 151 -5.64 53.15 12.78
C TRP A 151 -6.40 54.47 12.72
N VAL A 152 -5.72 55.56 13.06
CA VAL A 152 -6.29 56.90 12.97
C VAL A 152 -5.63 57.56 11.79
N ALA A 153 -6.41 57.80 10.75
CA ALA A 153 -5.91 58.43 9.54
C ALA A 153 -5.31 59.80 9.82
N SER A 154 -4.41 60.20 8.94
CA SER A 154 -4.01 61.61 8.82
C SER A 154 -5.21 62.47 8.46
N LYS A 155 -5.42 63.55 9.24
CA LYS A 155 -6.54 64.45 8.97
C LYS A 155 -6.54 64.95 7.54
N PHE A 156 -5.36 64.97 6.91
CA PHE A 156 -5.30 65.42 5.52
C PHE A 156 -5.90 64.40 4.55
N ASP A 157 -6.08 63.15 4.97
CA ASP A 157 -6.76 62.12 4.21
C ASP A 157 -8.26 62.12 4.51
N ASP A 158 -8.60 62.12 5.78
CA ASP A 158 -9.98 62.25 6.21
C ASP A 158 -9.99 63.18 7.42
N PRO A 159 -10.64 64.34 7.30
CA PRO A 159 -10.66 65.30 8.41
C PRO A 159 -11.60 64.92 9.54
N GLN A 160 -12.48 63.94 9.34
CA GLN A 160 -13.44 63.57 10.38
C GLN A 160 -12.72 63.08 11.63
N LYS A 161 -13.19 63.52 12.79
CA LYS A 161 -12.63 63.08 14.06
C LYS A 161 -13.11 61.68 14.41
N ARG A 162 -12.21 60.86 14.94
CA ARG A 162 -12.54 59.50 15.36
C ARG A 162 -13.01 59.51 16.80
N VAL A 163 -14.07 58.74 17.08
CA VAL A 163 -14.62 58.65 18.42
C VAL A 163 -14.31 57.26 18.98
N PHE A 164 -13.92 57.24 20.24
CA PHE A 164 -13.65 56.01 20.95
C PHE A 164 -14.45 56.02 22.24
N PHE A 165 -15.18 54.95 22.48
CA PHE A 165 -16.05 54.83 23.64
C PHE A 165 -15.35 54.06 24.75
N THR A 166 -15.86 54.25 25.96
CA THR A 166 -15.41 53.41 27.06
C THR A 166 -15.92 51.98 26.85
N ASN A 167 -15.46 51.09 27.72
CA ASN A 167 -15.82 49.67 27.64
C ASN A 167 -17.21 49.40 28.15
N LYS A 168 -17.96 50.42 28.58
CA LYS A 168 -19.34 50.24 28.98
C LYS A 168 -20.23 50.11 27.75
N SER A 169 -21.14 49.14 27.78
CA SER A 169 -21.98 48.78 26.64
C SER A 169 -23.43 49.16 26.92
N TYR A 170 -24.13 49.60 25.87
CA TYR A 170 -25.49 50.13 26.00
C TYR A 170 -26.35 49.75 24.80
N LEU A 171 -27.56 49.26 25.07
CA LEU A 171 -28.60 49.26 24.07
C LEU A 171 -28.89 50.69 23.59
N PRO A 172 -29.44 50.85 22.38
CA PRO A 172 -29.69 52.22 21.87
C PRO A 172 -30.50 53.08 22.83
N LEU A 173 -31.55 52.52 23.42
CA LEU A 173 -32.43 53.26 24.30
C LEU A 173 -31.81 53.49 25.67
N GLU A 174 -30.68 52.85 25.97
CA GLU A 174 -29.94 53.15 27.19
C GLU A 174 -28.74 54.06 26.94
N THR A 175 -28.52 54.53 25.72
CA THR A 175 -27.36 55.36 25.44
C THR A 175 -27.37 56.60 26.36
N PRO A 176 -26.25 56.94 27.01
CA PRO A 176 -26.22 58.17 27.79
C PRO A 176 -26.52 59.37 26.91
N SER A 177 -27.31 60.30 27.47
CA SER A 177 -27.87 61.38 26.67
C SER A 177 -26.81 62.13 25.89
N GLY A 178 -25.63 62.32 26.49
CA GLY A 178 -24.59 63.03 25.79
C GLY A 178 -23.92 62.26 24.67
N LEU A 179 -24.25 60.97 24.48
CA LEU A 179 -23.65 60.16 23.44
C LEU A 179 -24.63 59.75 22.34
N LYS A 180 -25.91 60.06 22.48
CA LYS A 180 -26.90 59.55 21.54
C LYS A 180 -26.60 60.00 20.11
N GLU A 181 -26.30 61.28 19.89
CA GLU A 181 -26.10 61.73 18.52
C GLU A 181 -24.77 61.24 17.94
N ILE A 182 -23.71 61.21 18.75
CA ILE A 182 -22.42 60.74 18.24
C ILE A 182 -22.50 59.24 17.92
N ARG A 183 -23.31 58.48 18.66
CA ARG A 183 -23.52 57.07 18.35
C ARG A 183 -24.13 56.91 16.96
N GLU A 184 -25.19 57.68 16.67
CA GLU A 184 -25.83 57.59 15.37
C GLU A 184 -24.91 58.09 14.27
N LYS A 185 -24.17 59.16 14.55
CA LYS A 185 -23.31 59.75 13.51
C LYS A 185 -22.19 58.80 13.11
N GLU A 186 -21.57 58.14 14.08
CA GLU A 186 -20.52 57.18 13.75
C GLU A 186 -21.05 56.06 12.87
N LEU A 187 -22.27 55.58 13.15
CA LEU A 187 -22.88 54.56 12.28
C LEU A 187 -23.09 55.09 10.86
N VAL A 188 -23.60 56.33 10.74
CA VAL A 188 -23.71 56.95 9.43
C VAL A 188 -22.35 56.98 8.74
N THR A 189 -21.29 57.30 9.48
CA THR A 189 -19.94 57.37 8.90
C THR A 189 -19.50 56.02 8.31
N LEU A 190 -19.74 54.92 9.03
CA LEU A 190 -19.27 53.61 8.55
C LEU A 190 -20.09 53.09 7.38
N ARG A 191 -21.32 53.59 7.20
CA ARG A 191 -22.17 53.10 6.13
C ARG A 191 -21.81 53.73 4.79
N GLY A 192 -21.30 54.97 4.82
CA GLY A 192 -20.99 55.63 3.56
C GLY A 192 -22.26 55.85 2.73
N ASN A 193 -22.05 56.11 1.43
CA ASN A 193 -23.14 56.46 0.51
C ASN A 193 -23.27 55.48 -0.65
N GLY A 194 -22.69 54.28 -0.55
CA GLY A 194 -22.84 53.33 -1.62
C GLY A 194 -22.17 53.69 -2.92
N GLN A 195 -21.27 54.68 -2.93
CA GLN A 195 -20.62 55.11 -4.15
C GLN A 195 -19.14 55.32 -3.89
N GLY A 196 -18.39 55.46 -4.97
CA GLY A 196 -16.99 55.85 -4.91
C GLY A 196 -16.06 54.65 -4.81
N GLU A 197 -14.82 54.88 -5.23
CA GLU A 197 -13.78 53.87 -5.10
C GLU A 197 -13.19 53.96 -3.70
N ARG A 198 -13.11 52.82 -3.02
CA ARG A 198 -12.75 52.84 -1.61
C ARG A 198 -11.24 53.02 -1.46
N LYS A 199 -10.84 54.00 -0.65
CA LYS A 199 -9.44 54.29 -0.39
C LYS A 199 -8.95 53.49 0.80
N SER A 200 -7.64 53.30 0.88
CA SER A 200 -7.07 52.45 1.92
C SER A 200 -7.38 52.97 3.33
N TYR A 201 -7.59 54.28 3.49
CA TYR A 201 -7.92 54.83 4.80
C TYR A 201 -9.42 54.85 5.11
N ASP A 202 -10.28 54.53 4.14
CA ASP A 202 -11.71 54.53 4.43
C ASP A 202 -12.07 53.46 5.45
N ARG A 203 -13.17 53.71 6.14
CA ARG A 203 -13.73 52.79 7.12
C ARG A 203 -15.18 52.46 6.75
N ILE A 204 -15.45 52.32 5.45
CA ILE A 204 -16.82 52.23 4.97
C ILE A 204 -17.13 50.78 4.63
N TYR A 205 -18.20 50.26 5.24
CA TYR A 205 -18.68 48.89 5.12
C TYR A 205 -19.96 48.90 4.29
N ASP A 206 -19.96 48.16 3.18
CA ASP A 206 -21.13 48.09 2.30
C ASP A 206 -21.02 46.81 1.48
N TYR A 207 -22.06 46.53 0.68
CA TYR A 207 -22.13 45.27 -0.05
C TYR A 207 -21.86 45.41 -1.54
N ASP A 208 -21.41 44.31 -2.15
CA ASP A 208 -21.37 44.20 -3.59
C ASP A 208 -21.37 42.71 -3.94
N VAL A 209 -21.59 42.42 -5.22
CA VAL A 209 -21.63 41.05 -5.73
C VAL A 209 -20.21 40.59 -6.04
N TYR A 210 -20.02 39.28 -6.26
CA TYR A 210 -18.74 38.76 -6.72
C TYR A 210 -18.64 38.95 -8.24
N ASP A 211 -18.37 40.19 -8.64
CA ASP A 211 -18.06 40.53 -10.01
C ASP A 211 -16.58 40.78 -10.25
N ASP A 212 -15.71 40.39 -9.30
CA ASP A 212 -14.30 40.72 -9.38
C ASP A 212 -13.41 39.50 -9.58
N LEU A 213 -13.98 38.35 -9.88
CA LEU A 213 -13.17 37.13 -9.87
C LEU A 213 -12.53 36.84 -11.22
N GLY A 214 -13.18 37.21 -12.33
CA GLY A 214 -12.59 37.00 -13.62
C GLY A 214 -11.52 38.01 -13.94
N ASP A 215 -10.85 37.79 -15.08
CA ASP A 215 -9.90 38.77 -15.62
C ASP A 215 -10.13 39.00 -17.11
N PRO A 216 -11.33 39.46 -17.50
CA PRO A 216 -11.61 39.64 -18.94
C PRO A 216 -10.69 40.63 -19.63
N ASP A 217 -10.22 41.68 -18.94
CA ASP A 217 -9.27 42.60 -19.54
C ASP A 217 -7.93 41.96 -19.87
N SER A 218 -7.73 40.68 -19.56
CA SER A 218 -6.49 39.96 -19.86
C SER A 218 -6.68 38.88 -20.91
N SER A 219 -7.83 38.24 -20.93
CA SER A 219 -8.23 37.30 -21.97
C SER A 219 -9.70 37.01 -21.79
N PRO A 220 -10.48 36.86 -22.87
CA PRO A 220 -11.88 36.48 -22.71
C PRO A 220 -12.03 35.06 -22.17
N GLU A 221 -10.94 34.28 -22.16
CA GLU A 221 -10.97 32.99 -21.50
C GLU A 221 -11.00 33.12 -19.97
N LEU A 222 -10.64 34.29 -19.45
CA LEU A 222 -10.66 34.55 -18.01
C LEU A 222 -11.96 35.20 -17.57
N THR A 223 -12.94 35.27 -18.47
CA THR A 223 -14.23 35.84 -18.14
C THR A 223 -14.98 34.92 -17.21
N ARG A 224 -15.57 35.48 -16.16
CA ARG A 224 -16.31 34.66 -15.22
C ARG A 224 -17.69 35.26 -14.96
N PRO A 225 -18.69 34.44 -14.68
CA PRO A 225 -20.02 34.95 -14.34
C PRO A 225 -20.03 35.69 -13.01
N VAL A 226 -20.90 36.71 -12.93
CA VAL A 226 -21.16 37.42 -11.68
C VAL A 226 -21.89 36.50 -10.72
N LEU A 227 -21.38 36.39 -9.50
CA LEU A 227 -22.03 35.57 -8.49
C LEU A 227 -22.74 36.50 -7.52
N GLY A 228 -24.06 36.34 -7.44
CA GLY A 228 -24.97 37.16 -6.68
C GLY A 228 -25.82 38.02 -7.59
N GLY A 229 -27.05 38.30 -7.15
CA GLY A 229 -27.92 39.25 -7.82
C GLY A 229 -28.84 38.69 -8.88
N SER A 230 -28.82 37.38 -9.11
CA SER A 230 -29.70 36.76 -10.09
C SER A 230 -30.24 35.46 -9.53
N LYS A 231 -31.33 35.00 -10.12
CA LYS A 231 -31.91 33.74 -9.68
C LYS A 231 -31.03 32.55 -10.04
N GLN A 232 -30.23 32.69 -11.12
CA GLN A 232 -29.36 31.62 -11.61
C GLN A 232 -28.05 31.54 -10.85
N TYR A 233 -27.50 32.66 -10.38
CA TYR A 233 -26.24 32.65 -9.63
C TYR A 233 -26.45 33.40 -8.33
N PRO A 234 -27.27 32.87 -7.43
CA PRO A 234 -27.39 33.48 -6.10
C PRO A 234 -26.08 33.30 -5.34
N TYR A 235 -25.81 34.23 -4.42
CA TYR A 235 -24.55 34.21 -3.70
C TYR A 235 -24.57 35.25 -2.59
N PRO A 236 -23.90 34.98 -1.46
CA PRO A 236 -23.75 36.03 -0.44
C PRO A 236 -23.00 37.21 -1.02
N ARG A 237 -23.31 38.41 -0.51
CA ARG A 237 -22.55 39.57 -0.92
C ARG A 237 -21.22 39.63 -0.17
N ARG A 238 -20.30 40.43 -0.71
CA ARG A 238 -18.98 40.66 -0.11
C ARG A 238 -18.80 42.17 0.11
N CYS A 239 -17.63 42.56 0.60
CA CYS A 239 -17.40 43.96 0.95
C CYS A 239 -17.19 44.80 -0.30
N ARG A 240 -17.96 45.88 -0.42
CA ARG A 240 -17.89 46.72 -1.62
C ARG A 240 -16.52 47.37 -1.70
N THR A 241 -15.91 47.31 -2.88
CA THR A 241 -14.63 47.96 -3.13
C THR A 241 -14.71 49.12 -4.11
N GLY A 242 -15.70 49.11 -5.02
CA GLY A 242 -15.99 50.25 -5.88
C GLY A 242 -14.93 50.63 -6.89
N ARG A 243 -14.06 49.70 -7.30
CA ARG A 243 -13.09 50.00 -8.33
C ARG A 243 -13.80 50.17 -9.68
N PRO A 244 -13.14 50.78 -10.67
CA PRO A 244 -13.84 51.00 -11.94
C PRO A 244 -14.14 49.69 -12.66
N MET A 245 -15.28 49.70 -13.35
CA MET A 245 -15.68 48.57 -14.16
C MET A 245 -14.81 48.48 -15.41
N SER A 246 -14.62 47.26 -15.88
CA SER A 246 -13.90 47.03 -17.11
C SER A 246 -14.65 47.62 -18.30
N LYS A 247 -13.90 48.16 -19.25
CA LYS A 247 -14.48 48.63 -20.50
C LYS A 247 -14.69 47.50 -21.50
N ILE A 248 -13.91 46.42 -21.38
CA ILE A 248 -14.06 45.25 -22.26
C ILE A 248 -15.25 44.42 -21.83
N ASP A 249 -15.43 44.25 -20.52
CA ASP A 249 -16.57 43.50 -19.96
C ASP A 249 -17.19 44.37 -18.89
N PRO A 250 -18.26 45.11 -19.24
CA PRO A 250 -18.81 46.10 -18.29
C PRO A 250 -19.39 45.51 -17.02
N LYS A 251 -19.62 44.20 -16.95
CA LYS A 251 -20.09 43.59 -15.71
C LYS A 251 -18.95 43.22 -14.76
N ALA A 252 -17.71 43.32 -15.19
CA ALA A 252 -16.55 42.92 -14.39
C ALA A 252 -15.90 44.12 -13.72
N GLU A 253 -15.57 43.98 -12.44
CA GLU A 253 -14.81 45.01 -11.75
C GLU A 253 -13.33 44.80 -12.08
N THR A 254 -12.64 45.90 -12.38
CA THR A 254 -11.23 45.80 -12.75
C THR A 254 -10.40 45.21 -11.62
N ARG A 255 -9.33 44.52 -11.99
CA ARG A 255 -8.49 43.84 -11.02
C ARG A 255 -7.54 44.82 -10.35
N SER A 256 -7.19 44.51 -9.10
CA SER A 256 -6.16 45.23 -8.38
C SER A 256 -5.42 44.25 -7.50
N SER A 257 -4.16 44.56 -7.20
CA SER A 257 -3.40 43.82 -6.21
C SER A 257 -3.55 44.38 -4.81
N THR A 258 -4.24 45.50 -4.62
CA THR A 258 -4.52 46.01 -3.28
C THR A 258 -6.05 46.04 -3.13
N VAL A 259 -6.60 44.95 -2.62
CA VAL A 259 -8.05 44.80 -2.48
C VAL A 259 -8.49 45.47 -1.18
N TYR A 260 -9.38 46.44 -1.29
CA TYR A 260 -9.76 47.21 -0.11
C TYR A 260 -10.56 46.36 0.88
N VAL A 261 -10.29 46.57 2.16
CA VAL A 261 -11.20 46.24 3.25
C VAL A 261 -11.17 47.49 4.10
N PRO A 262 -12.21 47.79 4.87
CA PRO A 262 -12.12 48.94 5.79
C PRO A 262 -10.86 48.83 6.64
N ARG A 263 -10.26 50.01 6.91
CA ARG A 263 -8.87 50.09 7.35
C ARG A 263 -8.56 49.15 8.52
N ASP A 264 -9.41 49.13 9.54
CA ASP A 264 -9.10 48.32 10.72
C ASP A 264 -9.32 46.84 10.50
N GLU A 265 -9.99 46.45 9.42
CA GLU A 265 -10.13 45.03 9.12
C GLU A 265 -8.87 44.45 8.49
N ALA A 266 -7.90 45.30 8.14
CA ALA A 266 -6.62 44.84 7.59
C ALA A 266 -5.64 44.57 8.74
N PHE A 267 -5.97 43.53 9.51
CA PHE A 267 -5.22 43.20 10.72
C PHE A 267 -3.75 42.89 10.45
N SER A 268 -3.42 42.38 9.25
CA SER A 268 -2.05 41.96 8.96
C SER A 268 -1.01 43.04 9.22
N ASP A 269 -1.40 44.31 9.23
CA ASP A 269 -0.42 45.38 9.43
C ASP A 269 0.10 45.43 10.86
N VAL A 270 -0.70 45.02 11.85
CA VAL A 270 -0.28 45.12 13.24
C VAL A 270 -0.06 43.76 13.87
N LYS A 271 0.00 42.69 13.08
CA LYS A 271 0.32 41.38 13.60
C LYS A 271 1.73 41.00 13.20
N GLU A 272 2.26 39.95 13.83
CA GLU A 272 3.57 39.44 13.48
C GLU A 272 3.55 38.84 12.08
N LEU A 273 4.75 38.60 11.54
CA LEU A 273 4.85 38.08 10.18
C LEU A 273 4.36 36.65 10.08
N THR A 274 4.26 35.95 11.21
CA THR A 274 3.74 34.60 11.25
C THR A 274 2.23 34.56 11.34
N PHE A 275 1.60 35.72 11.36
CA PHE A 275 0.14 35.79 11.34
C PHE A 275 -0.40 35.15 10.07
N SER A 276 -1.52 34.43 10.22
CA SER A 276 -2.14 33.67 9.14
C SER A 276 -2.16 34.40 7.79
N THR A 277 -2.67 35.63 7.79
CA THR A 277 -2.81 36.40 6.56
C THR A 277 -1.45 36.70 5.94
N ASN A 278 -0.43 36.91 6.77
CA ASN A 278 0.89 37.18 6.24
C ASN A 278 1.53 35.92 5.66
N THR A 279 1.32 34.76 6.29
CA THR A 279 1.91 33.54 5.77
C THR A 279 1.21 33.09 4.49
N LEU A 280 -0.11 33.26 4.44
CA LEU A 280 -0.84 32.93 3.24
C LEU A 280 -0.50 33.89 2.10
N TYR A 281 -0.36 35.19 2.41
CA TYR A 281 0.06 36.14 1.38
C TYR A 281 1.40 35.73 0.78
N SER A 282 2.36 35.38 1.64
CA SER A 282 3.68 34.96 1.16
C SER A 282 3.62 33.69 0.32
N ALA A 283 2.76 32.74 0.69
CA ALA A 283 2.71 31.50 -0.07
C ALA A 283 2.12 31.74 -1.45
N LEU A 284 1.08 32.57 -1.54
CA LEU A 284 0.36 32.75 -2.79
C LEU A 284 1.14 33.62 -3.78
N HIS A 285 1.84 34.64 -3.27
CA HIS A 285 2.52 35.58 -4.15
C HIS A 285 4.03 35.43 -4.19
N ALA A 286 4.61 34.59 -3.32
CA ALA A 286 6.04 34.29 -3.42
C ALA A 286 6.29 32.82 -3.69
N VAL A 287 5.81 31.91 -2.85
CA VAL A 287 6.18 30.52 -2.98
C VAL A 287 5.57 29.90 -4.22
N VAL A 288 4.26 30.10 -4.43
CA VAL A 288 3.59 29.48 -5.58
C VAL A 288 4.18 29.93 -6.92
N PRO A 289 4.37 31.23 -7.17
CA PRO A 289 5.03 31.60 -8.43
C PRO A 289 6.42 31.00 -8.54
N ALA A 290 7.09 30.79 -7.42
CA ALA A 290 8.38 30.10 -7.46
C ALA A 290 8.20 28.64 -7.86
N ILE A 291 7.15 27.97 -7.37
CA ILE A 291 6.90 26.60 -7.81
C ILE A 291 6.63 26.57 -9.31
N GLU A 292 5.83 27.51 -9.78
CA GLU A 292 5.49 27.58 -11.20
C GLU A 292 6.71 27.89 -12.07
N SER A 293 7.82 28.33 -11.47
CA SER A 293 9.04 28.62 -12.21
C SER A 293 9.92 27.42 -12.44
N VAL A 294 9.84 26.41 -11.57
CA VAL A 294 10.64 25.21 -11.69
C VAL A 294 9.86 24.03 -12.25
N ILE A 295 8.54 23.96 -12.00
CA ILE A 295 7.70 22.90 -12.56
C ILE A 295 6.89 23.59 -13.65
N THR A 296 7.47 23.66 -14.85
CA THR A 296 6.85 24.40 -15.94
C THR A 296 5.88 23.55 -16.74
N ASP A 297 6.14 22.24 -16.85
CA ASP A 297 5.26 21.36 -17.60
C ASP A 297 3.96 21.17 -16.80
N THR A 298 2.89 21.85 -17.24
CA THR A 298 1.62 21.78 -16.53
C THR A 298 0.89 20.46 -16.73
N SER A 299 1.42 19.53 -17.52
CA SER A 299 0.79 18.24 -17.72
C SER A 299 1.63 17.09 -17.21
N LEU A 300 2.73 17.38 -16.51
CA LEU A 300 3.64 16.34 -16.04
C LEU A 300 3.07 15.70 -14.77
N GLY A 301 2.61 14.44 -14.90
CA GLY A 301 2.18 13.67 -13.76
C GLY A 301 3.35 13.07 -13.02
N PHE A 302 3.04 12.37 -11.92
CA PHE A 302 4.07 11.60 -11.25
C PHE A 302 4.27 10.28 -11.99
N PRO A 303 5.50 9.94 -12.39
CA PRO A 303 5.71 8.66 -13.10
C PRO A 303 5.76 7.45 -12.19
N LEU A 304 5.98 7.65 -10.89
CA LEU A 304 6.10 6.57 -9.91
C LEU A 304 5.59 7.09 -8.57
N PHE A 305 5.00 6.18 -7.77
CA PHE A 305 4.61 6.54 -6.41
C PHE A 305 5.81 6.93 -5.57
N THR A 306 6.99 6.39 -5.88
CA THR A 306 8.21 6.79 -5.19
C THR A 306 8.52 8.26 -5.41
N LYS A 307 8.17 8.81 -6.57
CA LYS A 307 8.39 10.24 -6.81
C LYS A 307 7.47 11.08 -5.92
N ILE A 308 6.29 10.57 -5.60
CA ILE A 308 5.44 11.24 -4.63
C ILE A 308 6.09 11.21 -3.25
N ASP A 309 6.71 10.10 -2.88
CA ASP A 309 7.36 10.03 -1.57
C ASP A 309 8.48 11.04 -1.47
N GLU A 310 9.03 11.48 -2.60
CA GLU A 310 10.12 12.46 -2.60
C GLU A 310 9.69 13.82 -2.10
N LEU A 311 8.41 14.19 -2.29
CA LEU A 311 7.95 15.48 -1.82
C LEU A 311 8.22 15.63 -0.33
N TYR A 312 8.07 14.54 0.41
CA TYR A 312 8.27 14.56 1.85
C TYR A 312 9.71 14.25 2.25
N ASN A 313 10.43 13.47 1.44
CA ASN A 313 11.78 13.03 1.78
C ASN A 313 12.87 13.96 1.24
N GLU A 314 12.84 14.27 -0.06
CA GLU A 314 13.88 15.09 -0.65
C GLU A 314 13.43 16.48 -1.05
N GLY A 315 12.12 16.68 -1.22
CA GLY A 315 11.63 18.00 -1.58
C GLY A 315 11.94 18.41 -3.01
N ILE A 316 11.80 19.71 -3.24
CA ILE A 316 11.92 20.32 -4.56
C ILE A 316 12.92 21.45 -4.45
N ASN A 317 13.89 21.48 -5.36
CA ASN A 317 14.84 22.58 -5.40
C ASN A 317 14.19 23.76 -6.11
N VAL A 318 14.04 24.87 -5.40
CA VAL A 318 13.49 26.06 -6.01
C VAL A 318 14.57 27.14 -6.00
N PRO A 319 15.36 27.25 -7.07
CA PRO A 319 16.39 28.28 -7.10
C PRO A 319 15.82 29.67 -7.05
N ASN A 320 14.68 29.89 -7.70
CA ASN A 320 13.99 31.16 -7.62
C ASN A 320 13.39 31.33 -6.23
N LEU A 321 13.85 32.35 -5.52
CA LEU A 321 13.20 32.73 -4.27
C LEU A 321 13.65 34.12 -3.84
N LYS A 322 12.79 35.11 -4.10
CA LYS A 322 13.05 36.49 -3.67
C LYS A 322 12.93 36.57 -2.15
N LYS A 323 13.98 37.12 -1.52
CA LYS A 323 14.03 37.25 -0.06
C LYS A 323 13.88 35.87 0.59
N HIS A 324 14.70 34.93 0.12
CA HIS A 324 14.53 33.53 0.47
C HIS A 324 14.68 33.31 1.97
N LYS A 325 15.55 34.08 2.63
CA LYS A 325 15.76 33.87 4.06
C LYS A 325 14.55 34.33 4.86
N VAL A 326 13.89 35.40 4.42
CA VAL A 326 12.68 35.85 5.09
C VAL A 326 11.62 34.75 5.08
N LEU A 327 11.42 34.12 3.92
CA LEU A 327 10.47 33.03 3.81
C LEU A 327 10.86 31.84 4.67
N GLN A 328 12.16 31.59 4.87
CA GLN A 328 12.55 30.52 5.78
C GLN A 328 12.06 30.80 7.19
N ASP A 329 11.95 32.07 7.56
CA ASP A 329 11.40 32.42 8.87
C ASP A 329 9.88 32.33 8.88
N ILE A 330 9.25 32.76 7.78
CA ILE A 330 7.80 32.86 7.72
C ILE A 330 7.16 31.49 7.52
N LEU A 331 7.80 30.62 6.73
CA LEU A 331 7.24 29.31 6.36
C LEU A 331 8.26 28.23 6.62
N PRO A 332 8.56 27.95 7.90
CA PRO A 332 9.60 26.94 8.19
C PRO A 332 9.21 25.51 7.85
N ARG A 333 7.92 25.17 7.79
CA ARG A 333 7.51 23.83 7.42
C ARG A 333 7.60 23.58 5.93
N LEU A 334 8.03 24.59 5.17
CA LEU A 334 7.96 24.56 3.72
C LEU A 334 9.30 24.96 3.11
N VAL A 335 9.78 26.17 3.44
CA VAL A 335 10.96 26.76 2.82
C VAL A 335 12.14 26.56 3.76
N ARG A 336 13.16 25.83 3.31
CA ARG A 336 14.29 25.47 4.14
C ARG A 336 15.59 25.98 3.53
N ALA A 337 16.58 26.16 4.41
CA ALA A 337 17.92 26.61 4.04
C ALA A 337 18.69 25.54 3.29
N ALA A 341 23.95 28.36 0.29
CA ALA A 341 22.49 28.37 0.32
C ALA A 341 21.92 29.64 -0.32
N THR A 342 22.29 29.88 -1.58
CA THR A 342 21.69 30.99 -2.33
C THR A 342 20.28 30.63 -2.77
N ASP A 343 20.06 29.37 -3.15
CA ASP A 343 18.76 28.83 -3.48
C ASP A 343 18.14 28.21 -2.23
N SER A 344 16.93 27.66 -2.38
CA SER A 344 16.18 27.16 -1.23
C SER A 344 15.55 25.83 -1.58
N LEU A 345 15.18 25.09 -0.53
CA LEU A 345 14.54 23.79 -0.67
C LEU A 345 13.10 23.87 -0.18
N LEU A 346 12.18 23.45 -1.04
CA LEU A 346 10.78 23.28 -0.68
C LEU A 346 10.58 21.83 -0.26
N GLN A 347 10.27 21.60 1.01
CA GLN A 347 10.11 20.23 1.48
C GLN A 347 8.93 20.13 2.44
N PHE A 348 8.10 19.12 2.25
CA PHE A 348 6.83 19.01 2.94
C PHE A 348 6.95 18.06 4.13
N GLU A 349 6.32 18.45 5.24
CA GLU A 349 6.29 17.59 6.42
C GLU A 349 5.39 16.38 6.15
N THR A 350 5.69 15.28 6.82
CA THR A 350 4.83 14.11 6.77
C THR A 350 3.44 14.46 7.32
N PRO A 351 2.37 14.23 6.57
CA PRO A 351 1.04 14.47 7.12
C PRO A 351 0.71 13.49 8.23
N GLN A 352 -0.06 13.98 9.21
CA GLN A 352 -0.43 13.18 10.36
C GLN A 352 -1.08 11.85 10.00
N LEU A 353 -1.81 11.79 8.90
CA LEU A 353 -2.38 10.51 8.49
C LEU A 353 -1.30 9.46 8.29
N LEU A 354 -0.16 9.87 7.72
CA LEU A 354 0.90 8.94 7.35
C LEU A 354 1.84 8.63 8.52
N LEU A 355 2.01 9.57 9.46
CA LEU A 355 2.78 9.34 10.68
C LEU A 355 2.20 8.20 11.52
N ARG A 356 0.91 7.93 11.37
CA ARG A 356 0.21 6.93 12.15
C ARG A 356 0.09 5.60 11.43
N ASP A 357 -0.17 5.62 10.13
CA ASP A 357 -0.33 4.37 9.39
C ASP A 357 -0.02 4.70 7.93
N LYS A 358 1.16 4.26 7.47
CA LYS A 358 1.60 4.47 6.10
C LYS A 358 0.63 3.86 5.09
N PHE A 359 -0.20 2.89 5.50
CA PHE A 359 -1.07 2.18 4.59
C PHE A 359 -2.55 2.52 4.71
N SER A 360 -2.95 3.39 5.65
CA SER A 360 -4.37 3.57 5.90
C SER A 360 -5.10 4.21 4.72
N TRP A 361 -4.39 4.99 3.89
CA TRP A 361 -5.07 5.71 2.82
C TRP A 361 -5.75 4.81 1.80
N PHE A 362 -5.32 3.55 1.64
CA PHE A 362 -6.08 2.69 0.75
C PHE A 362 -7.02 1.71 1.45
N ARG A 363 -7.06 1.67 2.78
CA ARG A 363 -8.03 0.79 3.43
C ARG A 363 -9.43 1.38 3.30
N ASP A 364 -10.39 0.55 2.87
CA ASP A 364 -11.76 1.01 2.68
C ASP A 364 -12.40 1.48 3.99
N GLU A 365 -12.00 0.89 5.13
CA GLU A 365 -12.61 1.32 6.39
C GLU A 365 -12.13 2.70 6.80
N GLU A 366 -10.92 3.09 6.39
CA GLU A 366 -10.45 4.44 6.69
C GLU A 366 -11.10 5.47 5.77
N PHE A 367 -11.37 5.09 4.52
CA PHE A 367 -12.19 5.91 3.63
C PHE A 367 -13.54 6.24 4.28
N SER A 368 -14.23 5.23 4.80
CA SER A 368 -15.53 5.49 5.38
C SER A 368 -15.41 6.15 6.76
N ARG A 369 -14.32 5.89 7.49
CA ARG A 369 -14.15 6.56 8.79
C ARG A 369 -14.01 8.06 8.62
N GLN A 370 -13.40 8.50 7.51
CA GLN A 370 -13.11 9.90 7.31
C GLN A 370 -14.35 10.73 6.97
N THR A 371 -15.47 10.10 6.56
CA THR A 371 -16.73 10.84 6.43
C THR A 371 -17.28 11.33 7.78
N LEU A 372 -16.78 10.76 8.88
CA LEU A 372 -17.23 11.06 10.22
C LEU A 372 -16.21 11.82 11.05
N ALA A 373 -14.93 11.69 10.72
CA ALA A 373 -13.86 12.25 11.53
C ALA A 373 -12.74 12.87 10.71
N GLY A 374 -12.87 12.94 9.38
CA GLY A 374 -11.87 13.54 8.53
C GLY A 374 -12.10 15.01 8.33
N LEU A 375 -11.57 15.52 7.21
CA LEU A 375 -11.61 16.97 7.03
C LEU A 375 -12.97 17.47 6.54
N ASN A 376 -13.84 16.60 6.03
CA ASN A 376 -15.17 17.00 5.57
C ASN A 376 -16.25 16.15 6.22
N PRO A 377 -16.56 16.39 7.49
CA PRO A 377 -17.59 15.62 8.18
C PRO A 377 -19.01 16.06 7.89
N TYR A 378 -19.21 16.94 6.92
CA TYR A 378 -20.50 17.60 6.71
C TYR A 378 -21.34 17.02 5.58
N SER A 379 -20.86 16.02 4.84
CA SER A 379 -21.59 15.60 3.65
C SER A 379 -22.52 14.40 3.87
N ILE A 380 -22.18 13.50 4.78
CA ILE A 380 -22.94 12.26 4.89
C ILE A 380 -24.36 12.53 5.40
N GLN A 381 -25.33 11.84 4.79
CA GLN A 381 -26.72 11.97 5.23
C GLN A 381 -27.39 10.61 5.22
N LEU A 382 -28.52 10.53 5.90
CA LEU A 382 -29.30 9.31 5.99
C LEU A 382 -30.04 9.07 4.68
N VAL A 383 -30.07 7.81 4.27
CA VAL A 383 -30.91 7.39 3.14
C VAL A 383 -32.34 7.19 3.65
N LYS A 384 -33.28 7.91 3.06
CA LYS A 384 -34.69 7.79 3.43
C LYS A 384 -35.58 7.24 2.33
N GLU A 385 -35.19 7.33 1.06
CA GLU A 385 -35.96 6.79 -0.03
C GLU A 385 -35.17 5.74 -0.79
N TRP A 386 -35.83 4.67 -1.22
CA TRP A 386 -35.16 3.55 -1.92
C TRP A 386 -36.10 2.91 -2.94
N PRO A 387 -35.63 2.61 -4.16
CA PRO A 387 -34.28 2.87 -4.62
C PRO A 387 -33.94 4.36 -4.76
N LEU A 388 -32.66 4.64 -4.91
CA LEU A 388 -32.21 6.00 -5.15
C LEU A 388 -32.64 6.45 -6.54
N LYS A 389 -33.03 7.71 -6.66
CA LYS A 389 -33.54 8.20 -7.93
C LYS A 389 -33.21 9.67 -8.09
N SER A 390 -32.65 10.02 -9.25
CA SER A 390 -32.33 11.40 -9.56
C SER A 390 -33.59 12.23 -9.74
N THR A 391 -33.49 13.52 -9.46
CA THR A 391 -34.57 14.46 -9.70
C THR A 391 -34.39 15.24 -10.99
N LEU A 392 -33.33 14.97 -11.74
CA LEU A 392 -33.06 15.74 -12.94
C LEU A 392 -33.96 15.28 -14.09
N ASP A 393 -34.19 16.19 -15.04
CA ASP A 393 -35.09 15.98 -16.16
C ASP A 393 -34.60 14.82 -17.03
N PRO A 394 -35.29 13.67 -17.02
CA PRO A 394 -34.79 12.51 -17.77
C PRO A 394 -34.69 12.78 -19.26
N LYS A 395 -35.49 13.70 -19.78
CA LYS A 395 -35.39 14.08 -21.18
C LYS A 395 -34.05 14.75 -21.51
N ILE A 396 -33.32 15.22 -20.49
CA ILE A 396 -32.01 15.83 -20.68
C ILE A 396 -30.90 14.97 -20.09
N TYR A 397 -31.15 14.36 -18.93
CA TYR A 397 -30.09 13.74 -18.16
C TYR A 397 -30.18 12.22 -18.13
N GLY A 398 -31.04 11.63 -18.96
CA GLY A 398 -31.13 10.20 -19.07
C GLY A 398 -31.94 9.59 -17.95
N PRO A 399 -31.99 8.27 -17.91
CA PRO A 399 -32.81 7.58 -16.91
C PRO A 399 -32.39 7.96 -15.50
N PRO A 400 -33.37 8.30 -14.65
CA PRO A 400 -33.07 8.78 -13.29
C PRO A 400 -32.87 7.69 -12.25
N GLU A 401 -33.20 6.43 -12.56
CA GLU A 401 -33.07 5.37 -11.59
C GLU A 401 -31.60 5.08 -11.31
N SER A 402 -31.25 4.92 -10.03
CA SER A 402 -29.89 4.57 -9.65
C SER A 402 -29.54 3.17 -10.13
N ALA A 403 -28.28 2.98 -10.48
CA ALA A 403 -27.78 1.65 -10.76
C ALA A 403 -27.36 0.92 -9.49
N ILE A 404 -27.45 1.57 -8.33
CA ILE A 404 -27.23 0.88 -7.06
C ILE A 404 -28.50 0.12 -6.72
N THR A 405 -28.43 -1.21 -6.77
CA THR A 405 -29.60 -2.07 -6.65
C THR A 405 -29.68 -2.73 -5.27
N THR A 406 -30.92 -3.03 -4.87
CA THR A 406 -31.16 -3.81 -3.66
C THR A 406 -30.31 -5.07 -3.64
N GLU A 407 -30.24 -5.79 -4.78
CA GLU A 407 -29.49 -7.03 -4.81
C GLU A 407 -27.98 -6.77 -4.67
N ILE A 408 -27.51 -5.66 -5.22
CA ILE A 408 -26.12 -5.28 -5.06
C ILE A 408 -25.83 -5.00 -3.59
N VAL A 409 -26.77 -4.35 -2.90
CA VAL A 409 -26.57 -4.05 -1.49
C VAL A 409 -26.58 -5.33 -0.66
N GLU A 410 -27.62 -6.16 -0.85
CA GLU A 410 -27.77 -7.34 0.01
C GLU A 410 -26.59 -8.30 -0.14
N ARG A 411 -25.96 -8.33 -1.32
CA ARG A 411 -24.74 -9.13 -1.49
C ARG A 411 -23.70 -8.81 -0.42
N GLU A 412 -23.64 -7.56 0.04
CA GLU A 412 -22.63 -7.14 0.98
C GLU A 412 -23.11 -7.00 2.42
N ILE A 413 -24.42 -7.06 2.69
CA ILE A 413 -24.88 -6.89 4.06
C ILE A 413 -25.72 -8.05 4.57
N LYS A 414 -26.05 -9.04 3.72
CA LYS A 414 -27.13 -9.96 4.08
C LYS A 414 -26.77 -10.82 5.28
N GLY A 415 -25.49 -11.15 5.47
CA GLY A 415 -25.06 -11.79 6.70
C GLY A 415 -25.41 -11.02 7.96
N PHE A 416 -25.88 -9.77 7.83
CA PHE A 416 -26.37 -8.97 8.95
C PHE A 416 -27.85 -8.69 8.86
N MET A 417 -28.34 -8.16 7.74
CA MET A 417 -29.75 -7.83 7.63
C MET A 417 -30.07 -7.56 6.18
N THR A 418 -31.36 -7.47 5.87
CA THR A 418 -31.85 -7.17 4.54
C THR A 418 -31.81 -5.67 4.26
N VAL A 419 -32.18 -5.30 3.03
CA VAL A 419 -32.17 -3.89 2.66
C VAL A 419 -33.30 -3.14 3.37
N ASP A 420 -34.52 -3.67 3.29
CA ASP A 420 -35.64 -2.97 3.89
C ASP A 420 -35.52 -2.89 5.41
N GLU A 421 -34.94 -3.92 6.03
CA GLU A 421 -34.55 -3.83 7.42
C GLU A 421 -33.57 -2.68 7.64
N ALA A 422 -32.52 -2.61 6.82
CA ALA A 422 -31.51 -1.58 6.98
C ALA A 422 -32.10 -0.18 6.83
N LEU A 423 -33.06 -0.02 5.91
CA LEU A 423 -33.71 1.26 5.71
C LEU A 423 -34.52 1.69 6.93
N LYS A 424 -35.25 0.75 7.53
CA LYS A 424 -36.09 1.07 8.68
C LYS A 424 -35.28 1.41 9.91
N GLN A 425 -34.11 0.78 10.09
CA GLN A 425 -33.28 0.96 11.25
C GLN A 425 -32.18 2.01 11.05
N LYS A 426 -32.26 2.79 9.98
CA LYS A 426 -31.34 3.90 9.75
C LYS A 426 -29.88 3.41 9.76
N LYS A 427 -29.61 2.43 8.88
CA LYS A 427 -28.27 1.87 8.76
C LYS A 427 -27.62 2.15 7.40
N LEU A 428 -28.35 2.71 6.45
CA LEU A 428 -27.79 3.10 5.17
C LEU A 428 -27.57 4.60 5.13
N PHE A 429 -26.37 5.00 4.75
CA PHE A 429 -26.00 6.40 4.65
C PHE A 429 -25.36 6.64 3.28
N ILE A 430 -25.37 7.89 2.86
CA ILE A 430 -24.97 8.24 1.50
C ILE A 430 -24.29 9.61 1.50
N ILE A 431 -23.36 9.79 0.57
CA ILE A 431 -22.90 11.10 0.14
C ILE A 431 -23.25 11.17 -1.34
N ASP A 432 -24.15 12.08 -1.69
CA ASP A 432 -24.82 12.11 -2.98
C ASP A 432 -24.57 13.47 -3.63
N TYR A 433 -23.67 13.48 -4.61
CA TYR A 433 -23.37 14.67 -5.40
C TYR A 433 -23.93 14.57 -6.82
N HIS A 434 -24.80 13.60 -7.09
CA HIS A 434 -25.24 13.32 -8.46
C HIS A 434 -26.02 14.49 -9.06
N ASP A 435 -27.11 14.88 -8.43
CA ASP A 435 -27.93 15.95 -9.00
C ASP A 435 -27.20 17.28 -9.05
N ILE A 436 -26.25 17.54 -8.15
CA ILE A 436 -25.66 18.87 -8.26
C ILE A 436 -24.52 18.88 -9.27
N LEU A 437 -23.81 17.75 -9.43
CA LEU A 437 -22.68 17.74 -10.35
C LEU A 437 -23.06 17.39 -11.78
N LEU A 438 -24.07 16.54 -12.01
CA LEU A 438 -24.39 16.13 -13.37
C LEU A 438 -24.67 17.29 -14.33
N PRO A 439 -25.37 18.38 -13.93
CA PRO A 439 -25.56 19.50 -14.87
C PRO A 439 -24.26 20.17 -15.34
N TYR A 440 -23.10 19.89 -14.74
CA TYR A 440 -21.83 20.47 -15.18
C TYR A 440 -20.96 19.52 -16.00
N VAL A 441 -21.34 18.25 -16.12
CA VAL A 441 -20.41 17.27 -16.65
C VAL A 441 -20.00 17.64 -18.07
N SER A 442 -20.97 17.96 -18.93
CA SER A 442 -20.65 18.23 -20.33
C SER A 442 -19.65 19.35 -20.44
N GLU A 443 -19.82 20.41 -19.63
CA GLU A 443 -18.96 21.58 -19.73
C GLU A 443 -17.59 21.31 -19.12
N VAL A 444 -17.55 20.76 -17.90
CA VAL A 444 -16.26 20.45 -17.28
C VAL A 444 -15.44 19.54 -18.19
N ARG A 445 -16.09 18.58 -18.87
CA ARG A 445 -15.35 17.69 -19.75
C ARG A 445 -14.76 18.39 -20.96
N GLN A 446 -15.19 19.62 -21.28
CA GLN A 446 -14.55 20.37 -22.34
C GLN A 446 -13.20 20.95 -21.92
N ILE A 447 -12.84 20.90 -20.64
CA ILE A 447 -11.59 21.47 -20.14
C ILE A 447 -10.48 20.44 -20.24
N LYS A 448 -9.38 20.83 -20.87
CA LYS A 448 -8.24 19.94 -20.98
C LYS A 448 -7.71 19.58 -19.61
N GLY A 449 -7.43 18.30 -19.40
CA GLY A 449 -6.79 17.84 -18.19
C GLY A 449 -7.73 17.55 -17.04
N THR A 450 -9.02 17.46 -17.29
CA THR A 450 -9.97 17.11 -16.23
C THR A 450 -11.18 16.44 -16.88
N THR A 451 -12.05 15.89 -16.04
CA THR A 451 -13.31 15.33 -16.44
C THR A 451 -14.26 15.44 -15.26
N LEU A 452 -15.47 14.87 -15.39
CA LEU A 452 -16.41 14.89 -14.28
C LEU A 452 -17.43 13.77 -14.47
N TYR A 453 -18.02 13.36 -13.35
CA TYR A 453 -19.15 12.45 -13.26
C TYR A 453 -20.09 12.97 -12.20
N GLY A 454 -21.37 12.61 -12.30
CA GLY A 454 -22.24 12.62 -11.13
C GLY A 454 -21.97 11.37 -10.30
N SER A 455 -21.88 11.55 -8.97
CA SER A 455 -21.39 10.47 -8.14
C SER A 455 -22.24 10.30 -6.87
N ARG A 456 -22.24 9.07 -6.37
CA ARG A 456 -22.89 8.68 -5.13
C ARG A 456 -22.00 7.66 -4.44
N ALA A 457 -21.84 7.82 -3.13
CA ALA A 457 -21.14 6.85 -2.30
C ALA A 457 -22.09 6.36 -1.23
N LEU A 458 -22.32 5.05 -1.19
CA LEU A 458 -23.28 4.45 -0.28
C LEU A 458 -22.54 3.66 0.79
N PHE A 459 -23.00 3.80 2.05
CA PHE A 459 -22.35 3.26 3.23
C PHE A 459 -23.36 2.51 4.08
N PHE A 460 -22.87 1.56 4.88
CA PHE A 460 -23.72 0.75 5.74
C PHE A 460 -23.16 0.77 7.16
N LEU A 461 -24.01 1.11 8.13
CA LEU A 461 -23.60 1.17 9.52
C LEU A 461 -23.74 -0.22 10.12
N GLY A 462 -22.60 -0.84 10.45
CA GLY A 462 -22.60 -2.17 11.00
C GLY A 462 -23.01 -2.21 12.47
N PRO A 463 -22.96 -3.40 13.05
CA PRO A 463 -23.40 -3.55 14.44
C PRO A 463 -22.46 -2.91 15.46
N ASP A 464 -21.16 -2.84 15.19
CA ASP A 464 -20.23 -2.12 16.05
C ASP A 464 -20.15 -0.63 15.71
N ASN A 465 -21.14 -0.10 15.00
CA ASN A 465 -21.24 1.34 14.74
C ASN A 465 -20.09 1.88 13.91
N THR A 466 -19.54 1.07 13.00
CA THR A 466 -18.59 1.54 12.01
C THR A 466 -19.19 1.42 10.62
N LEU A 467 -18.80 2.34 9.73
CA LEU A 467 -19.34 2.40 8.39
C LEU A 467 -18.57 1.49 7.46
N LYS A 468 -19.29 0.82 6.56
CA LYS A 468 -18.68 0.04 5.50
C LYS A 468 -19.08 0.64 4.15
N PRO A 469 -18.13 0.95 3.27
CA PRO A 469 -18.50 1.43 1.93
C PRO A 469 -19.09 0.29 1.13
N LEU A 470 -20.29 0.50 0.62
CA LEU A 470 -20.97 -0.52 -0.19
C LEU A 470 -20.79 -0.28 -1.68
N ALA A 471 -20.98 0.95 -2.13
CA ALA A 471 -21.02 1.17 -3.56
C ALA A 471 -20.64 2.60 -3.88
N ILE A 472 -20.05 2.77 -5.06
CA ILE A 472 -19.88 4.08 -5.66
C ILE A 472 -20.46 4.03 -7.06
N GLU A 473 -21.39 4.92 -7.34
CA GLU A 473 -21.99 5.04 -8.66
C GLU A 473 -21.51 6.32 -9.34
N LEU A 474 -21.18 6.19 -10.62
CA LEU A 474 -20.66 7.27 -11.44
C LEU A 474 -21.50 7.39 -12.71
N VAL A 475 -21.97 8.59 -13.02
CA VAL A 475 -22.86 8.83 -14.16
C VAL A 475 -22.27 9.88 -15.08
N ARG A 476 -22.37 9.65 -16.38
CA ARG A 476 -22.16 10.69 -17.37
C ARG A 476 -23.45 10.90 -18.15
N PRO A 477 -23.96 12.13 -18.23
CA PRO A 477 -25.26 12.36 -18.85
C PRO A 477 -25.17 12.14 -20.35
N PRO A 478 -26.29 11.94 -21.03
CA PRO A 478 -26.24 11.85 -22.50
C PRO A 478 -25.57 13.09 -23.05
N MET A 479 -24.61 12.88 -23.93
CA MET A 479 -23.84 13.97 -24.54
C MET A 479 -23.08 13.39 -25.73
N ASP A 480 -22.67 14.28 -26.64
CA ASP A 480 -21.89 13.90 -27.83
C ASP A 480 -22.60 12.82 -28.65
N GLY A 481 -23.94 12.82 -28.60
CA GLY A 481 -24.72 11.81 -29.26
C GLY A 481 -24.79 10.47 -28.56
N LYS A 482 -23.93 10.22 -27.57
CA LYS A 482 -24.02 8.96 -26.86
C LYS A 482 -25.11 9.04 -25.80
N PRO A 483 -25.64 7.90 -25.38
CA PRO A 483 -26.62 7.90 -24.29
C PRO A 483 -25.93 8.10 -22.95
N GLN A 484 -26.73 8.05 -21.89
CA GLN A 484 -26.19 8.15 -20.54
C GLN A 484 -25.26 6.98 -20.25
N TRP A 485 -24.12 7.27 -19.62
CA TRP A 485 -23.22 6.25 -19.14
C TRP A 485 -23.31 6.17 -17.61
N LYS A 486 -23.43 4.96 -17.08
CA LYS A 486 -23.73 4.75 -15.67
C LYS A 486 -23.20 3.40 -15.22
N GLN A 487 -22.41 3.39 -14.14
CA GLN A 487 -21.87 2.16 -13.59
C GLN A 487 -21.81 2.26 -12.07
N VAL A 488 -21.82 1.10 -11.42
CA VAL A 488 -21.65 1.01 -9.98
C VAL A 488 -20.39 0.22 -9.68
N PHE A 489 -19.59 0.72 -8.75
CA PHE A 489 -18.38 0.03 -8.35
C PHE A 489 -18.49 -0.33 -6.88
N THR A 490 -17.93 -1.48 -6.52
CA THR A 490 -18.00 -1.99 -5.16
C THR A 490 -16.65 -2.58 -4.80
N PRO A 491 -16.32 -2.66 -3.50
CA PRO A 491 -15.20 -3.48 -3.09
C PRO A 491 -15.41 -4.89 -3.67
N SER A 492 -14.34 -5.47 -4.18
CA SER A 492 -14.49 -6.65 -5.02
C SER A 492 -13.61 -7.79 -4.53
N TRP A 493 -13.91 -8.99 -5.05
CA TRP A 493 -13.13 -10.18 -4.74
C TRP A 493 -12.11 -10.49 -5.81
N GLU A 494 -12.09 -9.74 -6.91
CA GLU A 494 -11.17 -10.00 -7.99
C GLU A 494 -10.51 -8.70 -8.40
N ALA A 495 -9.33 -8.84 -9.01
CA ALA A 495 -8.42 -7.73 -9.17
C ALA A 495 -9.02 -6.62 -10.03
N THR A 496 -9.77 -6.96 -11.08
CA THR A 496 -10.20 -5.91 -11.99
C THR A 496 -11.27 -5.03 -11.35
N GLY A 497 -12.29 -5.65 -10.74
CA GLY A 497 -13.29 -4.86 -10.03
C GLY A 497 -12.69 -4.10 -8.85
N SER A 498 -11.70 -4.71 -8.19
CA SER A 498 -11.02 -4.01 -7.09
C SER A 498 -10.30 -2.76 -7.59
N TRP A 499 -9.63 -2.85 -8.75
CA TRP A 499 -8.97 -1.66 -9.27
C TRP A 499 -9.98 -0.65 -9.79
N LEU A 500 -11.07 -1.09 -10.43
CA LEU A 500 -12.10 -0.13 -10.82
C LEU A 500 -12.68 0.57 -9.59
N TRP A 501 -12.86 -0.17 -8.50
CA TRP A 501 -13.31 0.43 -7.25
C TRP A 501 -12.35 1.51 -6.76
N LYS A 502 -11.04 1.24 -6.83
CA LYS A 502 -10.06 2.22 -6.39
C LYS A 502 -10.09 3.48 -7.23
N LEU A 503 -10.25 3.34 -8.56
CA LEU A 503 -10.35 4.51 -9.41
C LEU A 503 -11.66 5.25 -9.21
N ALA A 504 -12.72 4.53 -8.88
CA ALA A 504 -13.99 5.19 -8.59
C ALA A 504 -13.92 5.98 -7.29
N LYS A 505 -13.20 5.46 -6.28
CA LYS A 505 -12.95 6.20 -5.05
C LYS A 505 -12.19 7.47 -5.34
N THR A 506 -11.18 7.38 -6.19
CA THR A 506 -10.39 8.54 -6.55
C THR A 506 -11.28 9.62 -7.14
N HIS A 507 -12.18 9.24 -8.05
CA HIS A 507 -13.11 10.21 -8.61
C HIS A 507 -14.05 10.78 -7.55
N PHE A 508 -14.69 9.91 -6.76
CA PHE A 508 -15.59 10.40 -5.73
C PHE A 508 -14.86 11.29 -4.75
N LEU A 509 -13.65 10.88 -4.33
CA LEU A 509 -12.87 11.71 -3.43
C LEU A 509 -12.57 13.08 -4.03
N ALA A 510 -12.31 13.14 -5.34
CA ALA A 510 -12.07 14.43 -5.97
C ALA A 510 -13.33 15.29 -5.95
N HIS A 511 -14.49 14.68 -6.12
CA HIS A 511 -15.74 15.41 -5.95
C HIS A 511 -15.92 15.85 -4.51
N ASP A 512 -15.61 14.98 -3.55
CA ASP A 512 -15.72 15.42 -2.17
C ASP A 512 -14.73 16.52 -1.84
N ALA A 513 -13.54 16.51 -2.45
CA ALA A 513 -12.60 17.59 -2.22
C ALA A 513 -13.17 18.91 -2.70
N GLY A 514 -13.77 18.91 -3.88
CA GLY A 514 -14.37 20.13 -4.39
C GLY A 514 -15.54 20.58 -3.55
N TYR A 515 -16.40 19.65 -3.15
CA TYR A 515 -17.52 20.04 -2.30
C TYR A 515 -17.05 20.54 -0.94
N HIS A 516 -16.02 19.89 -0.38
CA HIS A 516 -15.50 20.30 0.91
C HIS A 516 -14.90 21.70 0.84
N GLN A 517 -14.06 21.92 -0.17
CA GLN A 517 -13.32 23.18 -0.24
C GLN A 517 -14.24 24.35 -0.57
N LEU A 518 -15.17 24.15 -1.50
CA LEU A 518 -16.03 25.21 -2.03
C LEU A 518 -17.28 25.44 -1.19
N VAL A 519 -17.83 24.40 -0.59
CA VAL A 519 -19.11 24.47 0.11
C VAL A 519 -18.95 24.32 1.62
N SER A 520 -18.47 23.15 2.06
CA SER A 520 -18.33 22.94 3.50
C SER A 520 -17.40 23.98 4.10
N HIS A 521 -16.41 24.43 3.34
CA HIS A 521 -15.41 25.35 3.87
C HIS A 521 -15.69 26.76 3.34
N TRP A 522 -15.40 27.02 2.07
CA TRP A 522 -15.47 28.40 1.59
C TRP A 522 -16.87 28.98 1.76
N LEU A 523 -17.89 28.29 1.24
CA LEU A 523 -19.23 28.89 1.25
C LEU A 523 -19.78 29.02 2.66
N ARG A 524 -19.82 27.93 3.41
CA ARG A 524 -20.59 27.93 4.63
C ARG A 524 -19.89 28.61 5.80
N THR A 525 -18.60 28.94 5.66
CA THR A 525 -17.96 29.71 6.74
C THR A 525 -17.56 31.08 6.20
N HIS A 526 -16.40 31.15 5.54
CA HIS A 526 -15.89 32.39 4.97
C HIS A 526 -16.97 33.24 4.29
N CYS A 527 -17.63 32.65 3.28
CA CYS A 527 -18.42 33.42 2.33
C CYS A 527 -19.70 33.92 2.95
N VAL A 528 -20.52 33.02 3.53
CA VAL A 528 -21.76 33.51 4.12
C VAL A 528 -21.53 34.41 5.33
N THR A 529 -20.35 34.35 5.96
CA THR A 529 -20.15 35.14 7.18
C THR A 529 -19.84 36.60 6.90
N GLU A 530 -19.15 36.89 5.79
CA GLU A 530 -18.75 38.26 5.50
C GLU A 530 -19.93 39.23 5.53
N PRO A 531 -21.11 38.93 4.95
CA PRO A 531 -22.25 39.84 5.11
C PRO A 531 -22.66 40.10 6.55
N TYR A 532 -22.54 39.12 7.47
CA TYR A 532 -22.84 39.38 8.88
C TYR A 532 -21.87 40.40 9.45
N ILE A 533 -20.61 40.30 9.07
CA ILE A 533 -19.61 41.25 9.54
C ILE A 533 -19.96 42.65 9.03
N ILE A 534 -20.27 42.75 7.73
CA ILE A 534 -20.58 44.06 7.16
C ILE A 534 -21.77 44.68 7.90
N ALA A 535 -22.82 43.89 8.14
CA ALA A 535 -24.03 44.42 8.76
C ALA A 535 -23.79 44.81 10.22
N THR A 536 -22.94 44.04 10.92
CA THR A 536 -22.59 44.34 12.30
C THR A 536 -21.95 45.71 12.41
N ASN A 537 -21.02 46.04 11.51
CA ASN A 537 -20.44 47.37 11.56
C ASN A 537 -21.39 48.45 11.02
N ARG A 538 -22.27 48.11 10.07
CA ARG A 538 -23.17 49.13 9.52
C ARG A 538 -24.29 49.51 10.48
N GLN A 539 -24.79 48.54 11.25
CA GLN A 539 -26.01 48.75 12.00
C GLN A 539 -25.87 48.67 13.52
N LEU A 540 -24.82 48.03 14.06
CA LEU A 540 -24.61 47.95 15.51
C LEU A 540 -23.47 48.87 15.92
N SER A 541 -23.76 49.81 16.83
CA SER A 541 -22.72 50.70 17.31
C SER A 541 -21.62 49.92 18.02
N ALA A 542 -20.40 50.45 17.95
CA ALA A 542 -19.27 49.85 18.66
C ALA A 542 -19.53 49.72 20.16
N MET A 543 -20.45 50.50 20.73
CA MET A 543 -20.80 50.34 22.13
C MET A 543 -21.99 49.42 22.32
N HIS A 544 -22.58 48.92 21.25
CA HIS A 544 -23.65 47.95 21.38
C HIS A 544 -23.11 46.64 21.97
N PRO A 545 -23.83 46.04 22.92
CA PRO A 545 -23.28 44.81 23.53
C PRO A 545 -23.16 43.67 22.55
N ILE A 546 -24.09 43.55 21.58
CA ILE A 546 -24.01 42.42 20.64
C ILE A 546 -22.84 42.61 19.70
N TYR A 547 -22.52 43.86 19.36
CA TYR A 547 -21.30 44.15 18.61
C TYR A 547 -20.08 43.62 19.34
N ARG A 548 -19.96 43.95 20.62
CA ARG A 548 -18.83 43.50 21.41
C ARG A 548 -18.85 41.99 21.67
N LEU A 549 -20.04 41.34 21.63
CA LEU A 549 -20.11 39.89 21.70
C LEU A 549 -19.58 39.24 20.41
N LEU A 550 -20.00 39.76 19.25
CA LEU A 550 -19.64 39.19 17.96
C LEU A 550 -18.22 39.52 17.54
N HIS A 551 -17.64 40.61 18.04
CA HIS A 551 -16.39 41.14 17.49
C HIS A 551 -15.26 40.11 17.40
N PRO A 552 -14.85 39.43 18.48
CA PRO A 552 -13.73 38.48 18.32
C PRO A 552 -14.02 37.36 17.31
N HIS A 553 -15.29 37.00 17.13
CA HIS A 553 -15.67 35.97 16.16
C HIS A 553 -15.60 36.46 14.74
N PHE A 554 -15.47 37.77 14.53
CA PHE A 554 -15.47 38.34 13.19
C PHE A 554 -14.12 38.87 12.76
N ARG A 555 -13.16 39.00 13.68
CA ARG A 555 -11.83 39.49 13.32
C ARG A 555 -11.18 38.62 12.26
N TYR A 556 -10.40 39.27 11.38
CA TYR A 556 -9.45 38.66 10.45
C TYR A 556 -10.13 38.14 9.19
N THR A 557 -11.44 37.92 9.25
CA THR A 557 -12.10 37.19 8.17
C THR A 557 -12.18 38.01 6.88
N MET A 558 -12.58 39.29 6.98
CA MET A 558 -12.78 40.07 5.77
C MET A 558 -11.50 40.19 4.96
N GLU A 559 -10.35 40.26 5.64
CA GLU A 559 -9.07 40.39 4.97
C GLU A 559 -8.64 39.06 4.35
N ILE A 560 -8.83 37.95 5.07
CA ILE A 560 -8.59 36.64 4.47
C ILE A 560 -9.45 36.48 3.23
N ASN A 561 -10.74 36.87 3.31
CA ASN A 561 -11.62 36.69 2.15
C ASN A 561 -11.16 37.52 0.97
N ALA A 562 -10.67 38.74 1.24
CA ALA A 562 -10.20 39.60 0.16
C ALA A 562 -9.01 38.98 -0.56
N LEU A 563 -8.09 38.40 0.21
CA LEU A 563 -7.00 37.65 -0.40
C LEU A 563 -7.51 36.42 -1.14
N ALA A 564 -8.56 35.79 -0.63
CA ALA A 564 -9.13 34.65 -1.36
C ALA A 564 -9.72 35.09 -2.69
N ARG A 565 -10.41 36.24 -2.73
CA ARG A 565 -10.90 36.73 -4.01
C ARG A 565 -9.76 37.12 -4.93
N GLU A 566 -8.65 37.59 -4.38
CA GLU A 566 -7.54 37.99 -5.25
C GLU A 566 -6.77 36.78 -5.82
N ALA A 567 -6.62 35.69 -5.06
CA ALA A 567 -5.70 34.63 -5.49
C ALA A 567 -6.13 33.19 -5.24
N LEU A 568 -7.26 32.92 -4.59
CA LEU A 568 -7.65 31.53 -4.38
C LEU A 568 -8.83 31.12 -5.25
N ILE A 569 -9.87 31.95 -5.33
CA ILE A 569 -11.08 31.60 -6.08
C ILE A 569 -11.24 32.45 -7.35
N ASN A 570 -10.20 33.14 -7.79
CA ASN A 570 -10.24 33.91 -9.02
C ASN A 570 -9.92 33.04 -10.25
N ALA A 571 -10.12 33.65 -11.42
CA ALA A 571 -9.74 33.03 -12.69
C ALA A 571 -8.26 32.70 -12.72
N ASP A 572 -7.94 31.45 -13.07
CA ASP A 572 -6.59 30.87 -13.04
C ASP A 572 -5.97 30.86 -11.64
N GLY A 573 -6.74 31.11 -10.59
CA GLY A 573 -6.24 31.01 -9.24
C GLY A 573 -6.06 29.57 -8.79
N ILE A 574 -5.78 29.43 -7.49
CA ILE A 574 -5.31 28.15 -6.96
C ILE A 574 -6.34 27.05 -7.21
N ILE A 575 -7.60 27.32 -6.82
CA ILE A 575 -8.63 26.27 -6.90
C ILE A 575 -8.89 25.88 -8.35
N GLU A 576 -9.08 26.89 -9.22
CA GLU A 576 -9.30 26.58 -10.63
C GLU A 576 -8.18 25.73 -11.20
N SER A 577 -6.94 26.01 -10.81
CA SER A 577 -5.80 25.37 -11.45
C SER A 577 -5.58 23.93 -10.99
N ALA A 578 -6.28 23.50 -9.95
CA ALA A 578 -5.95 22.22 -9.33
C ALA A 578 -7.15 21.40 -8.94
N PHE A 579 -8.37 21.87 -9.14
CA PHE A 579 -9.55 21.13 -8.73
C PHE A 579 -10.32 20.69 -9.96
N THR A 580 -11.03 19.56 -9.81
CA THR A 580 -11.80 18.94 -10.90
C THR A 580 -12.62 19.92 -11.73
N PRO A 581 -13.43 20.81 -11.17
CA PRO A 581 -14.32 21.64 -12.00
C PRO A 581 -13.62 22.76 -12.73
N GLY A 582 -12.33 22.97 -12.49
CA GLY A 582 -11.63 24.00 -13.23
C GLY A 582 -12.35 25.32 -13.02
N LYS A 583 -12.65 26.00 -14.12
CA LYS A 583 -13.22 27.34 -14.08
C LYS A 583 -14.68 27.34 -13.61
N TYR A 584 -15.30 26.19 -13.45
CA TYR A 584 -16.65 26.12 -12.91
C TYR A 584 -16.66 25.86 -11.41
N SER A 585 -15.51 25.85 -10.76
CA SER A 585 -15.45 25.57 -9.33
C SER A 585 -16.31 26.54 -8.52
N THR A 586 -16.08 27.84 -8.69
CA THR A 586 -16.80 28.80 -7.85
C THR A 586 -18.30 28.85 -8.16
N GLU A 587 -18.69 28.70 -9.44
CA GLU A 587 -20.11 28.60 -9.81
C GLU A 587 -20.82 27.50 -9.04
N ILE A 588 -20.15 26.36 -8.85
CA ILE A 588 -20.80 25.26 -8.15
C ILE A 588 -21.12 25.65 -6.71
N SER A 589 -20.27 26.46 -6.07
CA SER A 589 -20.63 26.92 -4.73
C SER A 589 -21.86 27.84 -4.77
N SER A 590 -22.03 28.62 -5.84
CA SER A 590 -23.27 29.36 -6.03
C SER A 590 -24.47 28.43 -6.16
N ALA A 591 -24.32 27.37 -6.96
CA ALA A 591 -25.43 26.43 -7.09
C ALA A 591 -25.76 25.80 -5.74
N ALA A 592 -24.75 25.41 -4.97
CA ALA A 592 -25.00 24.83 -3.65
C ALA A 592 -25.68 25.85 -2.73
N TYR A 593 -25.23 27.10 -2.77
CA TYR A 593 -25.91 28.15 -2.02
C TYR A 593 -27.39 28.22 -2.39
N GLY A 594 -27.68 28.44 -3.67
CA GLY A 594 -29.07 28.52 -4.12
C GLY A 594 -29.90 27.32 -3.71
N LEU A 595 -29.34 26.11 -3.88
CA LEU A 595 -30.10 24.87 -3.71
C LEU A 595 -30.22 24.45 -2.25
N GLN A 596 -29.18 24.65 -1.45
CA GLN A 596 -29.19 24.03 -0.13
C GLN A 596 -29.12 25.02 1.04
N TRP A 597 -28.42 26.13 0.90
CA TRP A 597 -28.09 26.91 2.08
C TRP A 597 -29.30 27.63 2.63
N ARG A 598 -29.57 27.42 3.92
CA ARG A 598 -30.54 28.19 4.67
C ARG A 598 -29.97 28.44 6.07
N PHE A 599 -30.31 29.60 6.65
CA PHE A 599 -29.69 29.98 7.91
C PHE A 599 -30.11 29.02 9.03
N ASP A 600 -31.35 28.53 8.98
CA ASP A 600 -31.89 27.79 10.09
C ASP A 600 -31.38 26.35 10.16
N THR A 601 -30.51 25.92 9.25
CA THR A 601 -29.88 24.60 9.35
C THR A 601 -28.37 24.70 9.49
N GLN A 602 -27.85 25.89 9.81
CA GLN A 602 -26.41 26.05 9.93
C GLN A 602 -25.91 25.75 11.32
N GLY A 603 -26.76 25.90 12.34
CA GLY A 603 -26.38 25.44 13.66
C GLY A 603 -26.16 23.94 13.67
N LEU A 604 -25.28 23.47 14.58
CA LEU A 604 -24.94 22.05 14.52
C LEU A 604 -26.14 21.15 14.79
N PRO A 605 -26.97 21.39 15.82
CA PRO A 605 -28.14 20.49 15.97
C PRO A 605 -29.02 20.47 14.73
N ALA A 606 -29.32 21.64 14.16
CA ALA A 606 -30.21 21.70 13.00
C ALA A 606 -29.56 21.09 11.76
N ASP A 607 -28.24 21.17 11.63
CA ASP A 607 -27.56 20.49 10.53
C ASP A 607 -27.66 18.97 10.68
N LEU A 608 -27.34 18.43 11.85
CA LEU A 608 -27.44 16.99 12.05
C LEU A 608 -28.85 16.49 11.81
N ILE A 609 -29.84 17.24 12.30
CA ILE A 609 -31.24 16.86 12.10
C ILE A 609 -31.60 16.90 10.62
N SER A 610 -31.16 17.95 9.93
CA SER A 610 -31.46 18.11 8.52
C SER A 610 -30.88 16.96 7.68
N ARG A 611 -29.77 16.37 8.11
CA ARG A 611 -29.14 15.29 7.36
C ARG A 611 -29.63 13.92 7.81
N GLY A 612 -30.63 13.86 8.68
CA GLY A 612 -31.11 12.58 9.17
C GLY A 612 -30.17 11.88 10.11
N ILE A 613 -29.12 12.55 10.58
CA ILE A 613 -28.19 11.91 11.52
C ILE A 613 -28.74 11.93 12.94
N ALA A 614 -29.55 12.93 13.30
CA ALA A 614 -30.10 13.06 14.63
C ALA A 614 -31.60 13.32 14.56
N VAL A 615 -32.30 12.90 15.61
CA VAL A 615 -33.66 13.35 15.91
C VAL A 615 -33.65 13.90 17.33
N GLU A 616 -34.48 14.92 17.55
CA GLU A 616 -34.63 15.46 18.90
C GLU A 616 -35.16 14.37 19.82
N ASP A 617 -34.54 14.25 20.98
CA ASP A 617 -34.88 13.22 21.96
C ASP A 617 -34.51 13.71 23.36
N PRO A 618 -35.49 14.04 24.20
CA PRO A 618 -35.16 14.51 25.56
C PRO A 618 -34.35 13.51 26.34
N SER A 619 -34.53 12.21 26.07
CA SER A 619 -33.78 11.16 26.74
C SER A 619 -32.30 11.16 26.36
N SER A 620 -31.92 11.74 25.22
CA SER A 620 -30.56 11.54 24.76
C SER A 620 -29.65 12.68 25.20
N PRO A 621 -28.34 12.43 25.27
CA PRO A 621 -27.40 13.53 25.46
C PRO A 621 -27.65 14.64 24.43
N HIS A 622 -27.61 15.89 24.93
CA HIS A 622 -27.81 17.10 24.13
C HIS A 622 -29.22 17.19 23.54
N GLY A 623 -30.12 16.31 23.95
CA GLY A 623 -31.43 16.30 23.36
C GLY A 623 -31.52 15.71 21.97
N LEU A 624 -30.49 14.98 21.52
CA LEU A 624 -30.42 14.49 20.14
C LEU A 624 -30.08 13.01 20.14
N LYS A 625 -30.93 12.21 19.52
CA LYS A 625 -30.66 10.79 19.31
C LYS A 625 -29.94 10.65 17.98
N LEU A 626 -28.70 10.17 18.01
CA LEU A 626 -27.85 10.08 16.83
C LEU A 626 -28.00 8.70 16.19
N ALA A 627 -28.36 8.67 14.90
CA ALA A 627 -28.40 7.40 14.16
C ALA A 627 -27.02 6.84 13.90
N ILE A 628 -25.99 7.67 14.00
CA ILE A 628 -24.60 7.24 14.01
C ILE A 628 -24.01 7.64 15.36
N PRO A 629 -23.96 6.71 16.32
CA PRO A 629 -23.66 7.13 17.70
C PRO A 629 -22.22 7.57 17.90
N ASP A 630 -21.29 6.92 17.22
CA ASP A 630 -19.86 7.25 17.26
C ASP A 630 -19.57 8.04 16.00
N TYR A 631 -19.66 9.37 16.13
CA TYR A 631 -19.53 10.31 15.03
C TYR A 631 -18.67 11.42 15.60
N PRO A 632 -17.34 11.22 15.61
CA PRO A 632 -16.48 12.10 16.43
C PRO A 632 -16.72 13.58 16.20
N PHE A 633 -16.86 14.03 14.95
CA PHE A 633 -17.13 15.43 14.67
C PHE A 633 -18.39 15.89 15.37
N ALA A 634 -19.44 15.10 15.26
CA ALA A 634 -20.73 15.50 15.80
C ALA A 634 -20.78 15.35 17.32
N ASN A 635 -20.17 14.29 17.85
CA ASN A 635 -20.13 14.12 19.30
C ASN A 635 -19.39 15.27 19.96
N ASP A 636 -18.20 15.59 19.46
CA ASP A 636 -17.40 16.65 20.06
C ASP A 636 -17.97 18.03 19.74
N GLY A 637 -18.58 18.18 18.56
CA GLY A 637 -19.20 19.45 18.22
C GLY A 637 -20.34 19.82 19.14
N LEU A 638 -21.11 18.83 19.58
CA LEU A 638 -22.24 19.17 20.45
C LEU A 638 -21.78 19.60 21.83
N LEU A 639 -20.62 19.12 22.29
CA LEU A 639 -20.05 19.67 23.51
C LEU A 639 -19.79 21.16 23.35
N LEU A 640 -19.12 21.55 22.25
CA LEU A 640 -18.83 22.96 22.02
C LEU A 640 -20.09 23.78 21.83
N TRP A 641 -21.04 23.26 21.05
CA TRP A 641 -22.30 23.98 20.83
C TRP A 641 -22.97 24.33 22.15
N ASP A 642 -23.08 23.37 23.08
CA ASP A 642 -23.75 23.62 24.35
C ASP A 642 -23.00 24.66 25.18
N ALA A 643 -21.67 24.52 25.25
CA ALA A 643 -20.87 25.48 25.98
C ALA A 643 -21.03 26.88 25.42
N ILE A 644 -20.91 27.01 24.09
CA ILE A 644 -21.10 28.31 23.44
C ILE A 644 -22.48 28.86 23.72
N LYS A 645 -23.50 28.03 23.51
CA LYS A 645 -24.87 28.50 23.68
C LYS A 645 -25.08 29.03 25.09
N GLU A 646 -24.49 28.38 26.08
CA GLU A 646 -24.68 28.79 27.45
C GLU A 646 -24.00 30.12 27.74
N TRP A 647 -22.81 30.32 27.16
CA TRP A 647 -22.15 31.61 27.20
C TRP A 647 -23.03 32.69 26.57
N VAL A 648 -23.51 32.42 25.35
CA VAL A 648 -24.32 33.41 24.65
C VAL A 648 -25.61 33.69 25.42
N THR A 649 -26.17 32.66 26.06
CA THR A 649 -27.39 32.85 26.84
C THR A 649 -27.14 33.80 28.00
N ASP A 650 -26.07 33.56 28.77
CA ASP A 650 -25.73 34.43 29.89
C ASP A 650 -25.49 35.86 29.42
N TYR A 651 -24.83 36.03 28.28
CA TYR A 651 -24.52 37.39 27.80
C TYR A 651 -25.80 38.11 27.37
N VAL A 652 -26.64 37.43 26.58
CA VAL A 652 -27.85 38.06 26.08
C VAL A 652 -28.80 38.39 27.23
N ASN A 653 -28.93 37.48 28.18
CA ASN A 653 -29.81 37.70 29.32
C ASN A 653 -29.36 38.87 30.18
N PHE A 654 -28.06 39.17 30.17
CA PHE A 654 -27.59 40.31 30.94
C PHE A 654 -28.12 41.62 30.35
N PHE A 655 -28.31 41.69 29.04
CA PHE A 655 -28.67 42.94 28.38
C PHE A 655 -30.12 43.01 27.91
N TYR A 656 -30.75 41.86 27.65
CA TYR A 656 -32.13 41.79 27.21
C TYR A 656 -32.91 40.97 28.24
N LYS A 657 -33.66 41.67 29.11
CA LYS A 657 -34.40 40.99 30.17
C LYS A 657 -35.73 40.42 29.70
N ASP A 658 -36.21 40.80 28.52
CA ASP A 658 -37.51 40.35 28.04
C ASP A 658 -37.64 40.67 26.56
N ALA A 659 -38.73 40.17 25.97
CA ALA A 659 -38.96 40.33 24.55
C ALA A 659 -39.10 41.78 24.13
N SER A 660 -39.67 42.65 24.98
CA SER A 660 -39.84 44.02 24.54
C SER A 660 -38.50 44.70 24.32
N MET A 661 -37.49 44.35 25.13
CA MET A 661 -36.16 44.93 24.94
C MET A 661 -35.54 44.49 23.62
N VAL A 662 -35.91 43.31 23.10
CA VAL A 662 -35.43 42.86 21.79
C VAL A 662 -36.14 43.61 20.68
N LYS A 663 -37.48 43.64 20.73
CA LYS A 663 -38.23 44.25 19.64
C LYS A 663 -37.97 45.75 19.54
N SER A 664 -37.69 46.42 20.65
CA SER A 664 -37.52 47.86 20.61
C SER A 664 -36.07 48.29 20.35
N ASP A 665 -35.16 47.35 20.13
CA ASP A 665 -33.75 47.68 19.85
C ASP A 665 -33.64 47.97 18.36
N ALA A 666 -33.58 49.25 18.00
CA ALA A 666 -33.66 49.62 16.58
C ALA A 666 -32.42 49.20 15.82
N GLU A 667 -31.25 49.24 16.48
CA GLU A 667 -30.03 48.80 15.84
C GLU A 667 -30.04 47.29 15.60
N LEU A 668 -30.44 46.53 16.62
CA LEU A 668 -30.53 45.08 16.48
C LEU A 668 -31.50 44.71 15.37
N GLN A 669 -32.66 45.36 15.34
CA GLN A 669 -33.63 45.03 14.30
C GLN A 669 -33.12 45.43 12.92
N ALA A 670 -32.48 46.60 12.81
CA ALA A 670 -31.92 47.01 11.52
C ALA A 670 -30.80 46.06 11.09
N TRP A 671 -30.04 45.55 12.07
CA TRP A 671 -28.97 44.59 11.78
C TRP A 671 -29.52 43.33 11.14
N TRP A 672 -30.46 42.65 11.82
CA TRP A 672 -31.01 41.41 11.31
C TRP A 672 -31.69 41.61 9.97
N THR A 673 -32.35 42.76 9.81
CA THR A 673 -33.06 43.04 8.55
C THR A 673 -32.09 43.21 7.40
N GLU A 674 -31.00 43.96 7.62
CA GLU A 674 -30.02 44.16 6.56
C GLU A 674 -29.31 42.86 6.20
N ILE A 675 -29.17 41.94 7.15
CA ILE A 675 -28.53 40.67 6.85
C ILE A 675 -29.35 39.90 5.82
N ARG A 676 -30.68 39.87 6.01
CA ARG A 676 -31.58 39.17 5.09
C ARG A 676 -31.72 39.92 3.77
N THR A 677 -31.93 41.24 3.82
CA THR A 677 -32.33 41.99 2.63
C THR A 677 -31.16 42.48 1.79
N ARG A 678 -29.99 42.69 2.37
CA ARG A 678 -28.84 43.07 1.58
C ARG A 678 -27.73 42.03 1.59
N GLY A 679 -27.31 41.56 2.77
CA GLY A 679 -26.18 40.64 2.83
C GLY A 679 -26.45 39.34 2.11
N HIS A 680 -27.64 38.77 2.32
CA HIS A 680 -28.09 37.57 1.63
C HIS A 680 -29.32 37.93 0.77
N GLU A 681 -29.17 38.96 -0.07
CA GLU A 681 -30.32 39.53 -0.78
C GLU A 681 -31.03 38.49 -1.63
N ASP A 682 -30.28 37.58 -2.26
CA ASP A 682 -30.88 36.60 -3.16
C ASP A 682 -31.78 35.61 -2.44
N LYS A 683 -31.72 35.53 -1.11
CA LYS A 683 -32.63 34.70 -0.34
C LYS A 683 -33.55 35.53 0.54
N LYS A 684 -33.66 36.83 0.28
CA LYS A 684 -34.38 37.70 1.21
C LYS A 684 -35.82 37.28 1.39
N ASP A 685 -36.40 36.60 0.40
CA ASP A 685 -37.81 36.22 0.41
C ASP A 685 -38.09 34.83 0.93
N GLU A 686 -37.06 34.05 1.27
CA GLU A 686 -37.31 32.69 1.74
C GLU A 686 -38.00 32.74 3.10
N THR A 687 -38.72 31.66 3.41
CA THR A 687 -39.56 31.65 4.59
C THR A 687 -38.83 31.18 5.84
N TRP A 688 -37.59 30.72 5.72
CA TRP A 688 -36.92 30.03 6.82
C TRP A 688 -36.10 30.96 7.73
N TRP A 689 -36.06 32.26 7.45
CA TRP A 689 -35.33 33.19 8.31
C TRP A 689 -35.94 33.25 9.70
N PRO A 690 -35.15 33.11 10.77
CA PRO A 690 -35.73 33.18 12.12
C PRO A 690 -36.28 34.57 12.43
N ASP A 691 -37.32 34.57 13.25
CA ASP A 691 -37.77 35.81 13.86
C ASP A 691 -36.71 36.33 14.82
N LEU A 692 -36.78 37.64 15.11
CA LEU A 692 -35.96 38.27 16.14
C LEU A 692 -36.90 39.07 17.05
N LYS A 693 -37.55 38.37 17.99
CA LYS A 693 -38.57 38.99 18.81
C LYS A 693 -38.35 38.76 20.31
N THR A 694 -37.73 37.64 20.66
CA THR A 694 -37.47 37.27 22.05
C THR A 694 -35.97 37.14 22.31
N PRO A 695 -35.54 37.23 23.58
CA PRO A 695 -34.12 36.93 23.87
C PRO A 695 -33.67 35.57 23.36
N GLN A 696 -34.54 34.56 23.40
CA GLN A 696 -34.18 33.24 22.90
C GLN A 696 -33.96 33.26 21.38
N ASP A 697 -34.76 34.05 20.65
CA ASP A 697 -34.53 34.20 19.22
C ASP A 697 -33.12 34.71 18.95
N LEU A 698 -32.71 35.72 19.71
CA LEU A 698 -31.38 36.32 19.56
C LEU A 698 -30.28 35.32 19.90
N ILE A 699 -30.47 34.56 20.98
CA ILE A 699 -29.50 33.51 21.36
C ILE A 699 -29.34 32.50 20.25
N GLY A 700 -30.45 32.02 19.70
CA GLY A 700 -30.36 31.09 18.60
C GLY A 700 -29.57 31.65 17.43
N ILE A 701 -29.85 32.92 17.08
CA ILE A 701 -29.19 33.53 15.93
C ILE A 701 -27.70 33.71 16.19
N VAL A 702 -27.34 34.21 17.37
CA VAL A 702 -25.92 34.47 17.65
C VAL A 702 -25.14 33.16 17.78
N THR A 703 -25.72 32.17 18.46
CA THR A 703 -25.03 30.90 18.63
C THR A 703 -24.72 30.27 17.28
N THR A 704 -25.66 30.36 16.34
CA THR A 704 -25.46 29.86 14.98
C THR A 704 -24.28 30.56 14.31
N MET A 705 -24.23 31.88 14.40
CA MET A 705 -23.16 32.63 13.75
C MET A 705 -21.81 32.24 14.33
N VAL A 706 -21.72 32.21 15.66
CA VAL A 706 -20.41 32.08 16.29
C VAL A 706 -19.98 30.62 16.39
N TRP A 707 -20.91 29.67 16.35
CA TRP A 707 -20.52 28.29 16.13
C TRP A 707 -19.89 28.11 14.76
N VAL A 708 -20.47 28.73 13.72
CA VAL A 708 -19.95 28.57 12.36
C VAL A 708 -18.55 29.16 12.24
N THR A 709 -18.31 30.32 12.90
CA THR A 709 -17.00 30.95 12.78
C THR A 709 -15.94 30.28 13.65
N SER A 710 -16.34 29.52 14.68
CA SER A 710 -15.36 28.85 15.52
C SER A 710 -15.23 27.37 15.15
N GLY A 711 -16.13 26.54 15.66
CA GLY A 711 -15.98 25.09 15.53
C GLY A 711 -16.24 24.55 14.13
N HIS A 712 -17.27 25.06 13.45
CA HIS A 712 -17.51 24.57 12.08
C HIS A 712 -16.27 24.82 11.23
N HIS A 713 -15.81 26.06 11.21
CA HIS A 713 -14.63 26.39 10.43
C HIS A 713 -13.42 25.60 10.92
N ALA A 714 -13.24 25.48 12.24
CA ALA A 714 -12.07 24.75 12.72
C ALA A 714 -12.10 23.28 12.24
N ALA A 715 -13.27 22.66 12.27
CA ALA A 715 -13.37 21.23 11.92
C ALA A 715 -13.11 20.98 10.43
N VAL A 716 -13.47 21.92 9.58
CA VAL A 716 -13.26 21.77 8.15
C VAL A 716 -11.91 22.32 7.73
N ASN A 717 -11.27 23.14 8.56
CA ASN A 717 -10.06 23.83 8.15
C ASN A 717 -8.78 23.19 8.68
N PHE A 718 -8.69 22.91 9.98
CA PHE A 718 -7.37 22.59 10.54
C PHE A 718 -6.99 21.12 10.41
N GLY A 719 -7.85 20.29 9.84
CA GLY A 719 -7.47 18.94 9.46
C GLY A 719 -7.07 18.81 8.00
N GLN A 720 -6.96 19.90 7.27
CA GLN A 720 -6.75 19.80 5.83
C GLN A 720 -5.43 19.13 5.50
N TYR A 721 -4.33 19.61 6.10
CA TYR A 721 -3.04 18.99 5.78
C TYR A 721 -2.95 17.56 6.30
N ALA A 722 -3.52 17.29 7.49
CA ALA A 722 -3.49 15.94 8.03
C ALA A 722 -4.03 14.91 7.03
N TYR A 723 -5.13 15.23 6.35
CA TYR A 723 -5.79 14.24 5.50
C TYR A 723 -5.53 14.42 4.00
N ALA A 724 -5.26 15.62 3.53
CA ALA A 724 -5.02 15.88 2.12
C ALA A 724 -3.57 16.25 1.83
N GLY A 725 -2.74 16.40 2.86
CA GLY A 725 -1.33 16.62 2.62
C GLY A 725 -0.68 15.49 1.84
N TYR A 726 -1.08 14.26 2.09
CA TYR A 726 -0.70 13.12 1.25
C TYR A 726 -1.81 12.95 0.25
N PHE A 727 -1.66 13.59 -0.88
CA PHE A 727 -2.79 13.86 -1.75
C PHE A 727 -3.47 12.62 -2.35
N PRO A 728 -2.84 11.45 -2.47
CA PRO A 728 -3.62 10.29 -2.95
C PRO A 728 -4.75 9.89 -2.01
N ASN A 729 -4.65 10.23 -0.71
CA ASN A 729 -5.75 9.98 0.21
C ASN A 729 -6.95 10.89 -0.10
N ARG A 730 -6.69 12.12 -0.52
CA ARG A 730 -7.74 13.09 -0.81
C ARG A 730 -7.30 13.96 -1.98
N PRO A 731 -7.39 13.46 -3.22
CA PRO A 731 -6.96 14.26 -4.38
C PRO A 731 -7.95 15.37 -4.68
N THR A 732 -7.41 16.50 -5.13
CA THR A 732 -8.28 17.61 -5.51
C THR A 732 -8.82 17.48 -6.93
N ILE A 733 -8.30 16.53 -7.71
CA ILE A 733 -8.73 16.36 -9.10
C ILE A 733 -8.48 14.92 -9.53
N ALA A 734 -9.42 14.39 -10.33
CA ALA A 734 -9.27 13.13 -11.02
C ALA A 734 -9.22 13.48 -12.50
N ARG A 735 -8.05 13.31 -13.12
CA ARG A 735 -7.83 13.94 -14.42
C ARG A 735 -8.32 13.10 -15.59
N THR A 736 -8.51 11.79 -15.43
CA THR A 736 -8.82 10.87 -16.53
C THR A 736 -10.08 10.07 -16.24
N ASN A 737 -10.74 9.60 -17.30
CA ASN A 737 -11.96 8.82 -17.14
C ASN A 737 -11.67 7.43 -16.62
N LEU A 738 -12.71 6.78 -16.09
CA LEU A 738 -12.58 5.40 -15.66
C LEU A 738 -12.23 4.54 -16.87
N PRO A 739 -11.34 3.56 -16.74
CA PRO A 739 -11.04 2.69 -17.88
C PRO A 739 -12.25 1.93 -18.41
N SER A 740 -13.30 1.72 -17.60
CA SER A 740 -14.49 1.03 -18.06
C SER A 740 -15.50 1.95 -18.73
N GLU A 741 -15.15 3.21 -18.97
CA GLU A 741 -16.03 4.12 -19.72
C GLU A 741 -15.64 4.01 -21.19
N ASP A 742 -16.52 3.40 -21.99
CA ASP A 742 -16.33 3.19 -23.43
C ASP A 742 -14.88 2.79 -23.74
N PRO A 743 -14.39 1.70 -23.14
CA PRO A 743 -12.98 1.36 -23.31
C PRO A 743 -12.67 0.95 -24.75
N THR A 744 -11.44 1.23 -25.17
CA THR A 744 -10.84 0.64 -26.35
C THR A 744 -9.97 -0.53 -25.92
N GLU A 745 -9.73 -1.45 -26.86
CA GLU A 745 -8.92 -2.62 -26.53
C GLU A 745 -7.53 -2.20 -26.07
N GLU A 746 -6.96 -1.20 -26.71
CA GLU A 746 -5.58 -0.83 -26.37
C GLU A 746 -5.51 -0.12 -25.01
N GLY A 747 -6.48 0.74 -24.71
CA GLY A 747 -6.51 1.37 -23.40
C GLY A 747 -6.80 0.37 -22.29
N TRP A 748 -7.80 -0.47 -22.47
CA TRP A 748 -8.09 -1.50 -21.49
C TRP A 748 -6.85 -2.35 -21.22
N ARG A 749 -6.14 -2.75 -22.27
CA ARG A 749 -4.95 -3.58 -22.09
C ARG A 749 -3.87 -2.83 -21.34
N ARG A 750 -3.71 -1.53 -21.61
CA ARG A 750 -2.83 -0.72 -20.77
C ARG A 750 -3.26 -0.80 -19.31
N PHE A 751 -4.58 -0.71 -19.06
CA PHE A 751 -5.07 -0.75 -17.70
C PHE A 751 -4.74 -2.08 -17.03
N LEU A 752 -5.02 -3.19 -17.73
CA LEU A 752 -4.75 -4.52 -17.16
C LEU A 752 -3.26 -4.72 -16.90
N HIS A 753 -2.41 -4.19 -17.77
CA HIS A 753 -0.97 -4.43 -17.68
C HIS A 753 -0.36 -3.74 -16.46
N LYS A 754 -0.75 -2.49 -16.20
CA LYS A 754 -0.11 -1.65 -15.20
C LYS A 754 -1.16 -0.74 -14.58
N PRO A 755 -2.06 -1.30 -13.77
CA PRO A 755 -3.16 -0.49 -13.25
C PRO A 755 -2.71 0.69 -12.40
N GLU A 756 -1.60 0.56 -11.66
CA GLU A 756 -1.15 1.69 -10.87
C GLU A 756 -0.80 2.90 -11.74
N ASN A 757 -0.50 2.69 -13.02
CA ASN A 757 -0.20 3.82 -13.89
C ASN A 757 -1.45 4.56 -14.30
N GLU A 758 -2.58 3.86 -14.39
CA GLU A 758 -3.86 4.54 -14.54
C GLU A 758 -4.15 5.41 -13.32
N LEU A 759 -3.88 4.92 -12.12
CA LEU A 759 -4.10 5.79 -10.95
C LEU A 759 -3.16 6.99 -11.00
N LEU A 760 -1.90 6.80 -11.38
CA LEU A 760 -0.98 7.93 -11.42
C LEU A 760 -1.41 8.98 -12.44
N ALA A 761 -1.89 8.53 -13.60
CA ALA A 761 -2.35 9.45 -14.64
C ALA A 761 -3.63 10.17 -14.23
N CYS A 762 -4.37 9.61 -13.29
CA CYS A 762 -5.58 10.22 -12.81
C CYS A 762 -5.32 11.20 -11.67
N LEU A 763 -4.29 10.95 -10.85
CA LEU A 763 -3.98 11.80 -9.71
C LEU A 763 -3.42 13.14 -10.16
N PRO A 764 -3.37 14.12 -9.26
CA PRO A 764 -2.85 15.44 -9.62
C PRO A 764 -1.47 15.39 -10.28
N THR A 765 -1.19 16.41 -11.09
CA THR A 765 0.16 16.61 -11.60
C THR A 765 1.10 17.03 -10.49
N GLN A 766 2.40 16.99 -10.82
CA GLN A 766 3.40 17.43 -9.86
C GLN A 766 3.20 18.89 -9.52
N LEU A 767 2.81 19.71 -10.50
CA LEU A 767 2.59 21.12 -10.24
C LEU A 767 1.35 21.34 -9.38
N GLN A 768 0.26 20.63 -9.69
CA GLN A 768 -0.94 20.76 -8.88
C GLN A 768 -0.70 20.26 -7.46
N ALA A 769 0.08 19.20 -7.30
CA ALA A 769 0.35 18.65 -5.97
C ALA A 769 1.13 19.63 -5.11
N ALA A 770 2.22 20.18 -5.66
CA ALA A 770 3.04 21.11 -4.89
C ALA A 770 2.24 22.35 -4.51
N LYS A 771 1.37 22.81 -5.40
CA LYS A 771 0.61 24.02 -5.11
C LYS A 771 -0.42 23.77 -4.01
N VAL A 772 -1.15 22.67 -4.11
CA VAL A 772 -2.16 22.34 -3.11
C VAL A 772 -1.50 22.06 -1.76
N LEU A 773 -0.46 21.24 -1.75
CA LEU A 773 0.23 20.95 -0.49
C LEU A 773 0.74 22.23 0.17
N THR A 774 1.32 23.15 -0.62
CA THR A 774 1.78 24.42 -0.07
C THR A 774 0.64 25.18 0.60
N VAL A 775 -0.48 25.34 -0.10
CA VAL A 775 -1.59 26.12 0.44
C VAL A 775 -2.20 25.42 1.65
N LEU A 776 -2.43 24.12 1.56
CA LEU A 776 -3.07 23.40 2.66
C LEU A 776 -2.21 23.39 3.90
N ASP A 777 -0.88 23.33 3.74
CA ASP A 777 -0.03 23.39 4.93
C ASP A 777 -0.20 24.73 5.63
N VAL A 778 -0.27 25.82 4.85
CA VAL A 778 -0.47 27.15 5.44
C VAL A 778 -1.85 27.26 6.08
N LEU A 779 -2.90 26.79 5.40
CA LEU A 779 -4.26 26.91 5.93
C LEU A 779 -4.44 26.16 7.25
N SER A 780 -3.67 25.09 7.47
CA SER A 780 -3.83 24.25 8.65
C SER A 780 -2.99 24.72 9.83
N SER A 781 -2.26 25.81 9.67
CA SER A 781 -1.29 26.23 10.65
C SER A 781 -1.90 27.30 11.56
N HIS A 782 -1.86 27.06 12.87
CA HIS A 782 -2.25 28.07 13.85
C HIS A 782 -1.11 29.08 14.03
N SER A 783 -1.39 30.35 13.83
CA SER A 783 -0.33 31.34 14.00
C SER A 783 -0.01 31.52 15.49
N PRO A 784 1.17 32.06 15.81
CA PRO A 784 1.50 32.34 17.22
C PRO A 784 0.48 33.18 17.97
N ASP A 785 -0.14 34.18 17.33
CA ASP A 785 -1.13 35.01 18.00
C ASP A 785 -2.56 34.55 17.75
N GLU A 786 -2.77 33.28 17.41
CA GLU A 786 -4.12 32.77 17.24
C GLU A 786 -4.92 32.96 18.52
N GLU A 787 -6.18 33.38 18.37
CA GLU A 787 -7.03 33.68 19.51
C GLU A 787 -8.03 32.56 19.66
N TYR A 788 -7.86 31.74 20.71
CA TYR A 788 -8.64 30.52 20.88
C TYR A 788 -9.92 30.81 21.63
N LEU A 789 -11.00 30.24 21.13
CA LEU A 789 -12.32 30.27 21.73
C LEU A 789 -12.24 30.10 23.25
N GLY A 790 -12.68 31.14 23.95
CA GLY A 790 -12.82 31.07 25.38
C GLY A 790 -11.53 31.01 26.16
N GLU A 791 -10.42 31.51 25.60
CA GLU A 791 -9.19 31.57 26.37
C GLU A 791 -8.96 32.97 26.95
N HIS A 792 -8.92 34.00 26.12
CA HIS A 792 -8.81 35.39 26.59
C HIS A 792 -10.09 36.16 26.32
N LEU A 793 -10.44 37.04 27.25
CA LEU A 793 -11.69 37.77 27.09
C LEU A 793 -11.45 39.10 26.40
N GLU A 794 -12.54 39.65 25.87
CA GLU A 794 -12.53 40.97 25.28
C GLU A 794 -12.45 42.05 26.38
N PRO A 795 -11.84 43.20 26.09
CA PRO A 795 -11.85 44.30 27.08
C PRO A 795 -13.21 44.60 27.70
N ALA A 796 -14.26 44.75 26.89
CA ALA A 796 -15.55 45.11 27.45
C ALA A 796 -16.15 43.98 28.27
N TRP A 797 -15.76 42.73 27.97
CA TRP A 797 -16.25 41.60 28.75
C TRP A 797 -15.64 41.58 30.14
N GLY A 798 -14.33 41.83 30.21
CA GLY A 798 -13.64 41.84 31.48
C GLY A 798 -13.94 43.06 32.32
N ALA A 799 -14.53 44.10 31.73
CA ALA A 799 -14.87 45.35 32.44
C ALA A 799 -16.18 45.25 33.18
N ASP A 800 -16.99 44.22 32.93
CA ASP A 800 -18.27 44.07 33.59
C ASP A 800 -18.24 42.81 34.45
N PRO A 801 -18.38 42.92 35.78
CA PRO A 801 -18.08 41.76 36.65
C PRO A 801 -18.93 40.54 36.35
N LEU A 802 -20.21 40.70 36.04
CA LEU A 802 -21.04 39.53 35.76
C LEU A 802 -20.70 38.87 34.41
N ILE A 803 -20.33 39.68 33.41
CA ILE A 803 -19.88 39.11 32.15
C ILE A 803 -18.56 38.39 32.32
N LYS A 804 -17.62 39.02 33.04
CA LYS A 804 -16.33 38.37 33.29
C LYS A 804 -16.52 37.03 33.96
N ALA A 805 -17.45 36.94 34.92
CA ALA A 805 -17.73 35.68 35.58
C ALA A 805 -18.30 34.65 34.61
N ALA A 806 -19.23 35.06 33.76
CA ALA A 806 -19.79 34.14 32.77
C ALA A 806 -18.72 33.70 31.79
N PHE A 807 -17.79 34.58 31.45
CA PHE A 807 -16.70 34.15 30.58
C PHE A 807 -15.83 33.11 31.28
N GLU A 808 -15.59 33.30 32.59
CA GLU A 808 -14.82 32.32 33.34
C GLU A 808 -15.51 30.97 33.36
N ARG A 809 -16.82 30.95 33.54
CA ARG A 809 -17.51 29.66 33.47
C ARG A 809 -17.41 29.05 32.06
N PHE A 810 -17.43 29.89 31.02
CA PHE A 810 -17.27 29.41 29.64
C PHE A 810 -15.90 28.78 29.44
N SER A 811 -14.86 29.47 29.89
CA SER A 811 -13.49 28.98 29.77
C SER A 811 -13.30 27.65 30.50
N GLY A 812 -13.90 27.53 31.69
CA GLY A 812 -13.82 26.29 32.43
C GLY A 812 -14.55 25.15 31.73
N ARG A 813 -15.74 25.43 31.19
CA ARG A 813 -16.45 24.42 30.44
C ARG A 813 -15.61 23.90 29.27
N LEU A 814 -14.91 24.81 28.56
CA LEU A 814 -14.09 24.39 27.42
C LEU A 814 -12.89 23.56 27.85
N LYS A 815 -12.26 23.93 28.97
CA LYS A 815 -11.16 23.13 29.49
C LYS A 815 -11.64 21.75 29.88
N GLU A 816 -12.83 21.66 30.48
CA GLU A 816 -13.40 20.35 30.78
C GLU A 816 -13.61 19.55 29.50
N ILE A 817 -14.07 20.21 28.43
CA ILE A 817 -14.34 19.53 27.16
C ILE A 817 -13.05 18.97 26.58
N GLU A 818 -11.93 19.68 26.76
CA GLU A 818 -10.62 19.17 26.41
C GLU A 818 -10.38 17.80 27.05
N GLY A 819 -10.69 17.69 28.35
CA GLY A 819 -10.53 16.44 29.05
C GLY A 819 -11.54 15.37 28.67
N ILE A 820 -12.73 15.78 28.24
CA ILE A 820 -13.71 14.80 27.78
C ILE A 820 -13.29 14.22 26.44
N ILE A 821 -12.81 15.09 25.54
CA ILE A 821 -12.36 14.63 24.24
C ILE A 821 -11.16 13.71 24.39
N ASP A 822 -10.21 14.08 25.26
CA ASP A 822 -9.02 13.25 25.44
C ASP A 822 -9.39 11.85 25.92
N ALA A 823 -10.42 11.73 26.78
CA ALA A 823 -10.85 10.41 27.20
C ALA A 823 -11.51 9.65 26.07
N ARG A 824 -12.34 10.33 25.27
CA ARG A 824 -12.97 9.66 24.12
C ARG A 824 -11.93 9.10 23.17
N ASN A 825 -10.78 9.79 23.01
CA ASN A 825 -9.80 9.24 22.09
C ASN A 825 -9.07 8.04 22.66
N GLU A 826 -9.24 7.74 23.94
CA GLU A 826 -8.69 6.54 24.55
C GLU A 826 -9.72 5.43 24.73
N ASP A 827 -10.94 5.60 24.20
CA ASP A 827 -12.01 4.63 24.39
C ASP A 827 -12.03 3.64 23.21
N LYS A 828 -11.58 2.41 23.46
CA LYS A 828 -11.55 1.40 22.40
C LYS A 828 -12.93 1.06 21.85
N ASN A 829 -14.02 1.46 22.51
CA ASN A 829 -15.34 1.24 21.91
C ASN A 829 -15.69 2.27 20.85
N LEU A 830 -14.94 3.38 20.78
CA LEU A 830 -15.19 4.42 19.79
C LEU A 830 -14.22 4.18 18.62
N LYS A 831 -14.56 3.17 17.82
CA LYS A 831 -13.65 2.72 16.77
C LYS A 831 -13.45 3.76 15.68
N ASN A 832 -14.31 4.78 15.59
CA ASN A 832 -14.12 5.80 14.59
C ASN A 832 -13.13 6.86 14.99
N ARG A 833 -12.55 6.75 16.19
CA ARG A 833 -11.49 7.65 16.63
C ARG A 833 -10.38 6.97 17.41
N HIS A 834 -10.49 5.67 17.70
CA HIS A 834 -9.48 4.92 18.42
C HIS A 834 -9.26 3.58 17.72
N GLY A 835 -8.02 3.25 17.44
CA GLY A 835 -7.73 1.99 16.78
C GLY A 835 -6.31 1.98 16.28
N ALA A 836 -5.90 0.80 15.80
CA ALA A 836 -4.52 0.64 15.32
C ALA A 836 -4.26 1.57 14.15
N GLY A 837 -3.26 2.43 14.29
CA GLY A 837 -2.96 3.41 13.26
C GLY A 837 -3.98 4.52 13.03
N VAL A 838 -5.01 4.64 13.87
CA VAL A 838 -6.06 5.62 13.66
C VAL A 838 -5.66 6.96 14.25
N VAL A 839 -5.94 8.04 13.51
CA VAL A 839 -5.70 9.41 13.98
C VAL A 839 -6.74 9.76 15.03
N PRO A 840 -6.35 10.16 16.24
CA PRO A 840 -7.33 10.60 17.24
C PRO A 840 -8.04 11.85 16.75
N TYR A 841 -9.32 11.98 17.09
CA TYR A 841 -10.09 13.14 16.67
C TYR A 841 -9.86 14.26 17.67
N GLU A 842 -9.03 15.24 17.29
CA GLU A 842 -8.69 16.38 18.15
C GLU A 842 -9.05 17.73 17.54
N LEU A 843 -9.79 17.76 16.44
CA LEU A 843 -9.97 19.01 15.71
C LEU A 843 -10.88 19.98 16.44
N LEU A 844 -11.70 19.50 17.37
CA LEU A 844 -12.56 20.35 18.17
C LEU A 844 -12.08 20.50 19.62
N LYS A 845 -10.86 20.06 19.93
CA LYS A 845 -10.25 20.47 21.19
C LYS A 845 -10.02 21.97 21.15
N PRO A 846 -10.47 22.73 22.15
CA PRO A 846 -10.48 24.19 21.99
C PRO A 846 -9.11 24.81 21.91
N PHE A 847 -8.14 24.31 22.68
CA PHE A 847 -6.90 25.04 22.89
C PHE A 847 -5.75 24.31 22.20
N SER A 848 -4.74 25.09 21.79
CA SER A 848 -3.62 24.52 21.05
C SER A 848 -2.46 25.48 21.08
N GLY A 849 -1.27 24.95 20.79
CA GLY A 849 -0.11 25.78 20.50
C GLY A 849 -0.04 26.13 19.04
N ALA A 850 1.03 26.82 18.67
CA ALA A 850 1.17 27.26 17.28
C ALA A 850 1.59 26.10 16.38
N GLY A 851 1.32 26.26 15.10
CA GLY A 851 1.75 25.31 14.09
C GLY A 851 0.60 24.48 13.56
N VAL A 852 0.95 23.45 12.80
CA VAL A 852 -0.02 22.49 12.27
C VAL A 852 -0.17 21.43 13.34
N THR A 853 -1.11 21.64 14.25
CA THR A 853 -1.28 20.78 15.42
C THR A 853 -2.47 19.85 15.32
N GLY A 854 -3.38 20.09 14.38
CA GLY A 854 -4.58 19.28 14.28
C GLY A 854 -5.59 19.49 15.38
N LYS A 855 -5.49 20.58 16.13
CA LYS A 855 -6.42 20.87 17.22
C LYS A 855 -6.47 22.39 17.41
N GLY A 856 -7.40 22.83 18.24
CA GLY A 856 -7.49 24.24 18.54
C GLY A 856 -8.58 24.92 17.74
N VAL A 857 -9.51 25.59 18.41
CA VAL A 857 -10.66 26.23 17.78
C VAL A 857 -10.58 27.74 17.98
N PRO A 858 -10.23 28.52 16.96
CA PRO A 858 -10.24 29.99 17.11
C PRO A 858 -11.66 30.53 17.24
N TYR A 859 -11.75 31.75 17.81
CA TYR A 859 -13.00 32.50 17.81
C TYR A 859 -13.56 32.65 16.40
N SER A 860 -12.71 33.03 15.45
CA SER A 860 -13.13 33.51 14.15
C SER A 860 -12.58 32.63 13.03
N ILE A 861 -13.09 32.88 11.81
CA ILE A 861 -12.49 32.40 10.58
C ILE A 861 -11.24 33.22 10.34
N SER A 862 -10.09 32.67 10.69
CA SER A 862 -8.85 33.45 10.75
C SER A 862 -7.90 33.10 9.63
N ILE A 863 -8.22 32.08 8.84
CA ILE A 863 -7.33 31.59 7.82
C ILE A 863 -8.19 30.84 6.81
N SER B 29 38.73 -59.41 -43.00
CA SER B 29 39.48 -58.34 -42.34
C SER B 29 39.05 -56.98 -42.87
N VAL B 30 38.53 -56.14 -41.99
CA VAL B 30 37.98 -54.83 -42.35
C VAL B 30 38.76 -53.76 -41.61
N SER B 31 39.12 -52.69 -42.32
CA SER B 31 39.92 -51.61 -41.76
C SER B 31 38.99 -50.51 -41.25
N VAL B 32 39.10 -50.19 -39.97
CA VAL B 32 38.19 -49.25 -39.34
C VAL B 32 39.00 -48.13 -38.70
N LYS B 33 38.43 -46.94 -38.72
CA LYS B 33 39.03 -45.76 -38.10
C LYS B 33 38.14 -45.33 -36.93
N ALA B 34 38.74 -45.14 -35.76
CA ALA B 34 38.01 -44.60 -34.61
C ALA B 34 38.34 -43.12 -34.42
N THR B 35 37.30 -42.30 -34.22
CA THR B 35 37.44 -40.87 -33.94
C THR B 35 36.82 -40.56 -32.58
N VAL B 36 37.63 -40.61 -31.54
CA VAL B 36 37.21 -40.20 -30.20
C VAL B 36 37.29 -38.68 -30.12
N THR B 37 36.25 -38.06 -29.56
CA THR B 37 36.21 -36.61 -29.39
C THR B 37 36.16 -36.28 -27.91
N VAL B 38 37.16 -35.56 -27.43
CA VAL B 38 37.27 -35.22 -26.02
C VAL B 38 37.17 -33.72 -25.85
N LYS B 39 36.44 -33.29 -24.82
CA LYS B 39 36.23 -31.89 -24.52
C LYS B 39 37.35 -31.37 -23.62
N LEU B 40 37.80 -30.14 -23.89
CA LEU B 40 38.87 -29.51 -23.13
C LEU B 40 38.28 -28.77 -21.93
N THR B 41 38.57 -29.27 -20.73
CA THR B 41 38.02 -28.76 -19.48
C THR B 41 38.65 -29.54 -18.34
N VAL B 42 38.43 -29.06 -17.11
CA VAL B 42 39.03 -29.67 -15.92
C VAL B 42 38.03 -29.56 -14.78
N GLY B 43 38.15 -30.46 -13.80
CA GLY B 43 37.23 -30.47 -12.68
C GLY B 43 37.53 -29.37 -11.67
N GLY B 44 36.45 -28.87 -11.05
CA GLY B 44 36.58 -27.85 -10.03
C GLY B 44 36.98 -26.49 -10.55
N PHE B 45 36.70 -26.21 -11.83
CA PHE B 45 37.08 -24.94 -12.44
C PHE B 45 36.54 -23.75 -11.65
N LEU B 46 35.28 -23.82 -11.21
CA LEU B 46 34.65 -22.67 -10.56
C LEU B 46 35.34 -22.33 -9.25
N SER B 47 35.60 -23.34 -8.40
CA SER B 47 36.26 -23.12 -7.11
C SER B 47 37.56 -22.34 -7.25
N SER B 48 38.26 -22.50 -8.37
CA SER B 48 39.44 -21.68 -8.64
C SER B 48 39.03 -20.28 -9.09
N LEU B 49 38.11 -20.19 -10.06
CA LEU B 49 37.65 -18.88 -10.54
C LEU B 49 37.04 -18.05 -9.41
N ILE B 50 36.32 -18.68 -8.49
CA ILE B 50 35.80 -17.97 -7.33
C ILE B 50 36.78 -18.03 -6.16
N GLY B 51 38.06 -18.19 -6.44
CA GLY B 51 39.12 -18.01 -5.47
C GLY B 51 38.91 -18.62 -4.11
N LEU B 52 38.59 -19.91 -4.09
CA LEU B 52 38.36 -20.64 -2.85
C LEU B 52 39.34 -21.79 -2.64
N SER B 53 39.84 -22.39 -3.72
CA SER B 53 40.77 -23.50 -3.62
C SER B 53 41.61 -23.63 -4.89
N ASP B 57 45.67 -26.37 -14.06
CA ASP B 57 47.00 -26.87 -14.37
C ASP B 57 47.53 -26.36 -15.70
N ASP B 58 46.82 -25.39 -16.28
CA ASP B 58 47.06 -24.82 -17.61
C ASP B 58 46.53 -25.73 -18.71
N VAL B 59 45.92 -25.13 -19.73
CA VAL B 59 45.31 -25.82 -20.86
C VAL B 59 46.22 -26.91 -21.44
N SER B 60 47.54 -26.72 -21.36
CA SER B 60 48.47 -27.69 -21.95
C SER B 60 48.40 -29.03 -21.22
N ASP B 61 48.53 -29.01 -19.89
CA ASP B 61 48.55 -30.22 -19.07
C ASP B 61 47.16 -30.84 -18.88
N TRP B 62 46.09 -30.17 -19.29
CA TRP B 62 44.74 -30.67 -19.02
C TRP B 62 44.53 -32.06 -19.64
N LEU B 63 44.73 -32.15 -20.95
CA LEU B 63 44.47 -33.40 -21.68
C LEU B 63 45.55 -34.44 -21.38
N GLY B 64 45.56 -35.50 -22.17
CA GLY B 64 46.52 -36.56 -21.98
C GLY B 64 47.14 -37.02 -23.28
N LYS B 65 47.92 -38.10 -23.22
CA LYS B 65 48.73 -38.54 -24.35
C LYS B 65 47.99 -39.54 -25.24
N THR B 66 47.68 -40.71 -24.70
CA THR B 66 47.11 -41.79 -25.47
C THR B 66 45.78 -42.26 -24.87
N LEU B 67 45.05 -43.01 -25.69
CA LEU B 67 43.79 -43.63 -25.31
C LEU B 67 43.74 -45.01 -25.95
N LEU B 68 43.67 -46.05 -25.12
CA LEU B 68 43.51 -47.41 -25.61
C LEU B 68 42.03 -47.72 -25.79
N LEU B 69 41.62 -47.98 -27.04
CA LEU B 69 40.25 -48.31 -27.39
C LEU B 69 40.16 -49.78 -27.77
N GLU B 70 39.17 -50.48 -27.23
CA GLU B 70 38.94 -51.89 -27.56
C GLU B 70 37.51 -52.05 -28.03
N VAL B 71 37.36 -52.58 -29.24
CA VAL B 71 36.05 -52.84 -29.83
C VAL B 71 35.52 -54.17 -29.31
N VAL B 72 34.22 -54.21 -28.98
CA VAL B 72 33.58 -55.37 -28.39
C VAL B 72 32.50 -55.83 -29.35
N SER B 73 32.61 -57.07 -29.83
CA SER B 73 31.55 -57.65 -30.65
C SER B 73 30.35 -58.04 -29.80
N SER B 74 29.17 -57.88 -30.37
CA SER B 74 27.91 -58.24 -29.72
C SER B 74 27.61 -59.74 -29.74
N GLU B 75 28.44 -60.58 -30.35
CA GLU B 75 28.15 -62.00 -30.48
C GLU B 75 29.27 -62.84 -29.88
N VAL B 76 28.89 -63.91 -29.18
CA VAL B 76 29.84 -64.88 -28.64
C VAL B 76 30.35 -65.78 -29.77
N ASP B 77 31.37 -66.56 -29.49
CA ASP B 77 31.87 -67.51 -30.48
C ASP B 77 30.76 -68.52 -30.84
N PRO B 78 30.29 -68.55 -32.09
CA PRO B 78 29.22 -69.51 -32.44
C PRO B 78 29.63 -70.96 -32.19
N LYS B 79 30.94 -71.24 -32.15
CA LYS B 79 31.42 -72.59 -31.84
C LYS B 79 31.42 -72.83 -30.33
N THR B 80 32.38 -72.22 -29.62
CA THR B 80 32.51 -72.48 -28.18
C THR B 80 31.30 -71.99 -27.39
N GLY B 81 30.65 -70.93 -27.85
CA GLY B 81 29.70 -70.22 -27.01
C GLY B 81 30.34 -69.29 -26.01
N LEU B 82 31.66 -69.15 -26.04
CA LEU B 82 32.38 -68.24 -25.17
C LEU B 82 32.51 -66.88 -25.83
N GLU B 83 32.71 -65.86 -24.99
CA GLU B 83 32.85 -64.50 -25.49
C GLU B 83 34.14 -64.36 -26.28
N LYS B 84 34.03 -63.80 -27.49
CA LYS B 84 35.19 -63.42 -28.25
C LYS B 84 35.96 -62.33 -27.51
N LYS B 85 37.22 -62.21 -27.83
CA LYS B 85 38.01 -61.19 -27.15
C LYS B 85 37.98 -59.89 -27.94
N PRO B 86 38.24 -58.77 -27.29
CA PRO B 86 38.13 -57.48 -27.98
C PRO B 86 39.36 -57.15 -28.81
N ILE B 87 39.12 -56.45 -29.92
CA ILE B 87 40.18 -55.95 -30.81
C ILE B 87 40.66 -54.61 -30.30
N GLY B 88 41.97 -54.45 -30.16
CA GLY B 88 42.55 -53.25 -29.57
C GLY B 88 43.02 -52.24 -30.60
N ALA B 89 43.61 -51.16 -30.08
CA ALA B 89 44.25 -50.07 -30.81
C ALA B 89 44.48 -48.87 -29.88
N TYR B 90 45.68 -48.31 -29.89
CA TYR B 90 45.92 -47.07 -29.17
C TYR B 90 45.50 -45.87 -30.02
N ALA B 91 44.83 -44.91 -29.39
CA ALA B 91 44.42 -43.68 -30.04
C ALA B 91 45.34 -42.55 -29.62
N HIS B 92 45.62 -41.65 -30.55
CA HIS B 92 46.66 -40.65 -30.38
C HIS B 92 46.11 -39.28 -30.70
N ARG B 93 46.38 -38.32 -29.81
CA ARG B 93 46.04 -36.91 -30.02
C ARG B 93 46.28 -36.50 -31.47
N ALA B 94 45.21 -36.11 -32.16
CA ALA B 94 45.30 -35.89 -33.59
C ALA B 94 45.05 -34.44 -33.98
N ALA B 95 43.96 -33.84 -33.52
CA ALA B 95 43.56 -32.51 -33.95
C ALA B 95 43.23 -31.65 -32.74
N GLU B 96 43.00 -30.36 -33.02
CA GLU B 96 42.72 -29.38 -31.98
C GLU B 96 41.74 -28.35 -32.55
N LYS B 97 40.48 -28.42 -32.14
CA LYS B 97 39.42 -27.56 -32.66
C LYS B 97 38.33 -27.38 -31.63
N ASP B 98 37.93 -26.12 -31.39
CA ASP B 98 36.67 -25.78 -30.72
C ASP B 98 36.59 -26.32 -29.28
N GLY B 99 37.70 -26.35 -28.56
CA GLY B 99 37.72 -26.94 -27.23
C GLY B 99 37.44 -28.42 -27.26
N GLU B 100 37.52 -29.01 -28.46
CA GLU B 100 37.22 -30.42 -28.73
C GLU B 100 38.47 -31.04 -29.36
N VAL B 101 39.28 -31.64 -28.53
CA VAL B 101 40.44 -32.38 -28.99
C VAL B 101 40.01 -33.80 -29.33
N THR B 102 40.47 -34.31 -30.47
CA THR B 102 40.13 -35.64 -30.92
C THR B 102 41.34 -36.54 -30.91
N TYR B 103 41.14 -37.77 -30.47
CA TYR B 103 42.11 -38.84 -30.61
C TYR B 103 41.72 -39.72 -31.78
N GLU B 104 42.70 -40.41 -32.36
CA GLU B 104 42.46 -41.16 -33.58
C GLU B 104 43.20 -42.49 -33.54
N SER B 105 42.59 -43.51 -34.13
CA SER B 105 43.12 -44.87 -34.07
C SER B 105 42.62 -45.65 -35.27
N ASP B 106 43.54 -46.09 -36.12
CA ASP B 106 43.21 -46.94 -37.26
C ASP B 106 43.60 -48.38 -36.94
N PHE B 107 42.70 -49.31 -37.24
CA PHE B 107 42.95 -50.71 -36.94
C PHE B 107 42.05 -51.58 -37.81
N VAL B 108 42.26 -52.89 -37.73
CA VAL B 108 41.65 -53.84 -38.64
C VAL B 108 40.87 -54.89 -37.85
N ILE B 109 39.66 -55.17 -38.30
CA ILE B 109 38.73 -56.07 -37.62
C ILE B 109 38.54 -57.30 -38.51
N PRO B 110 38.61 -58.51 -37.96
CA PRO B 110 38.37 -59.71 -38.79
C PRO B 110 37.00 -59.73 -39.43
N ASP B 111 36.88 -60.54 -40.50
CA ASP B 111 35.62 -60.66 -41.22
C ASP B 111 34.56 -61.37 -40.38
N ASP B 112 34.96 -62.23 -39.46
CA ASP B 112 34.05 -63.04 -38.67
C ASP B 112 33.81 -62.47 -37.27
N PHE B 113 33.94 -61.15 -37.09
CA PHE B 113 33.83 -60.58 -35.76
C PHE B 113 32.37 -60.42 -35.34
N GLY B 114 31.57 -59.80 -36.19
CA GLY B 114 30.17 -59.50 -35.90
C GLY B 114 29.95 -58.01 -35.77
N GLU B 115 28.68 -57.64 -35.59
CA GLU B 115 28.35 -56.24 -35.31
C GLU B 115 28.94 -55.84 -33.96
N ILE B 116 29.61 -54.70 -33.92
CA ILE B 116 30.21 -54.28 -32.67
C ILE B 116 29.13 -53.73 -31.74
N GLY B 117 29.14 -54.19 -30.50
CA GLY B 117 28.14 -53.77 -29.54
C GLY B 117 28.63 -52.78 -28.52
N ALA B 118 29.95 -52.69 -28.31
CA ALA B 118 30.47 -51.78 -27.30
C ALA B 118 31.93 -51.47 -27.62
N VAL B 119 32.46 -50.46 -26.92
CA VAL B 119 33.88 -50.11 -26.98
C VAL B 119 34.38 -49.86 -25.56
N LEU B 120 35.48 -50.52 -25.19
CA LEU B 120 36.13 -50.25 -23.91
C LEU B 120 37.20 -49.19 -24.11
N VAL B 121 37.43 -48.39 -23.07
CA VAL B 121 38.33 -47.25 -23.16
C VAL B 121 39.23 -47.21 -21.93
N GLN B 122 40.50 -46.85 -22.15
CA GLN B 122 41.49 -46.70 -21.10
C GLN B 122 42.25 -45.40 -21.32
N ASN B 123 42.46 -44.66 -20.23
CA ASN B 123 43.09 -43.35 -20.29
C ASN B 123 44.47 -43.44 -19.66
N GLU B 124 45.50 -43.09 -20.45
CA GLU B 124 46.87 -43.20 -20.01
C GLU B 124 47.29 -42.01 -19.15
N HIS B 125 46.73 -40.84 -19.43
CA HIS B 125 47.05 -39.62 -18.69
C HIS B 125 46.86 -39.81 -17.19
N HIS B 126 47.64 -39.04 -16.42
CA HIS B 126 47.48 -39.02 -14.97
C HIS B 126 46.21 -38.30 -14.54
N LYS B 127 45.70 -37.37 -15.35
CA LYS B 127 44.44 -36.70 -15.08
C LYS B 127 43.32 -37.34 -15.87
N GLU B 128 42.12 -37.39 -15.28
CA GLU B 128 40.93 -37.82 -15.99
C GLU B 128 40.67 -36.92 -17.21
N MET B 129 39.85 -37.41 -18.14
CA MET B 129 39.45 -36.62 -19.30
C MET B 129 37.99 -36.91 -19.61
N TYR B 130 37.35 -35.99 -20.36
CA TYR B 130 35.92 -36.04 -20.60
C TYR B 130 35.65 -36.26 -22.09
N LEU B 131 35.12 -37.43 -22.43
CA LEU B 131 34.86 -37.79 -23.81
C LEU B 131 33.43 -37.40 -24.18
N ARG B 132 33.26 -36.75 -25.33
CA ARG B 132 31.93 -36.49 -25.84
C ARG B 132 31.35 -37.72 -26.54
N TYR B 133 31.97 -38.17 -27.62
CA TYR B 133 31.45 -39.30 -28.38
C TYR B 133 32.58 -40.01 -29.10
N ILE B 134 32.32 -41.24 -29.50
CA ILE B 134 33.26 -42.08 -30.23
C ILE B 134 32.57 -42.54 -31.51
N VAL B 135 33.25 -42.39 -32.65
CA VAL B 135 32.68 -42.74 -33.95
C VAL B 135 33.58 -43.76 -34.62
N LEU B 136 32.98 -44.82 -35.17
CA LEU B 136 33.71 -45.87 -35.88
C LEU B 136 33.37 -45.78 -37.35
N ASP B 137 34.38 -45.49 -38.16
CA ASP B 137 34.24 -45.24 -39.58
C ASP B 137 34.92 -46.35 -40.37
N GLY B 138 34.27 -46.81 -41.44
CA GLY B 138 34.85 -47.84 -42.27
C GLY B 138 33.94 -49.02 -42.56
N PHE B 139 33.19 -49.46 -41.55
CA PHE B 139 32.24 -50.53 -41.75
C PHE B 139 31.27 -50.16 -42.87
N PRO B 140 30.85 -51.12 -43.71
CA PRO B 140 30.04 -50.76 -44.88
C PRO B 140 28.60 -50.41 -44.54
N ASN B 141 28.05 -50.93 -43.44
CA ASN B 141 26.63 -50.71 -43.14
C ASN B 141 26.33 -49.33 -42.58
N GLY B 142 27.34 -48.49 -42.37
CA GLY B 142 27.17 -47.18 -41.80
C GLY B 142 28.19 -46.90 -40.72
N PRO B 143 28.26 -45.67 -40.25
CA PRO B 143 29.12 -45.37 -39.10
C PRO B 143 28.46 -45.84 -37.81
N ILE B 144 29.31 -46.19 -36.84
CA ILE B 144 28.86 -46.65 -35.53
C ILE B 144 29.20 -45.56 -34.52
N GLU B 145 28.18 -44.99 -33.90
CA GLU B 145 28.34 -43.85 -33.00
C GLU B 145 28.09 -44.26 -31.56
N PHE B 146 29.03 -43.94 -30.68
CA PHE B 146 28.90 -44.19 -29.25
C PHE B 146 28.81 -42.86 -28.51
N ASN B 147 27.67 -42.61 -27.87
CA ASN B 147 27.52 -41.46 -26.99
C ASN B 147 28.22 -41.77 -25.67
N CYS B 148 29.27 -41.02 -25.35
CA CYS B 148 29.97 -41.21 -24.09
C CYS B 148 29.48 -40.23 -23.03
N SER B 149 29.66 -38.93 -23.26
CA SER B 149 29.32 -37.88 -22.29
C SER B 149 29.71 -38.30 -20.88
N SER B 150 31.00 -38.46 -20.68
CA SER B 150 31.44 -39.04 -19.41
C SER B 150 32.89 -38.67 -19.17
N TRP B 151 33.28 -38.71 -17.91
CA TRP B 151 34.66 -38.50 -17.51
C TRP B 151 35.35 -39.85 -17.42
N VAL B 152 36.45 -40.02 -18.15
CA VAL B 152 37.23 -41.25 -18.11
C VAL B 152 38.44 -41.00 -17.23
N ALA B 153 38.49 -41.69 -16.09
CA ALA B 153 39.55 -41.52 -15.10
C ALA B 153 40.91 -42.00 -15.63
N SER B 154 41.96 -41.72 -14.86
CA SER B 154 43.27 -42.29 -15.10
C SER B 154 43.30 -43.74 -14.68
N LYS B 155 44.03 -44.57 -15.44
CA LYS B 155 44.18 -45.97 -15.07
C LYS B 155 44.88 -46.12 -13.73
N PHE B 156 45.60 -45.08 -13.28
CA PHE B 156 46.31 -45.14 -12.00
C PHE B 156 45.35 -45.02 -10.81
N ASP B 157 44.21 -44.36 -11.00
CA ASP B 157 43.22 -44.25 -9.94
C ASP B 157 42.19 -45.38 -10.01
N ASP B 158 41.68 -45.67 -11.21
CA ASP B 158 40.91 -46.88 -11.46
C ASP B 158 41.49 -47.53 -12.71
N PRO B 159 42.03 -48.74 -12.62
CA PRO B 159 42.57 -49.39 -13.81
C PRO B 159 41.50 -49.96 -14.72
N GLN B 160 40.40 -50.43 -14.13
CA GLN B 160 39.34 -51.07 -14.90
C GLN B 160 38.82 -50.14 -16.00
N LYS B 161 38.67 -50.68 -17.20
CA LYS B 161 38.37 -49.85 -18.36
C LYS B 161 36.89 -49.53 -18.44
N ARG B 162 36.57 -48.52 -19.25
CA ARG B 162 35.22 -47.95 -19.32
C ARG B 162 34.48 -48.43 -20.56
N VAL B 163 33.26 -48.95 -20.37
CA VAL B 163 32.46 -49.50 -21.47
C VAL B 163 31.42 -48.49 -21.91
N PHE B 164 31.27 -48.33 -23.23
CA PHE B 164 30.24 -47.49 -23.82
C PHE B 164 29.49 -48.30 -24.87
N PHE B 165 28.17 -48.31 -24.75
CA PHE B 165 27.29 -49.08 -25.62
C PHE B 165 26.75 -48.24 -26.77
N THR B 166 26.28 -48.92 -27.80
CA THR B 166 25.60 -48.23 -28.90
C THR B 166 24.24 -47.72 -28.43
N ASN B 167 23.60 -46.92 -29.27
CA ASN B 167 22.32 -46.33 -28.90
C ASN B 167 21.15 -47.30 -29.01
N LYS B 168 21.40 -48.58 -29.33
CA LYS B 168 20.33 -49.57 -29.32
C LYS B 168 20.05 -50.03 -27.89
N SER B 169 18.77 -50.16 -27.56
CA SER B 169 18.35 -50.49 -26.20
C SER B 169 17.83 -51.90 -26.17
N TYR B 170 18.08 -52.58 -25.05
CA TYR B 170 17.67 -53.96 -24.87
C TYR B 170 17.17 -54.20 -23.47
N LEU B 171 16.01 -54.85 -23.35
CA LEU B 171 15.68 -55.54 -22.13
C LEU B 171 16.77 -56.58 -21.83
N PRO B 172 16.89 -57.02 -20.58
CA PRO B 172 18.02 -57.92 -20.27
C PRO B 172 18.01 -59.21 -21.07
N LEU B 173 16.84 -59.85 -21.27
CA LEU B 173 16.82 -61.11 -21.99
C LEU B 173 17.10 -60.90 -23.48
N GLU B 174 16.92 -59.69 -23.98
CA GLU B 174 17.23 -59.36 -25.37
C GLU B 174 18.68 -58.94 -25.57
N THR B 175 19.48 -58.90 -24.51
CA THR B 175 20.87 -58.49 -24.67
C THR B 175 21.60 -59.40 -25.66
N PRO B 176 22.31 -58.85 -26.64
CA PRO B 176 23.16 -59.68 -27.49
C PRO B 176 24.14 -60.49 -26.67
N SER B 177 24.43 -61.70 -27.17
CA SER B 177 25.18 -62.68 -26.39
C SER B 177 26.56 -62.14 -26.03
N GLY B 178 27.19 -61.40 -26.93
CA GLY B 178 28.50 -60.88 -26.62
C GLY B 178 28.52 -59.77 -25.58
N LEU B 179 27.35 -59.27 -25.15
CA LEU B 179 27.30 -58.17 -24.20
C LEU B 179 26.67 -58.54 -22.86
N LYS B 180 26.19 -59.78 -22.70
CA LYS B 180 25.51 -60.14 -21.45
C LYS B 180 26.44 -59.92 -20.26
N GLU B 181 27.67 -60.41 -20.33
CA GLU B 181 28.51 -60.34 -19.15
C GLU B 181 29.04 -58.93 -18.90
N ILE B 182 29.35 -58.19 -19.97
CA ILE B 182 29.81 -56.82 -19.78
C ILE B 182 28.69 -55.98 -19.19
N ARG B 183 27.44 -56.23 -19.61
CA ARG B 183 26.28 -55.51 -19.09
C ARG B 183 26.13 -55.71 -17.59
N GLU B 184 26.27 -56.95 -17.12
CA GLU B 184 26.06 -57.23 -15.70
C GLU B 184 27.23 -56.73 -14.86
N LYS B 185 28.44 -56.72 -15.44
CA LYS B 185 29.60 -56.32 -14.67
C LYS B 185 29.74 -54.80 -14.58
N GLU B 186 29.22 -54.05 -15.56
CA GLU B 186 29.17 -52.61 -15.41
C GLU B 186 28.22 -52.22 -14.29
N LEU B 187 27.12 -52.97 -14.14
CA LEU B 187 26.22 -52.74 -13.02
C LEU B 187 26.91 -53.04 -11.68
N VAL B 188 27.65 -54.16 -11.62
CA VAL B 188 28.41 -54.48 -10.41
C VAL B 188 29.37 -53.34 -10.08
N THR B 189 30.09 -52.84 -11.09
CA THR B 189 30.99 -51.71 -10.88
C THR B 189 30.26 -50.51 -10.28
N LEU B 190 29.08 -50.19 -10.81
CA LEU B 190 28.37 -49.01 -10.35
C LEU B 190 27.86 -49.16 -8.93
N ARG B 191 27.58 -50.39 -8.50
CA ARG B 191 27.02 -50.57 -7.16
C ARG B 191 28.10 -50.52 -6.08
N GLY B 192 29.34 -50.90 -6.40
CA GLY B 192 30.36 -50.91 -5.35
C GLY B 192 30.07 -51.97 -4.29
N ASN B 193 30.74 -51.82 -3.14
CA ASN B 193 30.75 -52.83 -2.09
C ASN B 193 30.17 -52.30 -0.77
N GLY B 194 29.26 -51.33 -0.82
CA GLY B 194 28.50 -50.88 0.34
C GLY B 194 29.32 -50.32 1.48
N GLN B 195 30.62 -50.25 1.29
CA GLN B 195 31.55 -49.82 2.31
C GLN B 195 32.61 -48.96 1.64
N GLY B 196 33.55 -48.47 2.44
CA GLY B 196 34.59 -47.60 1.94
C GLY B 196 34.18 -46.14 1.99
N GLU B 197 35.14 -45.28 1.69
CA GLU B 197 34.90 -43.85 1.62
C GLU B 197 35.03 -43.43 0.17
N ARG B 198 33.97 -42.79 -0.35
CA ARG B 198 33.89 -42.55 -1.78
C ARG B 198 34.90 -41.50 -2.21
N LYS B 199 35.74 -41.87 -3.17
CA LYS B 199 36.73 -40.97 -3.72
C LYS B 199 36.14 -40.24 -4.91
N SER B 200 36.86 -39.21 -5.37
CA SER B 200 36.44 -38.38 -6.49
C SER B 200 36.08 -39.17 -7.74
N TYR B 201 37.08 -39.82 -8.36
CA TYR B 201 36.91 -40.56 -9.61
C TYR B 201 35.90 -41.69 -9.51
N ASP B 202 35.45 -42.06 -8.31
CA ASP B 202 34.49 -43.15 -8.17
C ASP B 202 33.23 -42.86 -8.98
N ARG B 203 32.57 -43.94 -9.39
CA ARG B 203 31.29 -43.89 -10.07
C ARG B 203 30.30 -44.77 -9.35
N ILE B 204 30.38 -44.82 -8.02
CA ILE B 204 29.60 -45.75 -7.22
C ILE B 204 28.36 -45.03 -6.70
N TYR B 205 27.19 -45.62 -6.96
CA TYR B 205 25.90 -45.14 -6.51
C TYR B 205 25.43 -46.04 -5.39
N ASP B 206 25.11 -45.46 -4.23
CA ASP B 206 24.67 -46.23 -3.08
C ASP B 206 23.98 -45.27 -2.10
N TYR B 207 23.26 -45.83 -1.15
CA TYR B 207 22.46 -45.02 -0.23
C TYR B 207 23.22 -44.78 1.07
N ASP B 208 22.77 -43.77 1.83
CA ASP B 208 23.21 -43.50 3.20
C ASP B 208 22.38 -42.37 3.82
N VAL B 209 22.05 -42.44 5.12
CA VAL B 209 21.03 -41.56 5.70
C VAL B 209 21.48 -40.12 5.76
N TYR B 210 20.58 -39.23 6.20
CA TYR B 210 20.87 -37.80 6.31
C TYR B 210 21.50 -37.55 7.69
N ASP B 211 22.81 -37.84 7.78
CA ASP B 211 23.59 -37.63 8.99
C ASP B 211 24.78 -36.71 8.75
N ASP B 212 24.72 -35.90 7.69
CA ASP B 212 25.79 -34.96 7.36
C ASP B 212 25.32 -33.51 7.35
N LEU B 213 24.17 -33.22 7.97
CA LEU B 213 23.62 -31.86 8.02
C LEU B 213 24.02 -31.12 9.28
N GLY B 214 24.06 -31.82 10.41
CA GLY B 214 24.60 -31.27 11.62
C GLY B 214 26.08 -30.97 11.49
N ASP B 215 26.62 -30.49 12.59
CA ASP B 215 28.07 -30.37 12.73
C ASP B 215 28.44 -30.57 14.19
N PRO B 216 28.00 -31.67 14.82
CA PRO B 216 28.23 -31.84 16.27
C PRO B 216 29.69 -31.77 16.67
N ASP B 217 30.61 -31.77 15.70
CA ASP B 217 32.04 -31.66 15.96
C ASP B 217 32.52 -30.22 15.88
N SER B 218 31.62 -29.25 16.03
CA SER B 218 32.04 -27.87 16.22
C SER B 218 31.12 -27.11 17.15
N SER B 219 30.04 -27.72 17.60
CA SER B 219 29.23 -27.23 18.70
C SER B 219 28.17 -28.27 18.99
N PRO B 220 27.88 -28.56 20.26
CA PRO B 220 26.68 -29.35 20.56
C PRO B 220 25.42 -28.66 20.08
N GLU B 221 25.50 -27.37 19.75
CA GLU B 221 24.36 -26.62 19.22
C GLU B 221 24.18 -26.89 17.73
N LEU B 222 25.26 -26.87 16.95
CA LEU B 222 25.23 -27.20 15.52
C LEU B 222 25.06 -28.71 15.32
N THR B 223 24.55 -29.40 16.33
CA THR B 223 24.26 -30.82 16.24
C THR B 223 22.83 -31.00 15.75
N ARG B 224 22.64 -31.95 14.84
CA ARG B 224 21.32 -32.20 14.28
C ARG B 224 21.05 -33.69 14.29
N PRO B 225 19.79 -34.09 14.40
CA PRO B 225 19.47 -35.53 14.42
C PRO B 225 19.59 -36.14 13.02
N VAL B 226 19.62 -37.46 13.01
CA VAL B 226 19.75 -38.25 11.79
C VAL B 226 18.37 -38.48 11.20
N LEU B 227 18.20 -38.13 9.93
CA LEU B 227 16.92 -38.27 9.23
C LEU B 227 16.97 -39.51 8.34
N GLY B 228 16.10 -40.48 8.65
CA GLY B 228 16.14 -41.79 8.04
C GLY B 228 16.72 -42.79 9.02
N GLY B 229 16.03 -43.93 9.20
CA GLY B 229 16.46 -44.99 10.11
C GLY B 229 15.50 -45.23 11.26
N SER B 230 14.87 -44.17 11.76
CA SER B 230 14.01 -44.24 12.93
C SER B 230 12.53 -44.27 12.52
N LYS B 231 11.70 -44.84 13.40
CA LYS B 231 10.26 -44.66 13.23
C LYS B 231 9.80 -43.27 13.63
N GLN B 232 10.74 -42.44 14.10
CA GLN B 232 10.47 -41.06 14.47
C GLN B 232 11.17 -40.06 13.56
N TYR B 233 12.15 -40.50 12.78
CA TYR B 233 12.82 -39.66 11.79
C TYR B 233 12.94 -40.39 10.46
N PRO B 234 11.82 -40.80 9.87
CA PRO B 234 11.88 -41.41 8.53
C PRO B 234 12.28 -40.36 7.49
N TYR B 235 12.86 -40.85 6.40
CA TYR B 235 13.39 -39.94 5.39
C TYR B 235 13.93 -40.67 4.18
N PRO B 236 13.73 -40.12 2.97
CA PRO B 236 14.37 -40.71 1.80
C PRO B 236 15.87 -40.73 1.99
N ARG B 237 16.50 -41.77 1.42
CA ARG B 237 17.93 -41.87 1.47
C ARG B 237 18.57 -40.96 0.44
N ARG B 238 19.87 -40.74 0.56
CA ARG B 238 20.64 -39.92 -0.37
C ARG B 238 21.91 -40.66 -0.76
N CYS B 239 22.77 -39.98 -1.52
CA CYS B 239 23.96 -40.59 -2.11
C CYS B 239 25.03 -40.85 -1.03
N ARG B 240 25.51 -42.09 -0.97
CA ARG B 240 26.57 -42.43 -0.02
C ARG B 240 27.85 -41.67 -0.38
N THR B 241 28.48 -41.09 0.63
CA THR B 241 29.73 -40.35 0.45
C THR B 241 30.93 -41.00 1.13
N GLY B 242 30.73 -41.90 2.10
CA GLY B 242 31.79 -42.68 2.70
C GLY B 242 32.64 -41.98 3.74
N ARG B 243 32.45 -40.68 3.97
CA ARG B 243 33.36 -39.91 4.80
C ARG B 243 33.26 -40.36 6.25
N PRO B 244 34.33 -40.18 7.04
CA PRO B 244 34.38 -40.78 8.37
C PRO B 244 33.33 -40.23 9.32
N MET B 245 33.02 -41.02 10.36
CA MET B 245 31.98 -40.69 11.33
C MET B 245 32.50 -39.64 12.30
N SER B 246 31.72 -39.32 13.33
CA SER B 246 31.99 -38.18 14.19
C SER B 246 32.70 -38.62 15.47
N LYS B 247 33.87 -38.01 15.72
CA LYS B 247 34.66 -38.28 16.93
C LYS B 247 33.96 -37.86 18.21
N ILE B 248 32.80 -37.21 18.12
CA ILE B 248 32.09 -36.70 19.29
C ILE B 248 30.65 -37.19 19.28
N ASP B 249 30.24 -37.82 18.17
CA ASP B 249 28.87 -38.28 17.99
C ASP B 249 28.83 -39.52 17.10
N PRO B 250 28.49 -40.70 17.63
CA PRO B 250 28.49 -41.91 16.79
C PRO B 250 27.61 -41.79 15.56
N LYS B 251 26.56 -40.96 15.61
CA LYS B 251 25.57 -40.94 14.54
C LYS B 251 25.66 -39.65 13.74
N ALA B 252 26.85 -39.31 13.25
CA ALA B 252 27.03 -38.09 12.48
C ALA B 252 28.24 -38.21 11.58
N GLU B 253 28.07 -37.79 10.33
CA GLU B 253 29.12 -37.91 9.33
C GLU B 253 29.89 -36.61 9.22
N THR B 254 31.20 -36.74 9.04
CA THR B 254 32.11 -35.60 8.92
C THR B 254 31.64 -34.62 7.85
N ARG B 255 31.94 -33.34 8.08
CA ARG B 255 31.63 -32.30 7.11
C ARG B 255 32.81 -32.06 6.17
N SER B 256 32.50 -31.66 4.94
CA SER B 256 33.49 -31.59 3.88
C SER B 256 33.14 -30.49 2.88
N SER B 257 34.17 -29.80 2.37
CA SER B 257 33.99 -28.77 1.37
C SER B 257 33.71 -29.34 -0.02
N THR B 258 34.08 -30.58 -0.27
CA THR B 258 33.72 -31.30 -1.48
C THR B 258 32.82 -32.46 -1.06
N VAL B 259 31.60 -32.46 -1.56
CA VAL B 259 30.65 -33.54 -1.31
C VAL B 259 30.63 -34.42 -2.54
N TYR B 260 30.70 -35.72 -2.35
CA TYR B 260 30.87 -36.64 -3.46
C TYR B 260 29.54 -36.98 -4.10
N VAL B 261 29.47 -36.80 -5.42
CA VAL B 261 28.51 -37.52 -6.24
C VAL B 261 29.32 -38.37 -7.22
N PRO B 262 28.73 -39.44 -7.74
CA PRO B 262 29.39 -40.21 -8.79
C PRO B 262 29.86 -39.28 -9.91
N ARG B 263 31.02 -39.61 -10.47
CA ARG B 263 31.79 -38.62 -11.24
C ARG B 263 30.97 -37.93 -12.33
N ASP B 264 30.18 -38.68 -13.09
CA ASP B 264 29.44 -38.07 -14.20
C ASP B 264 28.25 -37.23 -13.74
N GLU B 265 27.76 -37.45 -12.52
CA GLU B 265 26.68 -36.63 -11.98
C GLU B 265 27.13 -35.21 -11.63
N ALA B 266 28.44 -34.99 -11.46
CA ALA B 266 28.95 -33.65 -11.21
C ALA B 266 29.00 -32.87 -12.54
N PHE B 267 27.80 -32.57 -13.04
CA PHE B 267 27.68 -31.94 -14.35
C PHE B 267 28.30 -30.54 -14.40
N SER B 268 28.44 -29.85 -13.26
CA SER B 268 28.97 -28.48 -13.28
C SER B 268 30.30 -28.41 -14.01
N ASP B 269 31.12 -29.47 -13.92
CA ASP B 269 32.46 -29.44 -14.51
C ASP B 269 32.42 -29.25 -16.02
N VAL B 270 31.36 -29.69 -16.67
CA VAL B 270 31.28 -29.62 -18.12
C VAL B 270 30.25 -28.63 -18.61
N LYS B 271 29.47 -28.04 -17.71
CA LYS B 271 28.55 -26.98 -18.08
C LYS B 271 29.25 -25.62 -17.99
N GLU B 272 28.56 -24.60 -18.51
CA GLU B 272 29.08 -23.24 -18.50
C GLU B 272 29.03 -22.66 -17.09
N LEU B 273 29.73 -21.53 -16.90
CA LEU B 273 29.72 -20.87 -15.59
C LEU B 273 28.33 -20.38 -15.25
N THR B 274 27.53 -20.09 -16.25
CA THR B 274 26.16 -19.65 -16.04
C THR B 274 25.21 -20.80 -15.73
N PHE B 275 25.73 -22.01 -15.59
CA PHE B 275 24.92 -23.17 -15.28
C PHE B 275 24.37 -23.09 -13.85
N SER B 276 23.14 -23.60 -13.68
CA SER B 276 22.41 -23.48 -12.42
C SER B 276 23.27 -23.87 -11.22
N THR B 277 23.95 -25.01 -11.29
CA THR B 277 24.79 -25.43 -10.17
C THR B 277 25.94 -24.46 -9.95
N ASN B 278 26.45 -23.87 -11.03
CA ASN B 278 27.56 -22.93 -10.90
C ASN B 278 27.09 -21.61 -10.30
N THR B 279 25.94 -21.09 -10.76
CA THR B 279 25.42 -19.86 -10.17
C THR B 279 25.09 -20.05 -8.70
N LEU B 280 24.49 -21.19 -8.35
CA LEU B 280 24.12 -21.41 -6.95
C LEU B 280 25.35 -21.60 -6.08
N TYR B 281 26.38 -22.27 -6.60
CA TYR B 281 27.62 -22.38 -5.83
C TYR B 281 28.21 -21.00 -5.58
N SER B 282 28.17 -20.14 -6.60
CA SER B 282 28.63 -18.77 -6.44
C SER B 282 27.87 -18.07 -5.31
N ALA B 283 26.55 -18.22 -5.31
CA ALA B 283 25.72 -17.50 -4.35
C ALA B 283 25.97 -18.00 -2.92
N LEU B 284 25.93 -19.32 -2.71
CA LEU B 284 25.97 -19.84 -1.36
C LEU B 284 27.34 -19.71 -0.72
N HIS B 285 28.40 -19.68 -1.54
CA HIS B 285 29.76 -19.74 -1.00
C HIS B 285 30.58 -18.49 -1.25
N ALA B 286 30.19 -17.64 -2.20
CA ALA B 286 30.80 -16.32 -2.35
C ALA B 286 29.87 -15.23 -1.83
N VAL B 287 28.73 -15.01 -2.49
CA VAL B 287 27.88 -13.85 -2.19
C VAL B 287 27.39 -13.88 -0.75
N VAL B 288 26.81 -14.99 -0.31
CA VAL B 288 26.24 -15.02 1.04
C VAL B 288 27.28 -14.68 2.12
N PRO B 289 28.47 -15.27 2.14
CA PRO B 289 29.45 -14.87 3.17
C PRO B 289 29.83 -13.40 3.09
N ALA B 290 29.85 -12.81 1.89
CA ALA B 290 30.16 -11.39 1.79
C ALA B 290 29.07 -10.54 2.44
N ILE B 291 27.80 -10.92 2.24
CA ILE B 291 26.70 -10.24 2.93
C ILE B 291 26.83 -10.42 4.44
N GLU B 292 27.11 -11.65 4.88
CA GLU B 292 27.32 -11.87 6.31
C GLU B 292 28.53 -11.13 6.86
N SER B 293 29.37 -10.54 6.00
CA SER B 293 30.58 -9.83 6.44
C SER B 293 30.29 -8.35 6.70
N VAL B 294 29.32 -7.79 6.00
CA VAL B 294 28.88 -6.42 6.23
C VAL B 294 27.73 -6.41 7.23
N ILE B 295 26.63 -7.08 6.92
CA ILE B 295 25.43 -7.06 7.75
C ILE B 295 25.67 -7.98 8.93
N THR B 296 26.26 -7.44 10.00
CA THR B 296 26.79 -8.24 11.09
C THR B 296 25.80 -8.42 12.22
N ASP B 297 24.76 -7.58 12.28
CA ASP B 297 23.80 -7.66 13.40
C ASP B 297 22.70 -8.62 12.97
N THR B 298 22.67 -9.80 13.59
CA THR B 298 21.69 -10.84 13.27
C THR B 298 20.26 -10.51 13.75
N SER B 299 20.06 -9.34 14.38
CA SER B 299 18.71 -8.94 14.80
C SER B 299 18.26 -7.61 14.22
N LEU B 300 19.06 -6.98 13.37
CA LEU B 300 18.73 -5.67 12.82
C LEU B 300 17.61 -5.78 11.79
N GLY B 301 16.40 -5.33 12.18
CA GLY B 301 15.26 -5.32 11.29
C GLY B 301 15.29 -4.16 10.32
N PHE B 302 14.27 -4.10 9.48
CA PHE B 302 14.15 -2.93 8.62
C PHE B 302 13.44 -1.83 9.41
N PRO B 303 14.02 -0.62 9.49
CA PRO B 303 13.38 0.44 10.29
C PRO B 303 12.26 1.13 9.56
N LEU B 304 12.24 1.06 8.23
CA LEU B 304 11.22 1.67 7.39
C LEU B 304 10.87 0.72 6.25
N PHE B 305 9.63 0.82 5.77
CA PHE B 305 9.28 0.13 4.53
C PHE B 305 10.03 0.70 3.34
N THR B 306 10.35 2.01 3.39
CA THR B 306 11.19 2.62 2.37
C THR B 306 12.57 1.98 2.32
N LYS B 307 13.05 1.47 3.46
CA LYS B 307 14.32 0.74 3.46
C LYS B 307 14.19 -0.59 2.71
N ILE B 308 13.01 -1.21 2.74
CA ILE B 308 12.81 -2.42 1.96
C ILE B 308 12.83 -2.11 0.48
N ASP B 309 12.24 -0.97 0.08
CA ASP B 309 12.25 -0.58 -1.33
C ASP B 309 13.66 -0.32 -1.84
N GLU B 310 14.57 0.15 -0.98
CA GLU B 310 15.94 0.41 -1.43
C GLU B 310 16.67 -0.85 -1.85
N LEU B 311 16.26 -2.03 -1.35
CA LEU B 311 16.83 -3.27 -1.85
C LEU B 311 16.76 -3.33 -3.36
N TYR B 312 15.65 -2.90 -3.93
CA TYR B 312 15.44 -3.04 -5.36
C TYR B 312 15.86 -1.81 -6.15
N ASN B 313 15.94 -0.65 -5.51
CA ASN B 313 16.25 0.58 -6.23
C ASN B 313 17.61 1.16 -5.92
N GLU B 314 18.28 0.70 -4.87
CA GLU B 314 19.62 1.17 -4.54
C GLU B 314 20.62 0.08 -4.19
N GLY B 315 20.21 -1.05 -3.65
CA GLY B 315 21.14 -2.12 -3.37
C GLY B 315 21.82 -1.96 -2.03
N ILE B 316 22.63 -2.96 -1.69
CA ILE B 316 23.48 -2.93 -0.52
C ILE B 316 24.92 -2.90 -1.00
N ASN B 317 25.75 -2.08 -0.33
CA ASN B 317 27.18 -2.08 -0.56
C ASN B 317 27.81 -3.29 0.13
N VAL B 318 28.29 -4.25 -0.65
CA VAL B 318 28.92 -5.45 -0.06
C VAL B 318 30.41 -5.49 -0.44
N PRO B 319 31.34 -5.40 0.53
CA PRO B 319 32.75 -5.17 0.18
C PRO B 319 33.48 -6.40 -0.32
N ASN B 320 33.44 -7.49 0.44
CA ASN B 320 34.21 -8.70 0.15
C ASN B 320 33.72 -9.41 -1.10
N LEU B 321 33.37 -8.65 -2.12
CA LEU B 321 32.87 -9.19 -3.39
C LEU B 321 33.79 -8.94 -4.56
N LYS B 322 34.52 -7.83 -4.57
CA LYS B 322 35.51 -7.62 -5.62
C LYS B 322 36.63 -8.64 -5.53
N LYS B 323 36.69 -9.42 -4.45
CA LYS B 323 37.55 -10.59 -4.36
C LYS B 323 37.23 -11.63 -5.42
N HIS B 324 36.21 -11.36 -6.25
CA HIS B 324 35.74 -12.37 -7.19
C HIS B 324 35.66 -11.84 -8.61
N LYS B 325 35.04 -10.67 -8.80
CA LYS B 325 34.95 -10.02 -10.11
C LYS B 325 34.58 -10.99 -11.23
N VAL B 326 34.33 -12.26 -10.90
CA VAL B 326 33.78 -13.28 -11.77
C VAL B 326 32.28 -13.32 -11.48
N LEU B 327 31.90 -13.02 -10.24
CA LEU B 327 30.50 -12.96 -9.86
C LEU B 327 29.71 -11.96 -10.69
N GLN B 328 30.36 -10.93 -11.21
CA GLN B 328 29.63 -9.94 -11.99
C GLN B 328 29.24 -10.45 -13.37
N ASP B 329 29.88 -11.53 -13.84
CA ASP B 329 29.51 -12.23 -15.06
C ASP B 329 28.53 -13.37 -14.80
N ILE B 330 28.73 -14.09 -13.70
CA ILE B 330 27.91 -15.27 -13.42
C ILE B 330 26.55 -14.87 -12.84
N LEU B 331 26.53 -13.85 -11.99
CA LEU B 331 25.30 -13.43 -11.31
C LEU B 331 25.00 -11.97 -11.67
N PRO B 332 24.69 -11.69 -12.94
CA PRO B 332 24.50 -10.28 -13.32
C PRO B 332 23.29 -9.65 -12.66
N ARG B 333 22.21 -10.40 -12.45
CA ARG B 333 21.03 -9.86 -11.79
C ARG B 333 21.32 -9.41 -10.36
N LEU B 334 22.42 -9.88 -9.78
CA LEU B 334 22.71 -9.69 -8.36
C LEU B 334 23.99 -8.89 -8.13
N VAL B 335 25.14 -9.38 -8.59
CA VAL B 335 26.42 -8.76 -8.31
C VAL B 335 26.75 -7.80 -9.45
N ARG B 336 26.69 -6.50 -9.17
CA ARG B 336 26.99 -5.45 -10.14
C ARG B 336 28.22 -4.67 -9.71
N ALA B 337 28.71 -3.83 -10.61
CA ALA B 337 29.88 -2.97 -10.36
C ALA B 337 31.07 -3.76 -9.80
N ASP B 343 34.56 -2.14 -3.03
CA ASP B 343 33.18 -2.26 -2.54
C ASP B 343 32.19 -2.45 -3.69
N SER B 344 31.61 -3.65 -3.74
CA SER B 344 30.69 -4.04 -4.80
C SER B 344 29.24 -3.83 -4.40
N LEU B 345 28.40 -3.62 -5.41
CA LEU B 345 26.99 -3.31 -5.21
C LEU B 345 26.12 -4.54 -5.49
N LEU B 346 25.44 -5.03 -4.45
CA LEU B 346 24.45 -6.09 -4.58
C LEU B 346 23.06 -5.46 -4.67
N GLN B 347 22.46 -5.47 -5.87
CA GLN B 347 21.11 -4.93 -6.06
C GLN B 347 20.18 -5.98 -6.67
N PHE B 348 18.95 -6.02 -6.18
CA PHE B 348 17.96 -7.01 -6.58
C PHE B 348 17.00 -6.44 -7.62
N GLU B 349 16.54 -7.32 -8.51
CA GLU B 349 15.61 -6.98 -9.57
C GLU B 349 14.19 -6.96 -9.03
N THR B 350 13.33 -6.20 -9.69
CA THR B 350 11.97 -6.09 -9.22
C THR B 350 11.24 -7.39 -9.48
N PRO B 351 10.65 -8.01 -8.48
CA PRO B 351 9.93 -9.27 -8.70
C PRO B 351 8.76 -9.02 -9.63
N GLN B 352 8.35 -10.07 -10.35
CA GLN B 352 7.30 -9.90 -11.34
C GLN B 352 5.99 -9.45 -10.72
N LEU B 353 5.69 -9.90 -9.50
CA LEU B 353 4.43 -9.52 -8.85
C LEU B 353 4.30 -8.01 -8.71
N LEU B 354 5.41 -7.35 -8.41
CA LEU B 354 5.41 -5.92 -8.16
C LEU B 354 5.45 -5.13 -9.46
N LEU B 355 6.02 -5.72 -10.51
CA LEU B 355 6.00 -5.10 -11.82
C LEU B 355 4.57 -4.90 -12.31
N ARG B 356 3.70 -5.88 -12.05
CA ARG B 356 2.31 -5.77 -12.46
C ARG B 356 1.51 -4.87 -11.53
N ASP B 357 1.83 -4.89 -10.24
CA ASP B 357 1.02 -4.20 -9.25
C ASP B 357 1.79 -4.04 -7.96
N LYS B 358 2.32 -2.84 -7.73
CA LYS B 358 2.93 -2.46 -6.46
C LYS B 358 2.04 -2.77 -5.25
N PHE B 359 0.72 -2.81 -5.44
CA PHE B 359 -0.20 -2.90 -4.31
C PHE B 359 -0.87 -4.25 -4.13
N SER B 360 -0.67 -5.20 -5.07
CA SER B 360 -1.41 -6.45 -5.00
C SER B 360 -1.07 -7.24 -3.73
N TRP B 361 0.13 -7.06 -3.19
CA TRP B 361 0.49 -7.83 -2.01
C TRP B 361 -0.31 -7.44 -0.77
N PHE B 362 -0.93 -6.24 -0.73
CA PHE B 362 -1.83 -5.92 0.38
C PHE B 362 -3.18 -6.60 0.26
N ARG B 363 -3.58 -7.01 -0.94
CA ARG B 363 -5.00 -7.26 -1.21
C ARG B 363 -5.36 -8.68 -0.81
N ASP B 364 -6.49 -8.83 -0.12
CA ASP B 364 -6.88 -10.15 0.36
C ASP B 364 -7.15 -11.09 -0.80
N GLU B 365 -7.57 -10.55 -1.95
CA GLU B 365 -7.90 -11.41 -3.07
C GLU B 365 -6.66 -11.98 -3.76
N GLU B 366 -5.55 -11.25 -3.69
CA GLU B 366 -4.30 -11.76 -4.23
C GLU B 366 -3.71 -12.81 -3.31
N PHE B 367 -3.88 -12.63 -2.00
CA PHE B 367 -3.50 -13.66 -1.03
C PHE B 367 -4.16 -15.00 -1.36
N SER B 368 -5.47 -14.98 -1.59
CA SER B 368 -6.20 -16.21 -1.83
C SER B 368 -5.97 -16.74 -3.25
N ARG B 369 -5.79 -15.84 -4.23
CA ARG B 369 -5.53 -16.29 -5.59
C ARG B 369 -4.23 -17.08 -5.69
N GLN B 370 -3.25 -16.75 -4.86
CA GLN B 370 -1.95 -17.41 -4.91
C GLN B 370 -1.95 -18.83 -4.33
N THR B 371 -3.01 -19.26 -3.64
CA THR B 371 -3.09 -20.65 -3.23
C THR B 371 -3.36 -21.54 -4.44
N LEU B 372 -3.86 -20.94 -5.52
CA LEU B 372 -4.20 -21.64 -6.75
C LEU B 372 -3.21 -21.41 -7.88
N ALA B 373 -2.45 -20.31 -7.83
CA ALA B 373 -1.64 -19.90 -8.98
C ALA B 373 -0.30 -19.31 -8.58
N GLY B 374 0.08 -19.37 -7.31
CA GLY B 374 1.33 -18.83 -6.83
C GLY B 374 2.38 -19.90 -6.74
N LEU B 375 3.40 -19.65 -5.91
CA LEU B 375 4.51 -20.60 -5.85
C LEU B 375 4.20 -21.86 -5.07
N ASN B 376 3.07 -21.93 -4.34
CA ASN B 376 2.71 -23.14 -3.60
C ASN B 376 1.25 -23.52 -3.82
N PRO B 377 0.92 -24.10 -4.98
CA PRO B 377 -0.46 -24.52 -5.27
C PRO B 377 -0.82 -25.88 -4.71
N TYR B 378 -0.02 -26.47 -3.84
CA TYR B 378 -0.18 -27.84 -3.41
C TYR B 378 -0.82 -28.00 -2.03
N SER B 379 -1.10 -26.92 -1.32
CA SER B 379 -1.53 -27.07 0.08
C SER B 379 -3.05 -27.03 0.26
N ILE B 380 -3.78 -26.33 -0.59
CA ILE B 380 -5.20 -26.12 -0.36
C ILE B 380 -5.95 -27.44 -0.49
N GLN B 381 -6.91 -27.67 0.39
CA GLN B 381 -7.72 -28.89 0.30
C GLN B 381 -9.16 -28.57 0.65
N LEU B 382 -10.04 -29.47 0.22
CA LEU B 382 -11.46 -29.32 0.44
C LEU B 382 -11.79 -29.64 1.89
N VAL B 383 -12.57 -28.76 2.51
CA VAL B 383 -13.15 -29.02 3.82
C VAL B 383 -14.30 -30.00 3.62
N LYS B 384 -14.15 -31.22 4.10
CA LYS B 384 -15.24 -32.19 4.03
C LYS B 384 -16.00 -32.30 5.35
N GLU B 385 -15.30 -32.22 6.48
CA GLU B 385 -15.91 -32.35 7.79
C GLU B 385 -15.98 -31.00 8.49
N TRP B 386 -17.13 -30.70 9.09
CA TRP B 386 -17.41 -29.50 9.87
C TRP B 386 -18.13 -29.92 11.14
N PRO B 387 -17.74 -29.37 12.29
CA PRO B 387 -16.71 -28.34 12.41
C PRO B 387 -15.31 -28.93 12.43
N LEU B 388 -14.33 -28.06 12.19
CA LEU B 388 -12.94 -28.48 12.25
C LEU B 388 -12.60 -28.98 13.65
N LYS B 389 -11.69 -29.94 13.72
CA LYS B 389 -11.27 -30.46 15.02
C LYS B 389 -9.88 -31.08 14.91
N SER B 390 -9.05 -30.82 15.91
CA SER B 390 -7.69 -31.32 15.95
C SER B 390 -7.67 -32.81 16.28
N THR B 391 -6.59 -33.48 15.85
CA THR B 391 -6.38 -34.88 16.21
C THR B 391 -5.30 -35.05 17.28
N LEU B 392 -4.75 -33.96 17.80
CA LEU B 392 -3.67 -34.03 18.77
C LEU B 392 -4.20 -34.33 20.18
N ASP B 393 -3.28 -34.67 21.09
CA ASP B 393 -3.65 -35.16 22.41
C ASP B 393 -4.22 -34.05 23.28
N PRO B 394 -5.54 -34.03 23.55
CA PRO B 394 -6.12 -32.91 24.32
C PRO B 394 -5.45 -32.64 25.66
N LYS B 395 -4.85 -33.65 26.29
CA LYS B 395 -4.23 -33.49 27.60
C LYS B 395 -2.80 -32.96 27.51
N ILE B 396 -2.35 -32.60 26.32
CA ILE B 396 -1.01 -32.05 26.11
C ILE B 396 -1.13 -30.77 25.28
N TYR B 397 -2.12 -30.73 24.39
CA TYR B 397 -2.24 -29.67 23.40
C TYR B 397 -3.51 -28.83 23.57
N GLY B 398 -4.32 -29.09 24.59
CA GLY B 398 -5.47 -28.26 24.85
C GLY B 398 -6.67 -28.72 24.06
N PRO B 399 -7.81 -28.08 24.29
CA PRO B 399 -9.05 -28.47 23.61
C PRO B 399 -8.85 -28.52 22.11
N PRO B 400 -9.38 -29.54 21.44
CA PRO B 400 -9.14 -29.71 20.01
C PRO B 400 -10.14 -29.01 19.11
N GLU B 401 -11.12 -28.28 19.68
CA GLU B 401 -12.11 -27.62 18.84
C GLU B 401 -11.54 -26.32 18.30
N SER B 402 -11.88 -26.03 17.05
CA SER B 402 -11.38 -24.83 16.39
C SER B 402 -12.22 -23.63 16.80
N ALA B 403 -11.59 -22.47 16.84
CA ALA B 403 -12.35 -21.26 17.12
C ALA B 403 -13.05 -20.72 15.87
N ILE B 404 -12.98 -21.40 14.75
CA ILE B 404 -13.76 -21.01 13.57
C ILE B 404 -15.15 -21.63 13.73
N THR B 405 -16.18 -20.82 13.53
CA THR B 405 -17.54 -21.18 13.87
C THR B 405 -18.42 -20.93 12.65
N THR B 406 -19.59 -21.60 12.65
CA THR B 406 -20.58 -21.44 11.59
C THR B 406 -21.07 -19.99 11.50
N GLU B 407 -21.50 -19.41 12.63
CA GLU B 407 -21.92 -18.01 12.70
C GLU B 407 -20.79 -17.06 12.26
N ILE B 408 -19.54 -17.41 12.54
CA ILE B 408 -18.43 -16.59 12.06
C ILE B 408 -18.34 -16.63 10.54
N VAL B 409 -18.49 -17.82 9.94
CA VAL B 409 -18.43 -17.93 8.49
C VAL B 409 -19.66 -17.30 7.84
N GLU B 410 -20.84 -17.58 8.39
CA GLU B 410 -22.07 -17.07 7.78
C GLU B 410 -22.09 -15.55 7.80
N ARG B 411 -21.37 -14.95 8.75
CA ARG B 411 -21.25 -13.50 8.81
C ARG B 411 -20.67 -12.92 7.54
N GLU B 412 -19.91 -13.70 6.78
CA GLU B 412 -19.30 -13.24 5.54
C GLU B 412 -19.96 -13.77 4.29
N ILE B 413 -20.56 -14.96 4.33
CA ILE B 413 -21.02 -15.62 3.11
C ILE B 413 -22.53 -15.65 2.96
N LYS B 414 -23.29 -15.24 3.98
CA LYS B 414 -24.74 -15.43 3.88
C LYS B 414 -25.34 -14.64 2.72
N GLY B 415 -24.65 -13.60 2.26
CA GLY B 415 -25.06 -12.94 1.03
C GLY B 415 -25.08 -13.87 -0.17
N PHE B 416 -24.41 -15.01 -0.08
CA PHE B 416 -24.39 -16.01 -1.15
C PHE B 416 -25.07 -17.32 -0.76
N MET B 417 -24.83 -17.83 0.45
CA MET B 417 -25.38 -19.11 0.85
C MET B 417 -25.00 -19.36 2.31
N THR B 418 -25.67 -20.35 2.90
CA THR B 418 -25.43 -20.77 4.27
C THR B 418 -24.22 -21.70 4.35
N VAL B 419 -23.83 -22.04 5.57
CA VAL B 419 -22.70 -22.95 5.76
C VAL B 419 -23.04 -24.33 5.24
N ASP B 420 -24.25 -24.83 5.53
CA ASP B 420 -24.55 -26.19 5.06
C ASP B 420 -24.58 -26.27 3.53
N GLU B 421 -25.16 -25.26 2.88
CA GLU B 421 -25.17 -25.24 1.42
C GLU B 421 -23.75 -25.14 0.91
N ALA B 422 -22.86 -24.45 1.63
CA ALA B 422 -21.47 -24.33 1.19
C ALA B 422 -20.72 -25.66 1.29
N LEU B 423 -20.87 -26.40 2.39
CA LEU B 423 -20.15 -27.66 2.45
C LEU B 423 -20.75 -28.66 1.46
N LYS B 424 -22.07 -28.63 1.26
CA LYS B 424 -22.69 -29.56 0.32
C LYS B 424 -22.25 -29.28 -1.11
N GLN B 425 -22.12 -28.00 -1.46
CA GLN B 425 -21.74 -27.61 -2.81
C GLN B 425 -20.24 -27.46 -2.98
N LYS B 426 -19.45 -27.91 -2.02
CA LYS B 426 -17.99 -27.90 -2.09
C LYS B 426 -17.45 -26.49 -2.36
N LYS B 427 -17.82 -25.55 -1.49
CA LYS B 427 -17.42 -24.16 -1.65
C LYS B 427 -16.47 -23.67 -0.56
N LEU B 428 -16.16 -24.50 0.44
CA LEU B 428 -15.24 -24.17 1.51
C LEU B 428 -13.94 -24.97 1.37
N PHE B 429 -12.81 -24.30 1.55
CA PHE B 429 -11.50 -24.89 1.35
C PHE B 429 -10.56 -24.38 2.42
N ILE B 430 -9.50 -25.16 2.68
CA ILE B 430 -8.65 -24.92 3.82
C ILE B 430 -7.20 -25.25 3.48
N ILE B 431 -6.29 -24.53 4.12
CA ILE B 431 -4.90 -24.90 4.26
C ILE B 431 -4.67 -25.04 5.77
N ASP B 432 -4.39 -26.25 6.23
CA ASP B 432 -4.43 -26.58 7.66
C ASP B 432 -3.06 -27.08 8.09
N TYR B 433 -2.31 -26.24 8.80
CA TYR B 433 -0.99 -26.61 9.31
C TYR B 433 -1.00 -26.86 10.81
N HIS B 434 -2.18 -27.02 11.41
CA HIS B 434 -2.26 -27.02 12.87
C HIS B 434 -1.57 -28.25 13.46
N ASP B 435 -2.03 -29.45 13.09
CA ASP B 435 -1.56 -30.65 13.78
C ASP B 435 -0.08 -30.91 13.51
N ILE B 436 0.42 -30.61 12.32
CA ILE B 436 1.85 -30.85 12.07
C ILE B 436 2.72 -29.81 12.77
N LEU B 437 2.24 -28.57 12.93
CA LEU B 437 3.08 -27.54 13.50
C LEU B 437 2.99 -27.47 15.01
N LEU B 438 1.81 -27.76 15.58
CA LEU B 438 1.64 -27.56 17.02
C LEU B 438 2.68 -28.30 17.85
N PRO B 439 3.03 -29.57 17.57
CA PRO B 439 4.04 -30.25 18.38
C PRO B 439 5.41 -29.58 18.38
N TYR B 440 5.69 -28.66 17.47
CA TYR B 440 7.00 -28.02 17.45
C TYR B 440 7.01 -26.64 18.10
N VAL B 441 5.85 -26.15 18.55
CA VAL B 441 5.74 -24.73 18.93
C VAL B 441 6.64 -24.42 20.12
N SER B 442 6.58 -25.26 21.17
CA SER B 442 7.34 -24.96 22.39
C SER B 442 8.84 -24.90 22.11
N GLU B 443 9.35 -25.83 21.30
CA GLU B 443 10.79 -25.86 21.06
C GLU B 443 11.23 -24.71 20.16
N VAL B 444 10.48 -24.44 19.09
CA VAL B 444 10.83 -23.31 18.22
C VAL B 444 10.74 -22.00 19.00
N ARG B 445 9.75 -21.89 19.89
CA ARG B 445 9.63 -20.67 20.68
C ARG B 445 10.81 -20.44 21.62
N GLN B 446 11.62 -21.46 21.90
CA GLN B 446 12.82 -21.23 22.69
C GLN B 446 13.97 -20.66 21.85
N ILE B 447 13.79 -20.48 20.55
CA ILE B 447 14.85 -19.96 19.67
C ILE B 447 14.72 -18.44 19.57
N LYS B 448 15.81 -17.72 19.89
CA LYS B 448 15.77 -16.28 19.83
C LYS B 448 15.69 -15.80 18.38
N GLY B 449 14.78 -14.85 18.12
CA GLY B 449 14.58 -14.32 16.80
C GLY B 449 13.44 -14.94 16.02
N THR B 450 12.64 -15.81 16.64
CA THR B 450 11.56 -16.48 15.95
C THR B 450 10.52 -16.90 16.96
N THR B 451 9.39 -17.37 16.46
CA THR B 451 8.32 -17.94 17.25
C THR B 451 7.57 -18.92 16.35
N LEU B 452 6.44 -19.44 16.83
CA LEU B 452 5.64 -20.34 16.02
C LEU B 452 4.24 -20.42 16.59
N TYR B 453 3.28 -20.74 15.73
CA TYR B 453 1.92 -21.14 16.07
C TYR B 453 1.55 -22.33 15.21
N GLY B 454 0.47 -23.01 15.60
CA GLY B 454 -0.25 -23.88 14.68
C GLY B 454 -1.32 -23.05 14.00
N SER B 455 -1.48 -23.23 12.69
CA SER B 455 -2.31 -22.31 11.92
C SER B 455 -3.31 -23.04 11.04
N ARG B 456 -4.43 -22.37 10.82
CA ARG B 456 -5.43 -22.74 9.83
C ARG B 456 -5.85 -21.50 9.05
N ALA B 457 -6.08 -21.67 7.75
CA ALA B 457 -6.58 -20.60 6.88
C ALA B 457 -7.73 -21.15 6.04
N LEU B 458 -8.89 -20.50 6.13
CA LEU B 458 -10.12 -20.97 5.49
C LEU B 458 -10.54 -20.01 4.39
N PHE B 459 -11.09 -20.56 3.30
CA PHE B 459 -11.46 -19.81 2.11
C PHE B 459 -12.83 -20.24 1.64
N PHE B 460 -13.46 -19.36 0.86
CA PHE B 460 -14.79 -19.59 0.30
C PHE B 460 -14.75 -19.34 -1.19
N LEU B 461 -15.21 -20.31 -1.98
CA LEU B 461 -15.30 -20.17 -3.42
C LEU B 461 -16.65 -19.54 -3.78
N GLY B 462 -16.62 -18.32 -4.33
CA GLY B 462 -17.83 -17.61 -4.69
C GLY B 462 -18.33 -17.94 -6.08
N PRO B 463 -19.40 -17.24 -6.50
CA PRO B 463 -20.10 -17.62 -7.75
C PRO B 463 -19.30 -17.37 -9.02
N ASP B 464 -18.34 -16.47 -9.04
CA ASP B 464 -17.47 -16.34 -10.20
C ASP B 464 -16.20 -17.17 -10.05
N ASN B 465 -16.21 -18.16 -9.15
CA ASN B 465 -15.11 -19.11 -8.95
C ASN B 465 -13.81 -18.42 -8.59
N THR B 466 -13.90 -17.39 -7.75
CA THR B 466 -12.76 -16.81 -7.07
C THR B 466 -12.88 -17.12 -5.58
N LEU B 467 -11.73 -17.27 -4.91
CA LEU B 467 -11.70 -17.56 -3.50
C LEU B 467 -11.66 -16.28 -2.68
N LYS B 468 -12.37 -16.28 -1.55
CA LYS B 468 -12.29 -15.22 -0.55
C LYS B 468 -11.74 -15.77 0.75
N PRO B 469 -10.74 -15.14 1.35
CA PRO B 469 -10.27 -15.60 2.67
C PRO B 469 -11.29 -15.24 3.73
N LEU B 470 -11.67 -16.24 4.52
CA LEU B 470 -12.65 -16.06 5.60
C LEU B 470 -11.98 -15.88 6.96
N ALA B 471 -11.02 -16.74 7.32
CA ALA B 471 -10.42 -16.62 8.63
C ALA B 471 -9.06 -17.28 8.66
N ILE B 472 -8.22 -16.79 9.56
CA ILE B 472 -7.00 -17.48 9.98
C ILE B 472 -7.08 -17.71 11.47
N GLU B 473 -6.84 -18.94 11.88
CA GLU B 473 -6.80 -19.34 13.28
C GLU B 473 -5.35 -19.60 13.66
N LEU B 474 -4.90 -18.97 14.75
CA LEU B 474 -3.57 -19.23 15.28
C LEU B 474 -3.70 -19.87 16.66
N VAL B 475 -2.88 -20.89 16.93
CA VAL B 475 -2.99 -21.65 18.17
C VAL B 475 -1.61 -21.81 18.79
N ARG B 476 -1.50 -21.53 20.09
CA ARG B 476 -0.34 -21.80 20.90
C ARG B 476 -0.72 -22.85 21.93
N PRO B 477 0.04 -23.93 22.05
CA PRO B 477 -0.37 -25.01 22.94
C PRO B 477 -0.08 -24.64 24.38
N PRO B 478 -0.75 -25.28 25.35
CA PRO B 478 -0.38 -25.07 26.75
C PRO B 478 1.11 -25.30 26.94
N MET B 479 1.81 -24.26 27.39
CA MET B 479 3.21 -24.33 27.73
C MET B 479 3.47 -23.31 28.83
N ASP B 480 4.57 -23.50 29.55
CA ASP B 480 5.00 -22.58 30.61
C ASP B 480 3.93 -22.36 31.67
N GLY B 481 3.02 -23.31 31.85
CA GLY B 481 1.96 -23.22 32.83
C GLY B 481 0.71 -22.50 32.38
N LYS B 482 0.77 -21.77 31.24
CA LYS B 482 -0.39 -21.08 30.72
C LYS B 482 -1.25 -22.06 29.93
N PRO B 483 -2.56 -21.79 29.80
CA PRO B 483 -3.41 -22.72 29.05
C PRO B 483 -3.18 -22.57 27.55
N GLN B 484 -4.07 -23.16 26.75
CA GLN B 484 -3.98 -23.04 25.30
C GLN B 484 -4.45 -21.66 24.86
N TRP B 485 -3.63 -21.01 24.03
CA TRP B 485 -3.99 -19.73 23.43
C TRP B 485 -4.47 -19.95 22.01
N LYS B 486 -5.64 -19.42 21.69
CA LYS B 486 -6.33 -19.74 20.44
C LYS B 486 -7.18 -18.55 20.06
N GLN B 487 -6.81 -17.86 18.97
CA GLN B 487 -7.60 -16.76 18.44
C GLN B 487 -7.81 -16.91 16.95
N VAL B 488 -9.01 -16.55 16.48
CA VAL B 488 -9.35 -16.53 15.06
C VAL B 488 -9.36 -15.09 14.59
N PHE B 489 -8.74 -14.84 13.44
CA PHE B 489 -8.63 -13.53 12.83
C PHE B 489 -9.33 -13.52 11.48
N THR B 490 -10.02 -12.43 11.14
CA THR B 490 -10.75 -12.32 9.89
C THR B 490 -10.53 -10.94 9.29
N PRO B 491 -10.77 -10.79 7.99
CA PRO B 491 -10.88 -9.44 7.42
C PRO B 491 -11.92 -8.65 8.19
N SER B 492 -11.57 -7.41 8.53
CA SER B 492 -12.35 -6.63 9.49
C SER B 492 -12.72 -5.27 8.91
N TRP B 493 -13.75 -4.66 9.47
CA TRP B 493 -14.17 -3.33 9.09
C TRP B 493 -13.58 -2.26 10.00
N GLU B 494 -12.73 -2.63 10.93
CA GLU B 494 -12.16 -1.66 11.84
C GLU B 494 -10.65 -1.86 11.84
N ALA B 495 -9.93 -0.76 12.15
CA ALA B 495 -8.49 -0.72 11.92
C ALA B 495 -7.74 -1.72 12.79
N THR B 496 -8.18 -1.94 14.03
CA THR B 496 -7.45 -2.84 14.89
C THR B 496 -7.60 -4.29 14.42
N GLY B 497 -8.82 -4.71 14.11
CA GLY B 497 -9.01 -6.07 13.62
C GLY B 497 -8.37 -6.29 12.26
N SER B 498 -8.30 -5.24 11.44
CA SER B 498 -7.67 -5.36 10.13
C SER B 498 -6.16 -5.48 10.25
N TRP B 499 -5.54 -4.75 11.18
CA TRP B 499 -4.10 -4.90 11.39
C TRP B 499 -3.77 -6.23 12.07
N LEU B 500 -4.62 -6.70 12.99
CA LEU B 500 -4.38 -8.04 13.54
C LEU B 500 -4.53 -9.10 12.46
N TRP B 501 -5.43 -8.86 11.50
CA TRP B 501 -5.59 -9.79 10.37
C TRP B 501 -4.33 -9.81 9.50
N LYS B 502 -3.80 -8.63 9.19
CA LYS B 502 -2.55 -8.50 8.44
C LYS B 502 -1.42 -9.27 9.12
N LEU B 503 -1.31 -9.13 10.45
CA LEU B 503 -0.28 -9.82 11.22
C LEU B 503 -0.53 -11.33 11.26
N ALA B 504 -1.79 -11.76 11.37
CA ALA B 504 -2.07 -13.18 11.30
C ALA B 504 -1.70 -13.74 9.93
N LYS B 505 -1.96 -12.96 8.86
CA LYS B 505 -1.57 -13.39 7.52
C LYS B 505 -0.07 -13.56 7.42
N THR B 506 0.69 -12.64 8.02
CA THR B 506 2.14 -12.74 8.01
C THR B 506 2.61 -14.06 8.62
N HIS B 507 2.04 -14.45 9.77
CA HIS B 507 2.38 -15.72 10.38
C HIS B 507 1.94 -16.90 9.52
N PHE B 508 0.68 -16.90 9.08
CA PHE B 508 0.26 -18.00 8.22
C PHE B 508 1.17 -18.10 7.00
N LEU B 509 1.52 -16.95 6.42
CA LEU B 509 2.36 -16.97 5.23
C LEU B 509 3.76 -17.52 5.52
N ALA B 510 4.30 -17.21 6.71
CA ALA B 510 5.56 -17.82 7.13
C ALA B 510 5.42 -19.34 7.23
N HIS B 511 4.28 -19.82 7.72
CA HIS B 511 4.09 -21.27 7.79
C HIS B 511 3.97 -21.88 6.40
N ASP B 512 3.28 -21.19 5.49
CA ASP B 512 3.18 -21.68 4.13
C ASP B 512 4.54 -21.62 3.43
N ALA B 513 5.32 -20.58 3.71
CA ALA B 513 6.68 -20.52 3.16
C ALA B 513 7.48 -21.73 3.57
N GLY B 514 7.45 -22.06 4.87
CA GLY B 514 8.20 -23.21 5.36
C GLY B 514 7.70 -24.51 4.79
N TYR B 515 6.38 -24.69 4.74
CA TYR B 515 5.83 -25.92 4.17
C TYR B 515 6.10 -26.02 2.68
N HIS B 516 5.96 -24.91 1.96
CA HIS B 516 6.32 -24.89 0.56
C HIS B 516 7.77 -25.29 0.37
N GLN B 517 8.68 -24.62 1.08
CA GLN B 517 10.09 -24.81 0.78
C GLN B 517 10.56 -26.19 1.20
N LEU B 518 10.13 -26.67 2.37
CA LEU B 518 10.63 -27.92 2.91
C LEU B 518 9.86 -29.12 2.39
N VAL B 519 8.57 -28.99 2.14
CA VAL B 519 7.73 -30.10 1.75
C VAL B 519 7.36 -30.07 0.26
N SER B 520 6.67 -29.00 -0.19
CA SER B 520 6.24 -28.94 -1.58
C SER B 520 7.41 -28.99 -2.54
N HIS B 521 8.50 -28.30 -2.19
CA HIS B 521 9.68 -28.21 -3.03
C HIS B 521 10.72 -29.26 -2.63
N TRP B 522 11.40 -29.03 -1.50
CA TRP B 522 12.54 -29.89 -1.15
C TRP B 522 12.12 -31.36 -1.06
N LEU B 523 11.14 -31.67 -0.21
CA LEU B 523 10.83 -33.08 0.02
C LEU B 523 10.29 -33.75 -1.24
N ARG B 524 9.18 -33.23 -1.77
CA ARG B 524 8.44 -33.99 -2.77
C ARG B 524 9.09 -34.01 -4.14
N THR B 525 10.12 -33.20 -4.37
CA THR B 525 10.87 -33.28 -5.62
C THR B 525 12.31 -33.71 -5.37
N HIS B 526 13.22 -32.74 -5.13
CA HIS B 526 14.63 -33.02 -4.83
C HIS B 526 14.86 -34.28 -3.99
N CYS B 527 14.22 -34.34 -2.82
CA CYS B 527 14.63 -35.31 -1.80
C CYS B 527 14.12 -36.71 -2.12
N VAL B 528 12.82 -36.87 -2.36
CA VAL B 528 12.29 -38.19 -2.67
C VAL B 528 12.76 -38.70 -4.02
N THR B 529 13.33 -37.85 -4.87
CA THR B 529 13.76 -38.28 -6.21
C THR B 529 15.17 -38.88 -6.23
N GLU B 530 16.11 -38.37 -5.42
CA GLU B 530 17.49 -38.86 -5.45
C GLU B 530 17.58 -40.39 -5.33
N PRO B 531 16.85 -41.06 -4.42
CA PRO B 531 16.87 -42.52 -4.43
C PRO B 531 16.49 -43.14 -5.75
N TYR B 532 15.50 -42.58 -6.47
CA TYR B 532 15.18 -43.10 -7.79
C TYR B 532 16.43 -43.06 -8.68
N ILE B 533 17.14 -41.95 -8.66
CA ILE B 533 18.33 -41.82 -9.50
C ILE B 533 19.36 -42.89 -9.13
N ILE B 534 19.62 -43.04 -7.83
CA ILE B 534 20.58 -44.03 -7.35
C ILE B 534 20.19 -45.43 -7.84
N ALA B 535 18.94 -45.83 -7.62
CA ALA B 535 18.50 -47.17 -8.01
C ALA B 535 18.60 -47.36 -9.52
N THR B 536 18.27 -46.33 -10.30
CA THR B 536 18.35 -46.45 -11.76
C THR B 536 19.77 -46.78 -12.20
N ASN B 537 20.77 -46.12 -11.61
CA ASN B 537 22.15 -46.40 -12.01
C ASN B 537 22.64 -47.72 -11.44
N ARG B 538 22.08 -48.15 -10.31
CA ARG B 538 22.47 -49.40 -9.69
C ARG B 538 21.88 -50.63 -10.37
N GLN B 539 20.68 -50.52 -10.94
CA GLN B 539 19.92 -51.71 -11.31
C GLN B 539 19.48 -51.76 -12.77
N LEU B 540 19.51 -50.63 -13.49
CA LEU B 540 19.17 -50.58 -14.90
C LEU B 540 20.45 -50.29 -15.66
N SER B 541 20.77 -51.16 -16.61
CA SER B 541 21.92 -50.95 -17.45
C SER B 541 21.76 -49.65 -18.23
N ALA B 542 22.89 -49.01 -18.52
CA ALA B 542 22.84 -47.87 -19.42
C ALA B 542 22.19 -48.20 -20.75
N MET B 543 22.18 -49.47 -21.18
CA MET B 543 21.49 -49.83 -22.41
C MET B 543 20.03 -50.21 -22.18
N HIS B 544 19.56 -50.21 -20.94
CA HIS B 544 18.16 -50.58 -20.69
C HIS B 544 17.24 -49.45 -21.17
N PRO B 545 16.15 -49.76 -21.88
CA PRO B 545 15.30 -48.70 -22.42
C PRO B 545 14.70 -47.78 -21.37
N ILE B 546 14.36 -48.30 -20.17
CA ILE B 546 13.80 -47.44 -19.13
C ILE B 546 14.89 -46.57 -18.51
N TYR B 547 16.12 -47.09 -18.44
CA TYR B 547 17.23 -46.22 -18.07
C TYR B 547 17.26 -45.03 -19.01
N ARG B 548 17.16 -45.30 -20.31
CA ARG B 548 17.29 -44.23 -21.29
C ARG B 548 16.08 -43.30 -21.32
N LEU B 549 14.89 -43.80 -20.96
CA LEU B 549 13.71 -42.94 -20.83
C LEU B 549 13.86 -41.98 -19.66
N LEU B 550 14.39 -42.48 -18.54
CA LEU B 550 14.47 -41.73 -17.29
C LEU B 550 15.62 -40.74 -17.27
N HIS B 551 16.69 -41.01 -18.02
CA HIS B 551 17.95 -40.27 -17.85
C HIS B 551 17.77 -38.77 -17.88
N PRO B 552 17.14 -38.15 -18.89
CA PRO B 552 17.08 -36.68 -18.90
C PRO B 552 16.26 -36.12 -17.74
N HIS B 553 15.27 -36.87 -17.26
CA HIS B 553 14.53 -36.42 -16.09
C HIS B 553 15.36 -36.50 -14.81
N PHE B 554 16.52 -37.16 -14.83
CA PHE B 554 17.32 -37.31 -13.63
C PHE B 554 18.64 -36.55 -13.67
N ARG B 555 18.98 -35.94 -14.79
CA ARG B 555 20.23 -35.19 -14.88
C ARG B 555 20.22 -33.98 -13.95
N TYR B 556 21.39 -33.67 -13.37
CA TYR B 556 21.70 -32.46 -12.61
C TYR B 556 21.21 -32.49 -11.16
N THR B 557 20.27 -33.37 -10.86
CA THR B 557 19.63 -33.34 -9.54
C THR B 557 20.61 -33.69 -8.43
N MET B 558 21.38 -34.76 -8.60
CA MET B 558 22.23 -35.23 -7.51
C MET B 558 23.29 -34.21 -7.12
N GLU B 559 23.83 -33.49 -8.11
CA GLU B 559 24.85 -32.49 -7.78
C GLU B 559 24.21 -31.32 -7.04
N ILE B 560 23.01 -30.92 -7.47
CA ILE B 560 22.30 -29.84 -6.77
C ILE B 560 21.98 -30.25 -5.34
N ASN B 561 21.49 -31.48 -5.13
CA ASN B 561 21.19 -31.85 -3.75
C ASN B 561 22.44 -31.93 -2.89
N ALA B 562 23.59 -32.31 -3.46
CA ALA B 562 24.81 -32.27 -2.67
C ALA B 562 25.14 -30.84 -2.23
N LEU B 563 24.99 -29.88 -3.15
CA LEU B 563 25.17 -28.48 -2.81
C LEU B 563 24.20 -28.05 -1.72
N ALA B 564 23.05 -28.71 -1.65
CA ALA B 564 22.00 -28.37 -0.69
C ALA B 564 22.30 -28.93 0.70
N ARG B 565 22.73 -30.18 0.78
CA ARG B 565 23.10 -30.73 2.09
C ARG B 565 24.35 -30.11 2.62
N GLU B 566 25.04 -29.35 1.80
CA GLU B 566 26.24 -28.67 2.27
C GLU B 566 26.03 -27.23 2.69
N ALA B 567 25.13 -26.49 2.03
CA ALA B 567 24.96 -25.07 2.28
C ALA B 567 23.51 -24.59 2.38
N LEU B 568 22.50 -25.41 2.09
CA LEU B 568 21.12 -24.94 2.12
C LEU B 568 20.33 -25.45 3.30
N ILE B 569 20.38 -26.74 3.57
CA ILE B 569 19.60 -27.35 4.64
C ILE B 569 20.49 -27.83 5.80
N ASN B 570 21.75 -27.38 5.90
CA ASN B 570 22.61 -27.70 7.03
C ASN B 570 22.29 -26.91 8.28
N ALA B 571 22.97 -27.33 9.34
CA ALA B 571 23.07 -26.54 10.56
C ALA B 571 23.64 -25.17 10.22
N ASP B 572 22.86 -24.14 10.55
CA ASP B 572 23.14 -22.74 10.27
C ASP B 572 23.24 -22.44 8.78
N GLY B 573 22.65 -23.28 7.93
CA GLY B 573 22.58 -23.00 6.52
C GLY B 573 21.57 -21.91 6.20
N ILE B 574 21.30 -21.76 4.90
CA ILE B 574 20.44 -20.67 4.44
C ILE B 574 19.04 -20.80 5.05
N ILE B 575 18.47 -22.00 5.03
CA ILE B 575 17.11 -22.17 5.51
C ILE B 575 17.05 -21.88 7.00
N GLU B 576 17.95 -22.50 7.77
CA GLU B 576 17.92 -22.33 9.23
C GLU B 576 18.09 -20.86 9.62
N SER B 577 18.91 -20.11 8.89
CA SER B 577 19.19 -18.74 9.24
C SER B 577 18.05 -17.77 8.95
N ALA B 578 17.05 -18.19 8.15
CA ALA B 578 16.02 -17.25 7.72
C ALA B 578 14.60 -17.78 7.77
N PHE B 579 14.36 -19.00 8.21
CA PHE B 579 13.01 -19.56 8.19
C PHE B 579 12.51 -19.80 9.60
N THR B 580 11.20 -19.57 9.79
CA THR B 580 10.53 -19.68 11.10
C THR B 580 10.98 -20.84 11.99
N PRO B 581 11.11 -22.09 11.52
CA PRO B 581 11.45 -23.16 12.48
C PRO B 581 12.93 -23.22 12.83
N GLY B 582 13.76 -22.43 12.16
CA GLY B 582 15.19 -22.39 12.40
C GLY B 582 15.82 -23.77 12.40
N LYS B 583 16.31 -24.22 13.55
CA LYS B 583 17.02 -25.49 13.64
C LYS B 583 16.09 -26.69 13.56
N TYR B 584 14.78 -26.51 13.61
CA TYR B 584 13.86 -27.63 13.45
C TYR B 584 13.30 -27.76 12.02
N SER B 585 13.83 -27.01 11.05
CA SER B 585 13.20 -26.98 9.74
C SER B 585 13.27 -28.34 9.03
N THR B 586 14.47 -28.91 8.91
CA THR B 586 14.60 -30.19 8.20
C THR B 586 13.79 -31.29 8.88
N GLU B 587 13.77 -31.34 10.22
CA GLU B 587 12.99 -32.34 10.95
C GLU B 587 11.53 -32.31 10.55
N ILE B 588 10.96 -31.11 10.43
CA ILE B 588 9.58 -30.97 9.98
C ILE B 588 9.38 -31.60 8.60
N SER B 589 10.38 -31.53 7.72
CA SER B 589 10.24 -32.18 6.42
C SER B 589 10.27 -33.70 6.59
N SER B 590 11.06 -34.20 7.54
CA SER B 590 10.93 -35.60 7.94
C SER B 590 9.56 -35.91 8.51
N ALA B 591 8.96 -34.98 9.26
CA ALA B 591 7.65 -35.25 9.83
C ALA B 591 6.58 -35.33 8.75
N ALA B 592 6.64 -34.42 7.77
CA ALA B 592 5.67 -34.48 6.69
C ALA B 592 5.90 -35.73 5.85
N TYR B 593 7.17 -36.09 5.64
CA TYR B 593 7.47 -37.37 4.98
C TYR B 593 6.74 -38.52 5.65
N GLY B 594 7.05 -38.73 6.95
CA GLY B 594 6.46 -39.86 7.65
C GLY B 594 4.95 -39.80 7.75
N LEU B 595 4.39 -38.61 7.98
CA LEU B 595 2.95 -38.50 8.18
C LEU B 595 2.18 -38.60 6.88
N GLN B 596 2.70 -38.03 5.79
CA GLN B 596 1.87 -37.78 4.63
C GLN B 596 2.39 -38.40 3.34
N TRP B 597 3.70 -38.45 3.11
CA TRP B 597 4.20 -38.80 1.79
C TRP B 597 3.88 -40.24 1.46
N ARG B 598 3.17 -40.45 0.34
CA ARG B 598 2.96 -41.78 -0.23
C ARG B 598 3.09 -41.69 -1.75
N PHE B 599 3.65 -42.75 -2.37
CA PHE B 599 3.98 -42.66 -3.80
C PHE B 599 2.73 -42.54 -4.66
N ASP B 600 1.65 -43.19 -4.24
CA ASP B 600 0.47 -43.26 -5.09
C ASP B 600 -0.37 -41.99 -5.06
N THR B 601 0.03 -40.95 -4.31
CA THR B 601 -0.64 -39.65 -4.40
C THR B 601 0.28 -38.57 -4.93
N GLN B 602 1.40 -38.94 -5.56
CA GLN B 602 2.31 -37.94 -6.10
C GLN B 602 2.00 -37.58 -7.55
N GLY B 603 1.33 -38.46 -8.29
CA GLY B 603 0.81 -38.05 -9.59
C GLY B 603 -0.27 -36.99 -9.43
N LEU B 604 -0.35 -36.10 -10.43
CA LEU B 604 -1.25 -34.94 -10.31
C LEU B 604 -2.71 -35.32 -10.16
N PRO B 605 -3.28 -36.23 -10.97
CA PRO B 605 -4.69 -36.58 -10.75
C PRO B 605 -4.93 -37.16 -9.36
N ALA B 606 -4.03 -38.03 -8.88
CA ALA B 606 -4.19 -38.58 -7.54
C ALA B 606 -3.97 -37.54 -6.45
N ASP B 607 -3.07 -36.59 -6.69
CA ASP B 607 -2.91 -35.51 -5.72
C ASP B 607 -4.18 -34.69 -5.60
N LEU B 608 -4.82 -34.36 -6.73
CA LEU B 608 -6.03 -33.56 -6.71
C LEU B 608 -7.18 -34.30 -6.05
N ILE B 609 -7.34 -35.59 -6.37
CA ILE B 609 -8.40 -36.39 -5.75
C ILE B 609 -8.18 -36.49 -4.25
N SER B 610 -6.93 -36.72 -3.84
CA SER B 610 -6.60 -36.87 -2.43
C SER B 610 -6.88 -35.60 -1.63
N ARG B 611 -6.75 -34.42 -2.24
CA ARG B 611 -7.01 -33.16 -1.57
C ARG B 611 -8.47 -32.72 -1.68
N GLY B 612 -9.33 -33.51 -2.32
CA GLY B 612 -10.72 -33.15 -2.46
C GLY B 612 -11.01 -32.15 -3.56
N ILE B 613 -10.00 -31.73 -4.31
CA ILE B 613 -10.19 -30.79 -5.41
C ILE B 613 -10.90 -31.44 -6.59
N ALA B 614 -10.68 -32.73 -6.81
CA ALA B 614 -11.20 -33.41 -8.00
C ALA B 614 -11.87 -34.72 -7.63
N VAL B 615 -12.91 -35.05 -8.38
CA VAL B 615 -13.54 -36.37 -8.33
C VAL B 615 -13.50 -36.96 -9.72
N GLU B 616 -13.36 -38.28 -9.79
CA GLU B 616 -13.34 -38.96 -11.08
C GLU B 616 -14.71 -38.85 -11.74
N ASP B 617 -14.73 -38.32 -12.95
CA ASP B 617 -15.96 -38.14 -13.70
C ASP B 617 -15.66 -38.30 -15.19
N PRO B 618 -16.06 -39.42 -15.80
CA PRO B 618 -15.71 -39.66 -17.21
C PRO B 618 -16.18 -38.58 -18.15
N SER B 619 -17.16 -37.77 -17.75
CA SER B 619 -17.74 -36.79 -18.65
C SER B 619 -17.13 -35.39 -18.49
N SER B 620 -16.19 -35.21 -17.58
CA SER B 620 -15.48 -33.93 -17.44
C SER B 620 -14.16 -33.98 -18.19
N PRO B 621 -13.54 -32.82 -18.46
CA PRO B 621 -12.21 -32.84 -19.09
C PRO B 621 -11.20 -33.56 -18.21
N HIS B 622 -10.34 -34.37 -18.85
CA HIS B 622 -9.36 -35.23 -18.20
C HIS B 622 -10.00 -36.29 -17.30
N GLY B 623 -11.31 -36.48 -17.39
CA GLY B 623 -11.96 -37.42 -16.49
C GLY B 623 -12.00 -36.99 -15.05
N LEU B 624 -11.99 -35.68 -14.78
CA LEU B 624 -11.91 -35.17 -13.43
C LEU B 624 -12.80 -33.94 -13.30
N LYS B 625 -13.78 -34.00 -12.40
CA LYS B 625 -14.62 -32.85 -12.08
C LYS B 625 -13.92 -32.06 -10.99
N LEU B 626 -13.57 -30.82 -11.28
CA LEU B 626 -12.84 -29.98 -10.33
C LEU B 626 -13.81 -29.15 -9.50
N ALA B 627 -13.67 -29.23 -8.18
CA ALA B 627 -14.44 -28.36 -7.28
C ALA B 627 -14.02 -26.91 -7.41
N ILE B 628 -12.77 -26.66 -7.77
CA ILE B 628 -12.30 -25.31 -8.09
C ILE B 628 -12.01 -25.29 -9.58
N PRO B 629 -12.94 -24.82 -10.42
CA PRO B 629 -12.78 -25.01 -11.87
C PRO B 629 -11.68 -24.16 -12.47
N ASP B 630 -11.53 -22.91 -12.03
CA ASP B 630 -10.47 -22.02 -12.48
C ASP B 630 -9.34 -22.15 -11.45
N TYR B 631 -8.47 -23.13 -11.68
CA TYR B 631 -7.38 -23.47 -10.77
C TYR B 631 -6.15 -23.57 -11.68
N PRO B 632 -5.47 -22.44 -11.92
CA PRO B 632 -4.47 -22.40 -13.00
C PRO B 632 -3.45 -23.51 -12.95
N PHE B 633 -2.90 -23.81 -11.76
CA PHE B 633 -1.90 -24.87 -11.67
C PHE B 633 -2.51 -26.22 -12.04
N ALA B 634 -3.69 -26.53 -11.52
CA ALA B 634 -4.29 -27.82 -11.79
C ALA B 634 -4.77 -27.92 -13.23
N ASN B 635 -5.40 -26.87 -13.76
CA ASN B 635 -5.82 -26.86 -15.17
C ASN B 635 -4.64 -27.09 -16.08
N ASP B 636 -3.58 -26.29 -15.92
CA ASP B 636 -2.44 -26.41 -16.81
C ASP B 636 -1.68 -27.72 -16.55
N GLY B 637 -1.61 -28.14 -15.28
CA GLY B 637 -0.87 -29.35 -14.97
C GLY B 637 -1.46 -30.59 -15.61
N LEU B 638 -2.78 -30.65 -15.71
CA LEU B 638 -3.42 -31.83 -16.27
C LEU B 638 -3.18 -31.91 -17.79
N LEU B 639 -2.99 -30.77 -18.45
CA LEU B 639 -2.57 -30.82 -19.86
C LEU B 639 -1.22 -31.51 -19.99
N LEU B 640 -0.26 -31.11 -19.16
CA LEU B 640 1.08 -31.70 -19.17
C LEU B 640 1.04 -33.16 -18.74
N TRP B 641 0.27 -33.46 -17.70
CA TRP B 641 0.12 -34.84 -17.26
C TRP B 641 -0.27 -35.74 -18.42
N ASP B 642 -1.33 -35.36 -19.14
CA ASP B 642 -1.85 -36.16 -20.24
C ASP B 642 -0.83 -36.28 -21.36
N ALA B 643 -0.14 -35.19 -21.67
CA ALA B 643 0.86 -35.23 -22.73
C ALA B 643 2.02 -36.14 -22.34
N ILE B 644 2.47 -36.03 -21.09
CA ILE B 644 3.56 -36.87 -20.63
C ILE B 644 3.14 -38.33 -20.63
N LYS B 645 1.93 -38.60 -20.11
CA LYS B 645 1.50 -39.99 -19.96
C LYS B 645 1.38 -40.69 -21.30
N GLU B 646 1.00 -39.95 -22.34
CA GLU B 646 0.88 -40.56 -23.65
C GLU B 646 2.25 -40.86 -24.24
N TRP B 647 3.24 -39.99 -24.00
CA TRP B 647 4.62 -40.29 -24.40
C TRP B 647 5.14 -41.53 -23.71
N VAL B 648 5.01 -41.59 -22.38
CA VAL B 648 5.44 -42.76 -21.60
C VAL B 648 4.69 -44.00 -22.05
N THR B 649 3.39 -43.88 -22.34
CA THR B 649 2.64 -45.04 -22.84
C THR B 649 3.22 -45.55 -24.15
N ASP B 650 3.49 -44.64 -25.10
CA ASP B 650 4.06 -45.01 -26.38
C ASP B 650 5.40 -45.72 -26.19
N TYR B 651 6.28 -45.15 -25.37
CA TYR B 651 7.60 -45.73 -25.16
C TYR B 651 7.50 -47.10 -24.52
N VAL B 652 6.75 -47.22 -23.42
CA VAL B 652 6.66 -48.51 -22.73
C VAL B 652 6.10 -49.58 -23.66
N ASN B 653 5.02 -49.26 -24.36
CA ASN B 653 4.38 -50.23 -25.25
C ASN B 653 5.30 -50.69 -26.38
N PHE B 654 6.24 -49.83 -26.82
CA PHE B 654 7.21 -50.26 -27.81
C PHE B 654 8.11 -51.37 -27.25
N PHE B 655 8.44 -51.31 -25.97
CA PHE B 655 9.40 -52.27 -25.41
C PHE B 655 8.76 -53.40 -24.62
N TYR B 656 7.57 -53.21 -24.06
CA TYR B 656 6.94 -54.25 -23.26
C TYR B 656 5.61 -54.58 -23.91
N LYS B 657 5.55 -55.74 -24.60
CA LYS B 657 4.37 -56.10 -25.36
C LYS B 657 3.29 -56.75 -24.50
N ASP B 658 3.65 -57.24 -23.31
CA ASP B 658 2.68 -57.85 -22.41
C ASP B 658 3.29 -57.96 -21.01
N ALA B 659 2.46 -58.43 -20.07
CA ALA B 659 2.87 -58.48 -18.67
C ALA B 659 4.05 -59.41 -18.46
N SER B 660 4.14 -60.48 -19.26
CA SER B 660 5.24 -61.40 -19.08
C SER B 660 6.58 -60.71 -19.27
N MET B 661 6.66 -59.79 -20.24
CA MET B 661 7.91 -59.05 -20.45
C MET B 661 8.22 -58.10 -19.28
N VAL B 662 7.20 -57.60 -18.59
CA VAL B 662 7.47 -56.78 -17.41
C VAL B 662 7.92 -57.66 -16.24
N LYS B 663 7.25 -58.80 -16.04
CA LYS B 663 7.59 -59.70 -14.95
C LYS B 663 8.97 -60.34 -15.11
N SER B 664 9.42 -60.62 -16.32
CA SER B 664 10.69 -61.31 -16.54
C SER B 664 11.88 -60.37 -16.62
N ASP B 665 11.70 -59.06 -16.46
CA ASP B 665 12.79 -58.09 -16.55
C ASP B 665 13.46 -58.00 -15.18
N ALA B 666 14.47 -58.84 -14.95
CA ALA B 666 15.11 -58.88 -13.63
C ALA B 666 15.71 -57.53 -13.27
N GLU B 667 16.14 -56.74 -14.27
CA GLU B 667 16.73 -55.44 -13.99
C GLU B 667 15.65 -54.47 -13.51
N LEU B 668 14.52 -54.44 -14.21
CA LEU B 668 13.41 -53.59 -13.82
C LEU B 668 12.84 -54.01 -12.48
N GLN B 669 12.77 -55.32 -12.23
CA GLN B 669 12.21 -55.76 -10.96
C GLN B 669 13.14 -55.43 -9.81
N ALA B 670 14.44 -55.66 -9.98
CA ALA B 670 15.41 -55.23 -8.98
C ALA B 670 15.39 -53.71 -8.79
N TRP B 671 15.00 -52.96 -9.83
CA TRP B 671 15.00 -51.51 -9.74
C TRP B 671 13.90 -51.03 -8.82
N TRP B 672 12.67 -51.49 -9.06
CA TRP B 672 11.54 -51.09 -8.23
C TRP B 672 11.69 -51.59 -6.79
N THR B 673 12.18 -52.82 -6.61
CA THR B 673 12.39 -53.36 -5.27
C THR B 673 13.38 -52.51 -4.49
N GLU B 674 14.53 -52.19 -5.09
CA GLU B 674 15.52 -51.39 -4.38
C GLU B 674 14.97 -50.00 -4.02
N ILE B 675 14.11 -49.44 -4.88
CA ILE B 675 13.53 -48.13 -4.59
C ILE B 675 12.68 -48.21 -3.32
N ARG B 676 11.81 -49.22 -3.24
CA ARG B 676 10.97 -49.38 -2.06
C ARG B 676 11.80 -49.78 -0.85
N THR B 677 12.59 -50.85 -0.97
CA THR B 677 13.25 -51.45 0.21
C THR B 677 14.50 -50.69 0.65
N ARG B 678 15.20 -50.00 -0.24
CA ARG B 678 16.39 -49.27 0.21
C ARG B 678 16.30 -47.76 0.03
N GLY B 679 15.80 -47.27 -1.11
CA GLY B 679 15.70 -45.83 -1.29
C GLY B 679 14.72 -45.17 -0.34
N HIS B 680 13.55 -45.80 -0.15
CA HIS B 680 12.58 -45.34 0.82
C HIS B 680 12.35 -46.44 1.85
N GLU B 681 13.43 -46.86 2.51
CA GLU B 681 13.35 -48.02 3.41
C GLU B 681 12.34 -47.79 4.54
N ASP B 682 12.35 -46.60 5.15
CA ASP B 682 11.45 -46.38 6.29
C ASP B 682 9.98 -46.54 5.93
N LYS B 683 9.62 -46.56 4.65
CA LYS B 683 8.25 -46.81 4.23
C LYS B 683 8.08 -48.11 3.44
N LYS B 684 9.09 -48.98 3.44
CA LYS B 684 9.07 -50.15 2.56
C LYS B 684 7.91 -51.10 2.86
N ASP B 685 7.26 -50.95 4.02
CA ASP B 685 6.22 -51.87 4.45
C ASP B 685 4.81 -51.34 4.23
N GLU B 686 4.68 -50.07 3.83
CA GLU B 686 3.36 -49.52 3.57
C GLU B 686 2.69 -50.29 2.44
N THR B 687 1.36 -50.35 2.50
CA THR B 687 0.61 -51.14 1.54
C THR B 687 0.30 -50.40 0.24
N TRP B 688 0.70 -49.13 0.10
CA TRP B 688 0.27 -48.36 -1.07
C TRP B 688 1.27 -48.41 -2.22
N TRP B 689 2.42 -49.02 -2.05
CA TRP B 689 3.38 -49.07 -3.14
C TRP B 689 2.78 -49.84 -4.32
N PRO B 690 2.75 -49.23 -5.52
CA PRO B 690 2.15 -49.92 -6.66
C PRO B 690 2.88 -51.20 -6.99
N ASP B 691 2.15 -52.15 -7.54
CA ASP B 691 2.78 -53.34 -8.08
C ASP B 691 3.49 -53.00 -9.39
N LEU B 692 4.39 -53.88 -9.82
CA LEU B 692 5.04 -53.71 -11.11
C LEU B 692 4.92 -55.03 -11.84
N LYS B 693 3.76 -55.27 -12.45
CA LYS B 693 3.49 -56.53 -13.12
C LYS B 693 3.07 -56.42 -14.57
N THR B 694 2.66 -55.23 -15.03
CA THR B 694 2.08 -55.04 -16.34
C THR B 694 2.67 -53.78 -16.95
N PRO B 695 2.64 -53.65 -18.28
CA PRO B 695 3.02 -52.37 -18.87
C PRO B 695 2.30 -51.18 -18.25
N GLN B 696 1.00 -51.32 -17.96
CA GLN B 696 0.24 -50.21 -17.40
C GLN B 696 0.77 -49.82 -16.01
N ASP B 697 1.14 -50.80 -15.19
CA ASP B 697 1.77 -50.50 -13.91
C ASP B 697 3.03 -49.67 -14.10
N LEU B 698 3.84 -50.05 -15.09
CA LEU B 698 5.10 -49.36 -15.37
C LEU B 698 4.83 -47.95 -15.87
N ILE B 699 3.82 -47.80 -16.73
CA ILE B 699 3.44 -46.47 -17.20
C ILE B 699 3.06 -45.57 -16.03
N GLY B 700 2.32 -46.09 -15.06
CA GLY B 700 1.89 -45.28 -13.93
C GLY B 700 3.04 -44.84 -13.07
N ILE B 701 3.98 -45.75 -12.81
CA ILE B 701 5.13 -45.44 -11.95
C ILE B 701 6.00 -44.37 -12.61
N VAL B 702 6.36 -44.58 -13.88
CA VAL B 702 7.24 -43.65 -14.60
C VAL B 702 6.57 -42.30 -14.78
N THR B 703 5.28 -42.29 -15.15
CA THR B 703 4.60 -41.01 -15.35
C THR B 703 4.58 -40.20 -14.06
N THR B 704 4.31 -40.88 -12.93
CA THR B 704 4.40 -40.22 -11.62
C THR B 704 5.79 -39.65 -11.39
N MET B 705 6.84 -40.43 -11.68
CA MET B 705 8.19 -39.98 -11.37
C MET B 705 8.57 -38.75 -12.18
N VAL B 706 8.29 -38.78 -13.47
CA VAL B 706 8.79 -37.74 -14.37
C VAL B 706 7.87 -36.53 -14.42
N TRP B 707 6.59 -36.68 -14.06
CA TRP B 707 5.77 -35.50 -13.75
C TRP B 707 6.36 -34.71 -12.59
N VAL B 708 6.78 -35.43 -11.52
CA VAL B 708 7.36 -34.79 -10.34
C VAL B 708 8.63 -34.02 -10.68
N THR B 709 9.48 -34.60 -11.53
CA THR B 709 10.75 -33.96 -11.85
C THR B 709 10.60 -32.82 -12.82
N SER B 710 9.52 -32.81 -13.60
CA SER B 710 9.34 -31.77 -14.59
C SER B 710 8.29 -30.77 -14.10
N GLY B 711 7.00 -31.09 -14.26
CA GLY B 711 5.95 -30.11 -14.00
C GLY B 711 5.76 -29.75 -12.54
N HIS B 712 5.69 -30.76 -11.66
CA HIS B 712 5.61 -30.47 -10.22
C HIS B 712 6.75 -29.56 -9.81
N HIS B 713 8.00 -29.96 -10.09
CA HIS B 713 9.13 -29.14 -9.64
C HIS B 713 9.09 -27.75 -10.25
N ALA B 714 8.79 -27.64 -11.54
CA ALA B 714 8.73 -26.32 -12.19
C ALA B 714 7.70 -25.42 -11.52
N ALA B 715 6.54 -25.98 -11.18
CA ALA B 715 5.45 -25.17 -10.66
C ALA B 715 5.76 -24.64 -9.28
N VAL B 716 6.55 -25.38 -8.48
CA VAL B 716 6.90 -24.91 -7.14
C VAL B 716 8.23 -24.18 -7.11
N ASN B 717 9.00 -24.23 -8.20
CA ASN B 717 10.35 -23.66 -8.19
C ASN B 717 10.46 -22.33 -8.93
N PHE B 718 9.97 -22.23 -10.16
CA PHE B 718 10.37 -21.11 -11.01
C PHE B 718 9.51 -19.87 -10.82
N GLY B 719 8.53 -19.92 -9.92
CA GLY B 719 7.83 -18.72 -9.50
C GLY B 719 8.27 -18.21 -8.14
N GLN B 720 9.38 -18.72 -7.60
CA GLN B 720 9.80 -18.35 -6.26
C GLN B 720 10.15 -16.88 -6.16
N TYR B 721 10.99 -16.38 -7.07
CA TYR B 721 11.33 -14.96 -6.97
C TYR B 721 10.15 -14.08 -7.33
N ALA B 722 9.29 -14.53 -8.23
CA ALA B 722 8.14 -13.73 -8.62
C ALA B 722 7.25 -13.40 -7.43
N TYR B 723 7.03 -14.37 -6.54
CA TYR B 723 6.09 -14.20 -5.43
C TYR B 723 6.78 -13.96 -4.10
N ALA B 724 8.00 -14.47 -3.91
CA ALA B 724 8.67 -14.32 -2.64
C ALA B 724 9.87 -13.38 -2.71
N GLY B 725 10.23 -12.91 -3.91
CA GLY B 725 11.31 -11.94 -4.03
C GLY B 725 10.99 -10.61 -3.35
N TYR B 726 9.73 -10.17 -3.40
CA TYR B 726 9.29 -9.06 -2.54
C TYR B 726 8.78 -9.70 -1.26
N PHE B 727 9.68 -9.87 -0.31
CA PHE B 727 9.43 -10.78 0.80
C PHE B 727 8.24 -10.41 1.68
N PRO B 728 7.79 -9.15 1.80
CA PRO B 728 6.56 -8.95 2.60
C PRO B 728 5.35 -9.70 2.04
N ASN B 729 5.33 -10.00 0.74
CA ASN B 729 4.27 -10.84 0.18
C ASN B 729 4.34 -12.28 0.69
N ARG B 730 5.54 -12.81 0.88
CA ARG B 730 5.75 -14.20 1.28
C ARG B 730 6.98 -14.26 2.17
N PRO B 731 6.86 -13.83 3.43
CA PRO B 731 8.05 -13.78 4.29
C PRO B 731 8.45 -15.18 4.74
N THR B 732 9.75 -15.41 4.85
CA THR B 732 10.19 -16.75 5.25
C THR B 732 10.18 -16.95 6.75
N ILE B 733 9.85 -15.91 7.53
CA ILE B 733 9.88 -15.97 8.98
C ILE B 733 8.95 -14.88 9.50
N ALA B 734 8.30 -15.17 10.64
CA ALA B 734 7.54 -14.19 11.43
C ALA B 734 8.18 -14.15 12.81
N ARG B 735 8.93 -13.09 13.08
CA ARG B 735 9.86 -13.07 14.20
C ARG B 735 9.23 -12.70 15.54
N THR B 736 8.01 -12.16 15.56
CA THR B 736 7.41 -11.72 16.81
C THR B 736 5.99 -12.25 16.93
N ASN B 737 5.52 -12.38 18.17
CA ASN B 737 4.18 -12.87 18.43
C ASN B 737 3.14 -11.82 18.07
N LEU B 738 1.91 -12.29 17.89
CA LEU B 738 0.80 -11.36 17.68
C LEU B 738 0.70 -10.43 18.88
N PRO B 739 0.38 -9.14 18.68
CA PRO B 739 0.18 -8.24 19.84
C PRO B 739 -0.95 -8.65 20.75
N SER B 740 -1.94 -9.38 20.23
CA SER B 740 -3.05 -9.83 21.05
C SER B 740 -2.75 -11.12 21.82
N GLU B 741 -1.50 -11.58 21.86
CA GLU B 741 -1.11 -12.77 22.62
C GLU B 741 -0.54 -12.29 23.95
N ASP B 742 -1.30 -12.53 25.03
CA ASP B 742 -0.95 -12.09 26.37
C ASP B 742 -0.38 -10.67 26.34
N PRO B 743 -1.17 -9.69 25.92
CA PRO B 743 -0.64 -8.35 25.72
C PRO B 743 -0.39 -7.62 27.03
N THR B 744 0.60 -6.74 27.03
CA THR B 744 0.78 -5.75 28.08
C THR B 744 0.20 -4.41 27.62
N GLU B 745 -0.28 -3.62 28.60
CA GLU B 745 -0.82 -2.30 28.29
C GLU B 745 0.15 -1.48 27.46
N GLU B 746 1.44 -1.57 27.77
CA GLU B 746 2.45 -0.78 27.07
C GLU B 746 2.67 -1.27 25.65
N GLY B 747 2.93 -2.58 25.49
CA GLY B 747 3.13 -3.11 24.15
C GLY B 747 1.92 -2.92 23.26
N TRP B 748 0.71 -3.10 23.81
CA TRP B 748 -0.50 -2.88 23.04
C TRP B 748 -0.59 -1.43 22.57
N ARG B 749 -0.06 -0.48 23.35
CA ARG B 749 -0.12 0.91 22.95
C ARG B 749 0.90 1.23 21.85
N ARG B 750 2.11 0.66 21.95
CA ARG B 750 3.04 0.69 20.83
C ARG B 750 2.39 0.20 19.55
N PHE B 751 1.66 -0.92 19.64
CA PHE B 751 1.02 -1.48 18.46
C PHE B 751 0.00 -0.51 17.88
N LEU B 752 -0.87 0.06 18.74
CA LEU B 752 -1.89 1.00 18.27
C LEU B 752 -1.26 2.26 17.69
N HIS B 753 -0.15 2.71 18.27
CA HIS B 753 0.45 3.98 17.89
C HIS B 753 1.14 3.92 16.54
N LYS B 754 1.73 2.76 16.22
CA LYS B 754 2.53 2.62 15.00
C LYS B 754 2.48 1.17 14.56
N PRO B 755 1.30 0.72 14.11
CA PRO B 755 1.15 -0.70 13.77
C PRO B 755 2.08 -1.20 12.66
N GLU B 756 2.55 -0.32 11.77
CA GLU B 756 3.45 -0.77 10.71
C GLU B 756 4.84 -1.11 11.25
N ASN B 757 5.20 -0.61 12.42
CA ASN B 757 6.44 -1.04 13.06
C ASN B 757 6.33 -2.41 13.69
N GLU B 758 5.14 -2.80 14.18
CA GLU B 758 4.91 -4.20 14.54
C GLU B 758 5.20 -5.12 13.35
N LEU B 759 4.67 -4.77 12.17
CA LEU B 759 4.88 -5.62 10.99
C LEU B 759 6.34 -5.68 10.60
N LEU B 760 7.04 -4.54 10.64
CA LEU B 760 8.47 -4.56 10.35
C LEU B 760 9.22 -5.43 11.35
N ALA B 761 8.84 -5.35 12.62
CA ALA B 761 9.51 -6.14 13.65
C ALA B 761 9.28 -7.62 13.46
N CYS B 762 8.14 -7.98 12.87
CA CYS B 762 7.80 -9.38 12.59
C CYS B 762 8.47 -9.87 11.31
N LEU B 763 8.67 -8.98 10.34
CA LEU B 763 9.19 -9.35 9.05
C LEU B 763 10.69 -9.61 9.16
N PRO B 764 11.26 -10.35 8.18
CA PRO B 764 12.67 -10.74 8.26
C PRO B 764 13.63 -9.57 8.49
N THR B 765 14.77 -9.88 9.11
CA THR B 765 15.86 -8.93 9.25
C THR B 765 16.46 -8.59 7.89
N GLN B 766 17.27 -7.53 7.87
CA GLN B 766 17.97 -7.14 6.65
C GLN B 766 18.96 -8.21 6.20
N LEU B 767 19.53 -8.97 7.14
CA LEU B 767 20.40 -10.08 6.77
C LEU B 767 19.60 -11.21 6.14
N GLN B 768 18.55 -11.65 6.84
CA GLN B 768 17.69 -12.71 6.32
C GLN B 768 17.11 -12.35 4.97
N ALA B 769 16.66 -11.11 4.79
CA ALA B 769 16.06 -10.72 3.53
C ALA B 769 17.07 -10.79 2.39
N ALA B 770 18.30 -10.32 2.63
CA ALA B 770 19.27 -10.27 1.55
C ALA B 770 19.75 -11.67 1.19
N LYS B 771 19.70 -12.62 2.13
CA LYS B 771 20.12 -13.98 1.86
C LYS B 771 19.08 -14.72 1.03
N VAL B 772 17.81 -14.67 1.47
CA VAL B 772 16.73 -15.35 0.74
C VAL B 772 16.56 -14.76 -0.65
N LEU B 773 16.58 -13.44 -0.77
CA LEU B 773 16.42 -12.83 -2.09
C LEU B 773 17.56 -13.25 -3.02
N THR B 774 18.76 -13.41 -2.48
CA THR B 774 19.87 -13.89 -3.29
C THR B 774 19.60 -15.30 -3.78
N VAL B 775 19.22 -16.19 -2.86
CA VAL B 775 19.01 -17.59 -3.20
C VAL B 775 17.83 -17.74 -4.16
N LEU B 776 16.74 -17.01 -3.92
CA LEU B 776 15.55 -17.23 -4.74
C LEU B 776 15.71 -16.72 -6.16
N ASP B 777 16.49 -15.66 -6.34
CA ASP B 777 16.75 -15.17 -7.69
C ASP B 777 17.53 -16.21 -8.48
N VAL B 778 18.45 -16.91 -7.81
CA VAL B 778 19.23 -17.96 -8.45
C VAL B 778 18.37 -19.19 -8.72
N LEU B 779 17.58 -19.64 -7.73
CA LEU B 779 16.77 -20.83 -7.97
C LEU B 779 15.74 -20.63 -9.08
N SER B 780 15.34 -19.38 -9.36
CA SER B 780 14.31 -19.09 -10.35
C SER B 780 14.87 -18.82 -11.73
N SER B 781 16.18 -18.87 -11.91
CA SER B 781 16.77 -18.53 -13.18
C SER B 781 17.05 -19.82 -13.98
N HIS B 782 16.57 -19.86 -15.22
CA HIS B 782 16.90 -20.95 -16.15
C HIS B 782 18.28 -20.70 -16.74
N SER B 783 19.21 -21.62 -16.51
CA SER B 783 20.50 -21.54 -17.20
C SER B 783 20.30 -21.56 -18.72
N PRO B 784 21.30 -21.10 -19.49
CA PRO B 784 21.11 -21.06 -20.95
C PRO B 784 21.07 -22.45 -21.57
N ASP B 785 21.68 -23.45 -20.93
CA ASP B 785 21.61 -24.81 -21.44
C ASP B 785 20.54 -25.63 -20.74
N GLU B 786 19.53 -24.98 -20.17
CA GLU B 786 18.37 -25.68 -19.62
C GLU B 786 17.73 -26.57 -20.68
N GLU B 787 17.43 -27.81 -20.30
CA GLU B 787 16.82 -28.77 -21.22
C GLU B 787 15.33 -28.85 -20.91
N TYR B 788 14.53 -28.32 -21.82
CA TYR B 788 13.09 -28.24 -21.61
C TYR B 788 12.37 -29.50 -22.06
N LEU B 789 11.41 -29.93 -21.23
CA LEU B 789 10.55 -31.08 -21.50
C LEU B 789 10.10 -31.10 -22.96
N GLY B 790 10.49 -32.15 -23.68
CA GLY B 790 9.98 -32.35 -25.03
C GLY B 790 10.50 -31.41 -26.08
N GLU B 791 11.62 -30.72 -25.85
CA GLU B 791 12.21 -29.91 -26.91
C GLU B 791 13.17 -30.75 -27.75
N HIS B 792 14.27 -31.19 -27.15
CA HIS B 792 15.23 -32.08 -27.79
C HIS B 792 15.06 -33.50 -27.26
N LEU B 793 15.35 -34.50 -28.11
CA LEU B 793 15.28 -35.88 -27.70
C LEU B 793 16.66 -36.39 -27.29
N GLU B 794 16.66 -37.54 -26.65
CA GLU B 794 17.88 -38.25 -26.30
C GLU B 794 18.44 -38.95 -27.54
N PRO B 795 19.76 -39.16 -27.61
CA PRO B 795 20.32 -39.95 -28.71
C PRO B 795 19.64 -41.29 -28.96
N ALA B 796 19.38 -42.08 -27.91
CA ALA B 796 18.78 -43.39 -28.15
C ALA B 796 17.35 -43.26 -28.63
N TRP B 797 16.67 -42.16 -28.28
CA TRP B 797 15.30 -41.94 -28.74
C TRP B 797 15.26 -41.64 -30.23
N GLY B 798 16.20 -40.83 -30.70
CA GLY B 798 16.25 -40.49 -32.11
C GLY B 798 16.76 -41.60 -32.98
N ALA B 799 17.31 -42.66 -32.38
CA ALA B 799 17.91 -43.75 -33.15
C ALA B 799 16.88 -44.77 -33.57
N ASP B 800 15.79 -44.87 -32.84
CA ASP B 800 14.74 -45.81 -33.15
C ASP B 800 13.57 -45.08 -33.81
N PRO B 801 13.18 -45.45 -35.03
CA PRO B 801 12.22 -44.61 -35.77
C PRO B 801 10.87 -44.43 -35.10
N LEU B 802 10.30 -45.48 -34.48
CA LEU B 802 9.00 -45.34 -33.84
C LEU B 802 9.08 -44.51 -32.55
N ILE B 803 10.20 -44.58 -31.82
CA ILE B 803 10.39 -43.74 -30.65
C ILE B 803 10.53 -42.28 -31.07
N LYS B 804 11.31 -42.02 -32.12
CA LYS B 804 11.43 -40.66 -32.63
C LYS B 804 10.07 -40.11 -33.03
N ALA B 805 9.30 -40.89 -33.77
CA ALA B 805 7.96 -40.44 -34.13
C ALA B 805 7.11 -40.12 -32.89
N ALA B 806 7.21 -40.96 -31.87
CA ALA B 806 6.43 -40.74 -30.65
C ALA B 806 6.91 -39.49 -29.94
N PHE B 807 8.22 -39.19 -30.02
CA PHE B 807 8.73 -37.98 -29.38
C PHE B 807 8.24 -36.73 -30.11
N GLU B 808 8.24 -36.79 -31.45
CA GLU B 808 7.73 -35.68 -32.26
C GLU B 808 6.28 -35.40 -31.95
N ARG B 809 5.47 -36.44 -31.71
CA ARG B 809 4.08 -36.19 -31.33
C ARG B 809 4.01 -35.55 -29.95
N PHE B 810 4.84 -36.03 -29.01
CA PHE B 810 4.95 -35.44 -27.68
C PHE B 810 5.32 -33.96 -27.77
N SER B 811 6.34 -33.66 -28.57
CA SER B 811 6.80 -32.28 -28.71
C SER B 811 5.70 -31.39 -29.27
N GLY B 812 4.97 -31.90 -30.27
CA GLY B 812 3.86 -31.13 -30.83
C GLY B 812 2.75 -30.90 -29.83
N ARG B 813 2.42 -31.93 -29.03
CA ARG B 813 1.38 -31.78 -28.02
C ARG B 813 1.74 -30.68 -27.03
N LEU B 814 3.03 -30.60 -26.67
CA LEU B 814 3.51 -29.59 -25.75
C LEU B 814 3.45 -28.20 -26.36
N LYS B 815 3.91 -28.05 -27.60
CA LYS B 815 3.78 -26.79 -28.32
C LYS B 815 2.31 -26.38 -28.43
N GLU B 816 1.42 -27.35 -28.65
CA GLU B 816 -0.01 -27.02 -28.62
C GLU B 816 -0.41 -26.49 -27.24
N ILE B 817 0.12 -27.07 -26.17
CA ILE B 817 -0.29 -26.70 -24.82
C ILE B 817 0.13 -25.27 -24.51
N GLU B 818 1.28 -24.87 -25.04
CA GLU B 818 1.72 -23.48 -24.96
C GLU B 818 0.62 -22.54 -25.46
N GLY B 819 0.02 -22.87 -26.60
CA GLY B 819 -1.01 -22.01 -27.15
C GLY B 819 -2.33 -22.14 -26.44
N ILE B 820 -2.59 -23.28 -25.82
CA ILE B 820 -3.76 -23.40 -24.95
C ILE B 820 -3.60 -22.52 -23.73
N ILE B 821 -2.43 -22.58 -23.07
CA ILE B 821 -2.22 -21.78 -21.87
C ILE B 821 -2.23 -20.29 -22.21
N ASP B 822 -1.58 -19.90 -23.30
CA ASP B 822 -1.55 -18.49 -23.68
C ASP B 822 -2.96 -17.94 -23.88
N ALA B 823 -3.85 -18.75 -24.43
CA ALA B 823 -5.25 -18.33 -24.56
C ALA B 823 -5.94 -18.27 -23.20
N ARG B 824 -5.66 -19.23 -22.31
CA ARG B 824 -6.24 -19.16 -20.98
C ARG B 824 -5.87 -17.86 -20.27
N ASN B 825 -4.61 -17.41 -20.41
CA ASN B 825 -4.23 -16.17 -19.73
C ASN B 825 -4.86 -14.94 -20.36
N GLU B 826 -5.55 -15.09 -21.48
CA GLU B 826 -6.30 -14.00 -22.09
C GLU B 826 -7.79 -14.13 -21.87
N ASP B 827 -8.23 -15.09 -21.05
CA ASP B 827 -9.64 -15.33 -20.79
C ASP B 827 -10.08 -14.55 -19.55
N LYS B 828 -10.85 -13.46 -19.75
CA LYS B 828 -11.27 -12.62 -18.64
C LYS B 828 -12.21 -13.35 -17.68
N ASN B 829 -12.79 -14.48 -18.10
CA ASN B 829 -13.61 -15.23 -17.15
C ASN B 829 -12.76 -16.06 -16.20
N LEU B 830 -11.47 -16.22 -16.49
CA LEU B 830 -10.57 -16.98 -15.63
C LEU B 830 -9.88 -15.98 -14.69
N LYS B 831 -10.67 -15.51 -13.72
CA LYS B 831 -10.18 -14.39 -12.93
C LYS B 831 -8.98 -14.76 -12.08
N ASN B 832 -8.65 -16.04 -11.96
CA ASN B 832 -7.52 -16.43 -11.14
C ASN B 832 -6.20 -16.38 -11.88
N ARG B 833 -6.22 -16.06 -13.18
CA ARG B 833 -5.02 -15.88 -13.98
C ARG B 833 -5.08 -14.64 -14.86
N HIS B 834 -6.22 -13.96 -14.94
CA HIS B 834 -6.40 -12.82 -15.82
C HIS B 834 -7.13 -11.71 -15.08
N GLY B 835 -6.57 -10.51 -15.10
CA GLY B 835 -7.19 -9.37 -14.44
C GLY B 835 -6.19 -8.27 -14.24
N ALA B 836 -6.70 -7.12 -13.74
CA ALA B 836 -5.88 -5.91 -13.62
C ALA B 836 -4.76 -6.11 -12.59
N GLY B 837 -3.53 -5.93 -13.04
CA GLY B 837 -2.37 -6.15 -12.20
C GLY B 837 -2.01 -7.61 -11.93
N VAL B 838 -2.72 -8.57 -12.52
CA VAL B 838 -2.55 -9.98 -12.20
C VAL B 838 -1.43 -10.59 -13.02
N VAL B 839 -0.54 -11.32 -12.36
CA VAL B 839 0.50 -12.10 -13.02
C VAL B 839 -0.15 -13.23 -13.82
N PRO B 840 0.05 -13.30 -15.13
CA PRO B 840 -0.38 -14.48 -15.88
C PRO B 840 0.21 -15.75 -15.29
N TYR B 841 -0.54 -16.85 -15.36
CA TYR B 841 0.01 -18.12 -14.92
C TYR B 841 0.76 -18.77 -16.08
N GLU B 842 2.09 -18.64 -16.09
CA GLU B 842 2.89 -19.22 -17.17
C GLU B 842 3.84 -20.30 -16.68
N LEU B 843 3.76 -20.69 -15.41
CA LEU B 843 4.79 -21.56 -14.86
C LEU B 843 4.81 -22.96 -15.49
N LEU B 844 3.73 -23.39 -16.12
CA LEU B 844 3.71 -24.71 -16.76
C LEU B 844 3.70 -24.64 -18.28
N LYS B 845 3.94 -23.47 -18.86
CA LYS B 845 4.31 -23.43 -20.27
C LYS B 845 5.65 -24.17 -20.44
N PRO B 846 5.76 -25.09 -21.41
CA PRO B 846 6.95 -25.98 -21.45
C PRO B 846 8.25 -25.30 -21.81
N PHE B 847 8.23 -24.27 -22.64
CA PHE B 847 9.44 -23.74 -23.26
C PHE B 847 9.72 -22.33 -22.77
N SER B 848 11.02 -21.98 -22.73
CA SER B 848 11.45 -20.69 -22.22
C SER B 848 12.85 -20.39 -22.74
N GLY B 849 13.22 -19.12 -22.69
CA GLY B 849 14.61 -18.72 -22.80
C GLY B 849 15.27 -18.64 -21.43
N ALA B 850 16.50 -18.13 -21.42
CA ALA B 850 17.25 -18.12 -20.18
C ALA B 850 16.76 -17.01 -19.25
N GLY B 851 17.16 -17.11 -17.98
CA GLY B 851 16.85 -16.10 -16.98
C GLY B 851 15.62 -16.42 -16.17
N VAL B 852 15.19 -15.40 -15.41
CA VAL B 852 14.02 -15.52 -14.52
C VAL B 852 12.81 -15.12 -15.34
N THR B 853 12.29 -16.06 -16.11
CA THR B 853 11.18 -15.82 -17.04
C THR B 853 9.84 -16.17 -16.45
N GLY B 854 9.82 -16.93 -15.36
CA GLY B 854 8.58 -17.43 -14.80
C GLY B 854 7.81 -18.37 -15.70
N LYS B 855 8.50 -19.16 -16.53
CA LYS B 855 7.85 -20.10 -17.44
C LYS B 855 8.90 -21.11 -17.90
N GLY B 856 8.44 -22.21 -18.49
CA GLY B 856 9.42 -23.20 -18.93
C GLY B 856 9.58 -24.36 -17.95
N VAL B 857 9.48 -25.58 -18.46
CA VAL B 857 9.46 -26.78 -17.63
C VAL B 857 10.62 -27.68 -18.03
N PRO B 858 11.68 -27.76 -17.22
CA PRO B 858 12.78 -28.67 -17.55
C PRO B 858 12.36 -30.13 -17.42
N TYR B 859 13.12 -31.02 -18.10
CA TYR B 859 12.97 -32.46 -17.88
C TYR B 859 13.13 -32.81 -16.40
N SER B 860 14.14 -32.22 -15.75
CA SER B 860 14.59 -32.66 -14.44
C SER B 860 14.49 -31.54 -13.41
N ILE B 861 14.71 -31.96 -12.17
CA ILE B 861 15.06 -31.08 -11.06
C ILE B 861 16.46 -30.56 -11.29
N SER B 862 16.59 -29.38 -11.89
CA SER B 862 17.87 -28.87 -12.33
C SER B 862 18.43 -27.76 -11.45
N ILE B 863 17.68 -27.31 -10.45
CA ILE B 863 18.06 -26.17 -9.64
C ILE B 863 17.27 -26.19 -8.35
FE FE C . -10.71 28.84 6.29
FE FE D . 14.40 -26.99 -6.93
#